data_4GCL
#
_entry.id   4GCL
#
_cell.length_a   70.290
_cell.length_b   160.520
_cell.length_c   201.100
_cell.angle_alpha   90.00
_cell.angle_beta   90.00
_cell.angle_gamma   90.00
#
_symmetry.space_group_name_H-M   'P 21 21 21'
#
loop_
_entity.id
_entity.type
_entity.pdbx_description
1 polymer 'Nucleoid occlusion factor SlmA'
2 polymer "DNA (5'-D(*AP*GP*TP*GP*AP*GP*TP*AP*CP*TP*CP*AP*CP*T)-3')"
3 non-polymer '2-(N-MORPHOLINO)-ETHANESULFONIC ACID'
4 water water
#
loop_
_entity_poly.entity_id
_entity_poly.type
_entity_poly.pdbx_seq_one_letter_code
_entity_poly.pdbx_strand_id
1 'polypeptide(L)'
;MPPGKCLFSGVFCNMAEKQTAKRNRREEILQSLALMLESSDGSQRITTAKLAASVGVSEAALYRHFPSKTRMFDSLIEFI
EDSLITRINLILKDEKDTTARLRLIVLLLLGFGERNPGLTRILTGHALMFEQDRLQGRINQLFERIEAQLRQVLREKRMR
EGEGYATDETLLASQILAFCEGMLSRFVRSEFKYRPTDDFDARWPLIAAQLQ
;
A,B,C,D,E,F,G,H
2 'polydeoxyribonucleotide' (DA)(DG)(DT)(DG)(DA)(DG)(DT)(DA)(DC)(DT)(DC)(DA)(DC)(DT) W,Z,R,T
#
loop_
_chem_comp.id
_chem_comp.type
_chem_comp.name
_chem_comp.formula
DA DNA linking 2'-DEOXYADENOSINE-5'-MONOPHOSPHATE 'C10 H14 N5 O6 P'
DC DNA linking 2'-DEOXYCYTIDINE-5'-MONOPHOSPHATE 'C9 H14 N3 O7 P'
DG DNA linking 2'-DEOXYGUANOSINE-5'-MONOPHOSPHATE 'C10 H14 N5 O7 P'
DT DNA linking THYMIDINE-5'-MONOPHOSPHATE 'C10 H15 N2 O8 P'
MES non-polymer '2-(N-MORPHOLINO)-ETHANESULFONIC ACID' 'C6 H13 N O4 S'
#
# COMPACT_ATOMS: atom_id res chain seq x y z
N ARG A 23 27.62 -14.41 12.10
CA ARG A 23 28.21 -14.93 13.38
C ARG A 23 27.26 -14.74 14.57
N ASN A 24 27.46 -13.63 15.30
CA ASN A 24 26.64 -13.26 16.45
C ASN A 24 25.17 -13.31 16.04
N ARG A 25 24.90 -13.11 14.74
CA ARG A 25 23.53 -13.09 14.20
C ARG A 25 23.14 -14.31 13.41
N ARG A 26 24.08 -14.94 12.70
CA ARG A 26 23.75 -16.14 11.92
C ARG A 26 23.32 -17.26 12.88
N GLU A 27 24.20 -17.62 13.81
CA GLU A 27 23.87 -18.65 14.75
C GLU A 27 22.66 -18.22 15.62
N GLU A 28 22.60 -16.95 15.95
CA GLU A 28 21.51 -16.45 16.78
C GLU A 28 20.16 -16.75 16.11
N ILE A 29 20.11 -16.63 14.78
CA ILE A 29 18.89 -16.92 14.04
C ILE A 29 18.66 -18.43 14.11
N LEU A 30 19.62 -19.23 13.62
CA LEU A 30 19.50 -20.68 13.67
C LEU A 30 19.01 -21.22 15.03
N GLN A 31 19.56 -20.67 16.11
CA GLN A 31 19.15 -21.11 17.43
C GLN A 31 17.69 -20.81 17.65
N SER A 32 17.24 -19.62 17.25
CA SER A 32 15.83 -19.26 17.41
C SER A 32 14.96 -20.17 16.51
N LEU A 33 15.55 -20.63 15.41
CA LEU A 33 14.82 -21.50 14.47
C LEU A 33 14.57 -22.87 15.11
N ALA A 34 15.58 -23.44 15.76
CA ALA A 34 15.43 -24.73 16.41
C ALA A 34 14.50 -24.62 17.59
N LEU A 35 14.55 -23.51 18.31
CA LEU A 35 13.71 -23.31 19.48
C LEU A 35 12.25 -23.32 19.08
N MET A 36 11.97 -22.77 17.91
CA MET A 36 10.60 -22.75 17.41
C MET A 36 10.22 -24.14 16.92
N LEU A 37 11.21 -24.90 16.50
CA LEU A 37 10.98 -26.26 16.06
C LEU A 37 10.69 -27.15 17.27
N GLU A 38 11.22 -26.75 18.40
CA GLU A 38 11.04 -27.48 19.64
C GLU A 38 9.69 -27.12 20.28
N SER A 39 9.27 -25.86 20.09
CA SER A 39 8.03 -25.36 20.66
C SER A 39 6.83 -25.96 19.97
N SER A 40 5.64 -25.52 20.37
CA SER A 40 4.39 -25.99 19.80
C SER A 40 4.19 -25.49 18.36
N ASP A 41 4.94 -24.45 18.00
CA ASP A 41 4.87 -23.88 16.69
C ASP A 41 5.50 -24.86 15.72
N GLY A 42 6.44 -25.65 16.22
CA GLY A 42 7.10 -26.63 15.39
C GLY A 42 6.16 -27.51 14.60
N SER A 43 4.87 -27.56 14.96
CA SER A 43 3.93 -28.40 14.21
C SER A 43 3.28 -27.59 13.08
N GLN A 44 3.62 -26.29 13.04
CA GLN A 44 3.14 -25.34 12.04
C GLN A 44 4.32 -24.67 11.29
N ARG A 45 4.15 -24.41 10.00
CA ARG A 45 5.24 -23.82 9.23
C ARG A 45 5.88 -22.64 9.92
N ILE A 46 7.20 -22.56 9.86
CA ILE A 46 7.89 -21.46 10.52
C ILE A 46 8.04 -20.32 9.53
N THR A 47 7.03 -19.47 9.44
CA THR A 47 7.07 -18.33 8.53
C THR A 47 8.19 -17.36 8.92
N THR A 48 8.79 -16.72 7.93
CA THR A 48 9.84 -15.76 8.17
C THR A 48 9.28 -14.66 9.09
N ALA A 49 7.98 -14.40 8.97
CA ALA A 49 7.38 -13.36 9.81
C ALA A 49 7.49 -13.66 11.32
N LYS A 50 7.20 -14.90 11.70
CA LYS A 50 7.30 -15.33 13.08
C LYS A 50 8.77 -15.51 13.50
N LEU A 51 9.56 -16.10 12.63
CA LEU A 51 10.96 -16.33 12.93
C LEU A 51 11.63 -15.03 13.23
N ALA A 52 11.23 -13.99 12.51
CA ALA A 52 11.83 -12.68 12.71
C ALA A 52 11.43 -12.16 14.08
N ALA A 53 10.16 -12.36 14.42
CA ALA A 53 9.64 -11.91 15.69
C ALA A 53 10.41 -12.58 16.82
N SER A 54 10.47 -13.91 16.77
CA SER A 54 11.19 -14.70 17.77
C SER A 54 12.63 -14.23 18.00
N VAL A 55 13.27 -13.69 16.96
CA VAL A 55 14.64 -13.19 17.06
C VAL A 55 14.65 -11.73 17.56
N GLY A 56 13.53 -11.04 17.34
CA GLY A 56 13.42 -9.66 17.76
C GLY A 56 13.99 -8.66 16.76
N VAL A 57 13.88 -9.00 15.48
CA VAL A 57 14.35 -8.13 14.40
C VAL A 57 13.28 -8.12 13.29
N SER A 58 13.60 -7.47 12.17
CA SER A 58 12.70 -7.39 11.04
C SER A 58 13.02 -8.54 10.11
N GLU A 59 12.02 -8.96 9.34
CA GLU A 59 12.20 -10.06 8.40
C GLU A 59 13.39 -9.81 7.48
N ALA A 60 13.43 -8.62 6.91
CA ALA A 60 14.54 -8.28 6.03
C ALA A 60 15.86 -8.67 6.65
N ALA A 61 16.04 -8.34 7.93
CA ALA A 61 17.31 -8.63 8.61
C ALA A 61 17.76 -10.08 8.42
N LEU A 62 16.80 -10.99 8.38
CA LEU A 62 17.07 -12.41 8.17
C LEU A 62 17.86 -12.62 6.88
N TYR A 63 17.44 -11.97 5.81
CA TYR A 63 18.14 -12.16 4.58
C TYR A 63 19.46 -11.45 4.52
N ARG A 64 19.91 -10.93 5.65
CA ARG A 64 21.18 -10.27 5.66
C ARG A 64 22.27 -11.29 5.92
N HIS A 65 21.87 -12.46 6.44
CA HIS A 65 22.83 -13.49 6.74
C HIS A 65 22.42 -14.80 6.08
N PHE A 66 21.24 -14.79 5.46
CA PHE A 66 20.73 -15.98 4.78
C PHE A 66 20.02 -15.63 3.47
N PRO A 67 20.41 -16.32 2.40
CA PRO A 67 19.79 -16.07 1.10
C PRO A 67 18.33 -16.50 1.06
N SER A 68 18.08 -17.74 1.48
CA SER A 68 16.74 -18.32 1.48
C SER A 68 16.48 -19.07 2.75
N LYS A 69 15.23 -19.09 3.20
CA LYS A 69 14.92 -19.81 4.42
C LYS A 69 15.42 -21.26 4.27
N THR A 70 15.34 -21.81 3.05
CA THR A 70 15.82 -23.15 2.76
C THR A 70 17.27 -23.30 3.23
N ARG A 71 18.06 -22.25 3.04
CA ARG A 71 19.44 -22.29 3.49
C ARG A 71 19.55 -22.41 5.00
N MET A 72 18.61 -21.83 5.73
CA MET A 72 18.65 -21.95 7.20
C MET A 72 18.47 -23.42 7.55
N PHE A 73 17.57 -24.12 6.87
CA PHE A 73 17.40 -25.54 7.16
C PHE A 73 18.61 -26.34 6.74
N ASP A 74 19.31 -25.87 5.71
CA ASP A 74 20.51 -26.58 5.29
C ASP A 74 21.57 -26.58 6.40
N SER A 75 21.81 -25.42 7.00
CA SER A 75 22.81 -25.30 8.07
C SER A 75 22.45 -26.26 9.19
N LEU A 76 21.17 -26.29 9.54
CA LEU A 76 20.68 -27.16 10.58
C LEU A 76 20.90 -28.59 10.16
N ILE A 77 20.76 -28.89 8.87
CA ILE A 77 20.96 -30.27 8.45
C ILE A 77 22.42 -30.60 8.48
N GLU A 78 23.27 -29.69 8.03
CA GLU A 78 24.69 -29.96 8.08
C GLU A 78 25.13 -30.22 9.52
N PHE A 79 24.64 -29.40 10.46
CA PHE A 79 24.97 -29.56 11.88
C PHE A 79 24.66 -30.98 12.36
N ILE A 80 23.47 -31.48 12.03
CA ILE A 80 23.01 -32.83 12.38
C ILE A 80 23.94 -33.86 11.72
N GLU A 81 24.19 -33.67 10.44
CA GLU A 81 25.06 -34.58 9.70
C GLU A 81 26.45 -34.67 10.32
N ASP A 82 27.02 -33.51 10.65
CA ASP A 82 28.35 -33.50 11.26
C ASP A 82 28.31 -34.12 12.67
N SER A 83 27.58 -33.50 13.58
CA SER A 83 27.44 -34.02 14.95
C SER A 83 27.20 -35.53 14.95
N LEU A 84 26.47 -36.06 13.98
CA LEU A 84 26.24 -37.49 14.02
C LEU A 84 27.38 -38.27 13.40
N ILE A 85 27.64 -38.04 12.12
CA ILE A 85 28.71 -38.77 11.43
C ILE A 85 30.02 -38.71 12.19
N THR A 86 30.29 -37.59 12.85
CA THR A 86 31.51 -37.43 13.62
C THR A 86 31.57 -38.40 14.78
N ARG A 87 30.74 -38.15 15.78
CA ARG A 87 30.72 -39.01 16.95
C ARG A 87 30.64 -40.50 16.59
N ILE A 88 29.95 -40.84 15.50
CA ILE A 88 29.84 -42.24 15.08
C ILE A 88 31.24 -42.79 14.79
N ASN A 89 32.00 -42.13 13.92
CA ASN A 89 33.37 -42.57 13.62
C ASN A 89 34.24 -42.70 14.87
N LEU A 90 34.21 -41.68 15.75
CA LEU A 90 34.95 -41.74 17.00
C LEU A 90 34.57 -43.02 17.76
N ILE A 91 33.29 -43.39 17.77
CA ILE A 91 32.89 -44.60 18.45
C ILE A 91 33.61 -45.81 17.85
N LEU A 92 33.73 -45.84 16.53
CA LEU A 92 34.38 -46.95 15.84
C LEU A 92 35.90 -46.97 16.05
N LYS A 93 36.45 -45.79 16.28
CA LYS A 93 37.88 -45.62 16.53
C LYS A 93 38.25 -46.01 17.96
N ASP A 94 37.49 -45.53 18.94
CA ASP A 94 37.76 -45.82 20.35
C ASP A 94 37.31 -47.22 20.78
N GLU A 95 36.04 -47.53 20.58
CA GLU A 95 35.53 -48.83 20.96
C GLU A 95 35.76 -49.83 19.83
N LYS A 96 35.97 -51.09 20.20
CA LYS A 96 36.21 -52.11 19.20
C LYS A 96 35.29 -53.32 19.38
N ASP A 97 34.50 -53.33 20.46
CA ASP A 97 33.56 -54.43 20.68
C ASP A 97 32.29 -54.22 19.81
N THR A 98 32.02 -55.17 18.91
CA THR A 98 30.84 -55.10 18.02
C THR A 98 29.57 -54.68 18.76
N THR A 99 29.04 -55.57 19.58
CA THR A 99 27.84 -55.30 20.37
C THR A 99 27.92 -53.97 21.12
N ALA A 100 29.13 -53.59 21.52
CA ALA A 100 29.34 -52.32 22.24
C ALA A 100 29.25 -51.16 21.26
N ARG A 101 29.68 -51.41 20.03
CA ARG A 101 29.67 -50.40 18.98
C ARG A 101 28.25 -50.05 18.60
N LEU A 102 27.46 -51.09 18.34
CA LEU A 102 26.06 -50.92 17.99
C LEU A 102 25.32 -50.21 19.12
N ARG A 103 25.62 -50.59 20.34
CA ARG A 103 24.98 -50.01 21.51
C ARG A 103 25.17 -48.51 21.55
N LEU A 104 26.43 -48.09 21.54
CA LEU A 104 26.79 -46.67 21.57
C LEU A 104 26.23 -45.87 20.40
N ILE A 105 26.16 -46.47 19.22
CA ILE A 105 25.62 -45.80 18.04
C ILE A 105 24.14 -45.54 18.26
N VAL A 106 23.41 -46.53 18.76
CA VAL A 106 22.01 -46.33 19.04
C VAL A 106 21.79 -45.25 20.12
N LEU A 107 22.54 -45.35 21.22
CA LEU A 107 22.39 -44.38 22.28
C LEU A 107 22.61 -42.97 21.74
N LEU A 108 23.62 -42.81 20.88
CA LEU A 108 23.94 -41.50 20.30
C LEU A 108 22.76 -40.95 19.54
N LEU A 109 22.19 -41.76 18.65
CA LEU A 109 21.03 -41.31 17.90
C LEU A 109 19.97 -40.81 18.85
N LEU A 110 19.52 -41.67 19.76
CA LEU A 110 18.48 -41.27 20.71
C LEU A 110 18.88 -40.04 21.52
N GLY A 111 20.08 -40.05 22.05
CA GLY A 111 20.57 -38.95 22.87
C GLY A 111 20.49 -37.61 22.19
N PHE A 112 21.06 -37.54 20.98
CA PHE A 112 21.09 -36.33 20.17
C PHE A 112 19.63 -35.87 19.98
N GLY A 113 18.79 -36.85 19.65
CA GLY A 113 17.38 -36.56 19.44
C GLY A 113 16.80 -35.89 20.67
N GLU A 114 16.94 -36.51 21.83
CA GLU A 114 16.38 -35.94 23.04
C GLU A 114 16.94 -34.54 23.34
N ARG A 115 18.22 -34.37 23.05
CA ARG A 115 18.89 -33.10 23.31
C ARG A 115 18.54 -31.97 22.34
N ASN A 116 18.06 -32.35 21.17
CA ASN A 116 17.72 -31.38 20.15
C ASN A 116 16.32 -31.62 19.62
N PRO A 117 15.29 -31.37 20.45
CA PRO A 117 13.89 -31.55 20.08
C PRO A 117 13.58 -30.97 18.71
N GLY A 118 13.89 -29.70 18.50
CA GLY A 118 13.65 -29.06 17.23
C GLY A 118 14.31 -29.76 16.06
N LEU A 119 15.60 -30.07 16.17
CA LEU A 119 16.31 -30.74 15.08
C LEU A 119 15.80 -32.14 14.79
N THR A 120 15.19 -32.78 15.79
CA THR A 120 14.65 -34.11 15.60
C THR A 120 13.43 -34.03 14.69
N ARG A 121 12.68 -32.95 14.83
CA ARG A 121 11.49 -32.72 14.02
C ARG A 121 11.89 -32.68 12.52
N ILE A 122 13.19 -32.49 12.24
CA ILE A 122 13.73 -32.46 10.88
C ILE A 122 14.17 -33.86 10.50
N LEU A 123 14.81 -34.58 11.42
CA LEU A 123 15.25 -35.95 11.18
C LEU A 123 14.07 -36.81 10.76
N THR A 124 12.91 -36.55 11.33
CA THR A 124 11.73 -37.33 11.03
C THR A 124 11.11 -36.92 9.71
N GLY A 125 11.42 -35.69 9.30
CA GLY A 125 10.91 -35.17 8.05
C GLY A 125 9.70 -34.27 8.12
N HIS A 126 9.15 -34.12 9.33
CA HIS A 126 7.98 -33.26 9.51
C HIS A 126 8.29 -31.82 9.25
N ALA A 127 9.29 -31.29 9.92
CA ALA A 127 9.63 -29.89 9.75
C ALA A 127 9.97 -29.57 8.28
N LEU A 128 10.32 -30.60 7.51
CA LEU A 128 10.70 -30.40 6.13
C LEU A 128 9.49 -30.45 5.17
N MET A 129 8.31 -30.68 5.71
CA MET A 129 7.14 -30.76 4.87
C MET A 129 6.82 -29.43 4.21
N PHE A 130 7.21 -28.34 4.87
CA PHE A 130 6.92 -27.01 4.31
C PHE A 130 8.07 -26.49 3.46
N GLU A 131 9.22 -27.13 3.56
CA GLU A 131 10.37 -26.68 2.83
C GLU A 131 10.67 -27.56 1.62
N GLN A 132 11.71 -27.17 0.88
CA GLN A 132 12.15 -27.89 -0.30
C GLN A 132 12.22 -29.40 -0.18
N ASP A 133 11.81 -30.08 -1.25
CA ASP A 133 11.83 -31.53 -1.26
C ASP A 133 13.28 -32.04 -1.27
N ARG A 134 14.19 -31.13 -1.62
CA ARG A 134 15.59 -31.48 -1.68
C ARG A 134 16.11 -31.84 -0.30
N LEU A 135 15.65 -31.10 0.71
CA LEU A 135 16.09 -31.32 2.08
C LEU A 135 15.84 -32.74 2.56
N GLN A 136 14.64 -33.25 2.27
CA GLN A 136 14.30 -34.60 2.69
C GLN A 136 15.38 -35.53 2.17
N GLY A 137 15.84 -35.26 0.95
CA GLY A 137 16.89 -36.06 0.37
C GLY A 137 18.17 -36.00 1.20
N ARG A 138 18.48 -34.80 1.68
CA ARG A 138 19.68 -34.61 2.49
C ARG A 138 19.50 -35.43 3.78
N ILE A 139 18.27 -35.51 4.30
CA ILE A 139 18.01 -36.29 5.50
C ILE A 139 17.99 -37.78 5.16
N ASN A 140 17.56 -38.11 3.94
CA ASN A 140 17.49 -39.50 3.53
C ASN A 140 18.88 -40.07 3.37
N GLN A 141 19.78 -39.26 2.82
CA GLN A 141 21.18 -39.68 2.62
C GLN A 141 21.87 -39.89 3.96
N LEU A 142 21.58 -39.05 4.95
CA LEU A 142 22.18 -39.21 6.26
C LEU A 142 21.79 -40.56 6.81
N PHE A 143 20.50 -40.88 6.79
CA PHE A 143 20.09 -42.18 7.29
C PHE A 143 20.80 -43.28 6.52
N GLU A 144 21.03 -43.05 5.23
CA GLU A 144 21.72 -44.04 4.41
C GLU A 144 23.14 -44.24 4.88
N ARG A 145 23.79 -43.13 5.19
CA ARG A 145 25.15 -43.18 5.67
C ARG A 145 25.17 -43.94 7.02
N ILE A 146 24.25 -43.58 7.92
CA ILE A 146 24.19 -44.22 9.22
C ILE A 146 23.98 -45.73 9.08
N GLU A 147 23.04 -46.13 8.23
CA GLU A 147 22.76 -47.56 8.06
C GLU A 147 24.00 -48.23 7.47
N ALA A 148 24.77 -47.45 6.73
CA ALA A 148 25.97 -47.95 6.12
C ALA A 148 26.93 -48.39 7.21
N GLN A 149 27.23 -47.48 8.13
CA GLN A 149 28.14 -47.78 9.21
C GLN A 149 27.68 -49.05 9.92
N LEU A 150 26.38 -49.13 10.18
CA LEU A 150 25.81 -50.30 10.84
C LEU A 150 26.11 -51.58 10.05
N ARG A 151 25.77 -51.57 8.76
CA ARG A 151 25.99 -52.72 7.89
C ARG A 151 27.45 -53.17 7.94
N GLN A 152 28.34 -52.23 8.26
CA GLN A 152 29.76 -52.50 8.33
C GLN A 152 30.10 -53.28 9.57
N VAL A 153 29.63 -52.78 10.72
CA VAL A 153 29.92 -53.44 11.99
C VAL A 153 29.32 -54.86 12.02
N LEU A 154 28.14 -55.03 11.44
CA LEU A 154 27.46 -56.31 11.40
C LEU A 154 28.19 -57.37 10.56
N ARG A 155 28.79 -56.95 9.46
CA ARG A 155 29.54 -57.89 8.63
C ARG A 155 30.91 -58.22 9.24
N GLU A 156 31.53 -57.25 9.90
CA GLU A 156 32.82 -57.48 10.51
C GLU A 156 32.76 -58.47 11.65
N LYS A 157 31.57 -58.94 11.98
CA LYS A 157 31.42 -59.91 13.06
C LYS A 157 32.23 -61.19 12.76
N ARG A 158 32.11 -61.70 11.54
CA ARG A 158 32.84 -62.91 11.20
C ARG A 158 34.33 -62.55 11.09
N MET A 159 34.59 -61.32 10.66
CA MET A 159 35.95 -60.82 10.52
C MET A 159 36.73 -60.86 11.85
N ARG A 160 36.03 -60.69 12.98
CA ARG A 160 36.71 -60.70 14.27
C ARG A 160 36.30 -61.85 15.18
N GLU A 161 34.99 -62.04 15.35
CA GLU A 161 34.48 -63.11 16.21
C GLU A 161 34.39 -64.45 15.53
N GLY A 162 34.68 -64.48 14.23
CA GLY A 162 34.65 -65.73 13.49
C GLY A 162 33.29 -66.40 13.38
N GLU A 163 32.24 -65.67 13.72
CA GLU A 163 30.89 -66.22 13.63
C GLU A 163 30.00 -65.24 12.85
N GLY A 164 28.86 -65.72 12.35
CA GLY A 164 27.97 -64.86 11.60
C GLY A 164 26.57 -64.81 12.17
N TYR A 165 25.93 -63.65 12.03
CA TYR A 165 24.57 -63.48 12.54
C TYR A 165 23.59 -64.38 11.80
N ALA A 166 22.67 -64.99 12.55
CA ALA A 166 21.66 -65.89 12.01
C ALA A 166 20.60 -65.09 11.26
N THR A 167 21.03 -63.98 10.68
CA THR A 167 20.15 -63.10 9.94
C THR A 167 20.94 -62.29 8.91
N ASP A 168 20.21 -61.67 7.99
CA ASP A 168 20.80 -60.86 6.95
C ASP A 168 21.35 -59.55 7.53
N GLU A 169 22.65 -59.33 7.38
CA GLU A 169 23.28 -58.11 7.89
C GLU A 169 22.50 -56.85 7.48
N THR A 170 22.01 -56.83 6.24
CA THR A 170 21.26 -55.68 5.75
C THR A 170 19.93 -55.58 6.51
N LEU A 171 19.35 -56.74 6.81
CA LEU A 171 18.09 -56.78 7.54
C LEU A 171 18.30 -56.37 8.99
N LEU A 172 19.48 -56.65 9.50
CA LEU A 172 19.80 -56.34 10.88
C LEU A 172 19.92 -54.83 11.12
N ALA A 173 20.71 -54.14 10.30
CA ALA A 173 20.88 -52.69 10.44
C ALA A 173 19.54 -51.98 10.22
N SER A 174 18.81 -52.39 9.19
CA SER A 174 17.52 -51.76 8.91
C SER A 174 16.63 -51.92 10.13
N GLN A 175 16.63 -53.13 10.71
CA GLN A 175 15.86 -53.45 11.90
C GLN A 175 16.27 -52.55 13.07
N ILE A 176 17.57 -52.28 13.22
CA ILE A 176 18.03 -51.45 14.31
C ILE A 176 17.66 -50.00 14.04
N LEU A 177 17.78 -49.60 12.78
CA LEU A 177 17.50 -48.23 12.41
C LEU A 177 16.03 -47.97 12.59
N ALA A 178 15.24 -48.93 12.11
CA ALA A 178 13.81 -48.85 12.21
C ALA A 178 13.38 -48.48 13.60
N PHE A 179 14.04 -49.11 14.58
CA PHE A 179 13.76 -48.91 15.99
C PHE A 179 14.01 -47.50 16.37
N CYS A 180 15.21 -47.04 16.05
CA CYS A 180 15.60 -45.69 16.37
C CYS A 180 14.64 -44.69 15.73
N GLU A 181 14.35 -44.86 14.45
CA GLU A 181 13.45 -43.92 13.81
C GLU A 181 12.10 -43.91 14.48
N GLY A 182 11.65 -45.07 14.92
CA GLY A 182 10.36 -45.16 15.58
C GLY A 182 10.33 -44.36 16.87
N MET A 183 11.39 -44.49 17.67
CA MET A 183 11.49 -43.77 18.92
C MET A 183 11.47 -42.24 18.74
N LEU A 184 12.21 -41.75 17.74
CA LEU A 184 12.25 -40.32 17.45
C LEU A 184 10.90 -39.88 16.90
N SER A 185 10.25 -40.80 16.19
CA SER A 185 8.94 -40.52 15.62
C SER A 185 7.91 -40.29 16.73
N ARG A 186 7.85 -41.22 17.68
CA ARG A 186 6.96 -41.09 18.81
C ARG A 186 7.32 -39.85 19.63
N PHE A 187 8.62 -39.57 19.72
CA PHE A 187 9.10 -38.41 20.47
C PHE A 187 8.39 -37.12 19.98
N VAL A 188 8.29 -36.99 18.65
CA VAL A 188 7.65 -35.84 18.03
C VAL A 188 6.14 -35.84 18.26
N ARG A 189 5.48 -36.95 17.91
CA ARG A 189 4.03 -37.09 18.08
C ARG A 189 3.58 -36.66 19.45
N SER A 190 4.28 -37.14 20.47
CA SER A 190 3.94 -36.86 21.83
C SER A 190 4.29 -35.46 22.30
N GLU A 191 4.56 -34.54 21.37
CA GLU A 191 4.94 -33.17 21.76
C GLU A 191 6.16 -33.19 22.70
N PHE A 192 7.03 -34.18 22.47
CA PHE A 192 8.27 -34.33 23.25
C PHE A 192 8.11 -34.86 24.66
N LYS A 193 7.04 -35.61 24.91
CA LYS A 193 6.78 -36.17 26.23
C LYS A 193 7.45 -37.52 26.37
N TYR A 194 7.50 -38.29 25.29
CA TYR A 194 8.12 -39.61 25.32
C TYR A 194 9.60 -39.49 24.96
N ARG A 195 10.43 -39.19 25.97
CA ARG A 195 11.87 -39.07 25.73
C ARG A 195 12.45 -40.36 25.20
N PRO A 196 13.28 -40.28 24.15
CA PRO A 196 13.93 -41.42 23.50
C PRO A 196 14.76 -42.31 24.38
N THR A 197 15.65 -41.71 25.18
CA THR A 197 16.57 -42.42 26.06
C THR A 197 15.94 -43.05 27.29
N ASP A 198 14.73 -42.62 27.62
CA ASP A 198 14.08 -43.18 28.79
C ASP A 198 13.91 -44.69 28.64
N ASP A 199 14.43 -45.43 29.61
CA ASP A 199 14.37 -46.89 29.63
C ASP A 199 15.30 -47.54 28.64
N PHE A 200 16.32 -46.82 28.20
CA PHE A 200 17.24 -47.40 27.24
C PHE A 200 17.98 -48.57 27.85
N ASP A 201 18.60 -48.34 29.00
CA ASP A 201 19.36 -49.39 29.65
C ASP A 201 18.56 -50.68 29.78
N ALA A 202 17.25 -50.58 29.94
CA ALA A 202 16.42 -51.78 30.02
C ALA A 202 15.88 -52.22 28.62
N ARG A 203 16.09 -51.38 27.62
CA ARG A 203 15.66 -51.66 26.26
C ARG A 203 16.74 -52.43 25.47
N TRP A 204 17.97 -51.94 25.51
CA TRP A 204 19.06 -52.58 24.77
C TRP A 204 19.03 -54.10 24.70
N PRO A 205 18.83 -54.77 25.85
CA PRO A 205 18.78 -56.23 25.82
C PRO A 205 17.85 -56.75 24.73
N LEU A 206 16.78 -56.00 24.48
CA LEU A 206 15.82 -56.38 23.47
C LEU A 206 16.45 -56.26 22.11
N ILE A 207 17.40 -55.34 21.97
CA ILE A 207 18.08 -55.17 20.68
C ILE A 207 19.14 -56.27 20.52
N ALA A 208 20.01 -56.38 21.52
CA ALA A 208 21.05 -57.42 21.53
C ALA A 208 20.45 -58.78 21.17
N ALA A 209 19.34 -59.12 21.81
CA ALA A 209 18.66 -60.37 21.55
C ALA A 209 18.43 -60.57 20.06
N GLN A 210 18.52 -59.49 19.29
CA GLN A 210 18.28 -59.62 17.87
C GLN A 210 19.53 -60.01 17.12
N LEU A 211 20.67 -59.77 17.74
CA LEU A 211 21.96 -60.10 17.16
C LEU A 211 22.25 -61.60 17.28
N GLN A 212 21.30 -62.43 16.85
CA GLN A 212 21.43 -63.89 16.92
C GLN A 212 22.70 -64.33 16.21
N ALA B 16 -31.39 -43.01 -1.45
CA ALA B 16 -31.16 -42.42 -2.79
C ALA B 16 -30.43 -41.09 -2.62
N GLU B 17 -31.15 -40.04 -2.22
CA GLU B 17 -30.57 -38.71 -2.03
C GLU B 17 -29.40 -38.71 -1.04
N LYS B 18 -29.62 -39.34 0.12
CA LYS B 18 -28.60 -39.48 1.17
C LYS B 18 -27.44 -40.39 0.68
N GLN B 19 -27.80 -41.57 0.16
CA GLN B 19 -26.83 -42.53 -0.37
C GLN B 19 -26.06 -41.94 -1.56
N ALA B 21 -26.64 -40.91 -2.18
CA ALA B 21 -26.02 -40.21 -3.33
C ALA B 21 -25.00 -39.17 -2.81
N LYS B 22 -25.36 -38.48 -1.73
CA LYS B 22 -24.48 -37.48 -1.14
C LYS B 22 -23.29 -38.21 -0.48
N ARG B 23 -23.55 -39.42 0.00
CA ARG B 23 -22.52 -40.24 0.62
C ARG B 23 -21.65 -40.85 -0.48
N ASN B 24 -22.22 -40.97 -1.67
CA ASN B 24 -21.50 -41.51 -2.80
C ASN B 24 -20.47 -40.47 -3.25
N ARG B 25 -20.79 -39.21 -3.00
CA ARG B 25 -19.91 -38.09 -3.36
C ARG B 25 -19.03 -37.70 -2.17
N ARG B 26 -19.63 -37.66 -0.98
CA ARG B 26 -18.90 -37.33 0.23
C ARG B 26 -17.73 -38.30 0.33
N GLU B 27 -17.98 -39.56 0.02
CA GLU B 27 -16.93 -40.57 0.07
C GLU B 27 -16.15 -40.52 -1.22
N GLU B 28 -16.70 -39.88 -2.24
CA GLU B 28 -16.01 -39.78 -3.52
C GLU B 28 -14.82 -38.84 -3.38
N ILE B 29 -15.02 -37.77 -2.60
CA ILE B 29 -13.98 -36.80 -2.32
C ILE B 29 -12.78 -37.48 -1.65
N LEU B 30 -13.07 -38.16 -0.54
CA LEU B 30 -12.06 -38.89 0.23
C LEU B 30 -11.27 -39.78 -0.69
N GLN B 31 -11.96 -40.55 -1.51
CA GLN B 31 -11.31 -41.47 -2.44
C GLN B 31 -10.25 -40.72 -3.26
N SER B 32 -10.52 -39.43 -3.52
CA SER B 32 -9.60 -38.58 -4.28
C SER B 32 -8.56 -37.94 -3.37
N LEU B 33 -9.01 -37.43 -2.22
CA LEU B 33 -8.09 -36.83 -1.26
C LEU B 33 -6.96 -37.80 -0.92
N ALA B 34 -7.32 -39.03 -0.64
CA ALA B 34 -6.30 -40.02 -0.31
C ALA B 34 -5.46 -40.33 -1.53
N LEU B 35 -6.11 -40.38 -2.69
CA LEU B 35 -5.45 -40.69 -3.93
C LEU B 35 -4.32 -39.73 -4.19
N MET B 36 -4.59 -38.47 -3.86
CA MET B 36 -3.60 -37.41 -4.04
C MET B 36 -2.52 -37.61 -3.01
N LEU B 37 -2.93 -37.92 -1.77
CA LEU B 37 -1.98 -38.13 -0.68
C LEU B 37 -1.02 -39.28 -1.03
N GLU B 38 -1.49 -40.18 -1.89
CA GLU B 38 -0.67 -41.31 -2.31
C GLU B 38 0.31 -40.88 -3.40
N SER B 39 -0.15 -40.00 -4.28
CA SER B 39 0.69 -39.53 -5.35
C SER B 39 1.97 -38.84 -4.86
N SER B 40 2.83 -38.45 -5.78
CA SER B 40 4.07 -37.78 -5.45
C SER B 40 3.81 -36.39 -4.91
N ASP B 41 2.65 -35.83 -5.21
CA ASP B 41 2.30 -34.50 -4.76
C ASP B 41 1.76 -34.62 -3.35
N GLY B 42 1.95 -35.78 -2.72
CA GLY B 42 1.47 -36.00 -1.38
C GLY B 42 2.34 -35.32 -0.35
N SER B 43 3.62 -35.14 -0.68
CA SER B 43 4.58 -34.50 0.21
C SER B 43 4.45 -32.97 0.25
N GLN B 44 3.25 -32.48 -0.05
CA GLN B 44 2.97 -31.03 -0.02
C GLN B 44 1.46 -30.72 0.05
N ARG B 45 1.14 -29.63 0.76
CA ARG B 45 -0.23 -29.18 0.95
C ARG B 45 -1.21 -29.58 -0.15
N ILE B 46 -2.32 -30.17 0.26
CA ILE B 46 -3.32 -30.59 -0.71
C ILE B 46 -4.47 -29.62 -0.58
N THR B 47 -4.30 -28.40 -1.13
CA THR B 47 -5.28 -27.32 -1.09
C THR B 47 -6.64 -27.77 -1.58
N THR B 48 -7.69 -27.09 -1.13
CA THR B 48 -9.05 -27.42 -1.52
C THR B 48 -9.25 -27.33 -3.03
N ALA B 49 -8.82 -26.19 -3.57
CA ALA B 49 -8.95 -25.94 -5.00
C ALA B 49 -8.48 -27.16 -5.77
N LYS B 50 -7.20 -27.49 -5.61
CA LYS B 50 -6.65 -28.62 -6.33
C LYS B 50 -7.45 -29.90 -6.13
N LEU B 51 -8.00 -30.04 -4.92
CA LEU B 51 -8.79 -31.19 -4.55
C LEU B 51 -10.05 -31.26 -5.40
N ALA B 52 -10.81 -30.17 -5.38
CA ALA B 52 -12.04 -30.06 -6.17
C ALA B 52 -11.76 -30.41 -7.64
N ALA B 53 -10.52 -30.21 -8.06
CA ALA B 53 -10.09 -30.51 -9.42
C ALA B 53 -9.94 -32.00 -9.58
N SER B 54 -9.34 -32.65 -8.58
CA SER B 54 -9.15 -34.10 -8.64
C SER B 54 -10.51 -34.71 -9.00
N VAL B 55 -11.58 -34.14 -8.42
CA VAL B 55 -12.91 -34.61 -8.75
C VAL B 55 -13.81 -33.88 -9.72
N GLY B 56 -13.92 -32.57 -9.69
CA GLY B 56 -14.83 -31.97 -10.64
C GLY B 56 -15.96 -31.14 -10.07
N VAL B 57 -15.63 -30.34 -9.09
CA VAL B 57 -16.60 -29.48 -8.45
C VAL B 57 -15.89 -28.23 -8.03
N SER B 58 -16.61 -27.33 -7.38
CA SER B 58 -16.02 -26.07 -6.93
C SER B 58 -15.88 -26.03 -5.42
N GLU B 59 -15.15 -25.03 -4.95
CA GLU B 59 -14.90 -24.84 -3.52
C GLU B 59 -16.24 -24.99 -2.78
N ALA B 60 -17.20 -24.12 -3.09
CA ALA B 60 -18.51 -24.18 -2.44
C ALA B 60 -19.14 -25.56 -2.61
N ALA B 61 -18.90 -26.19 -3.76
CA ALA B 61 -19.45 -27.51 -4.01
C ALA B 61 -18.85 -28.53 -3.05
N LEU B 62 -17.60 -28.31 -2.64
CA LEU B 62 -16.90 -29.22 -1.73
C LEU B 62 -17.43 -29.06 -0.32
N TYR B 63 -17.82 -27.84 0.01
CA TYR B 63 -18.32 -27.53 1.33
C TYR B 63 -19.75 -27.94 1.62
N ARG B 64 -20.38 -28.60 0.64
CA ARG B 64 -21.75 -29.09 0.86
C ARG B 64 -21.67 -30.59 1.11
N HIS B 65 -20.51 -31.02 1.58
CA HIS B 65 -20.27 -32.42 1.90
C HIS B 65 -19.41 -32.49 3.15
N PHE B 66 -18.77 -31.36 3.49
CA PHE B 66 -17.91 -31.30 4.65
C PHE B 66 -17.90 -29.89 5.22
N PRO B 67 -17.96 -29.74 6.55
CA PRO B 67 -17.96 -28.44 7.20
C PRO B 67 -16.67 -27.67 6.87
N SER B 68 -15.59 -28.43 6.69
CA SER B 68 -14.30 -27.86 6.39
C SER B 68 -13.30 -28.95 5.92
N LYS B 69 -12.03 -28.55 5.78
CA LYS B 69 -11.01 -29.45 5.33
C LYS B 69 -10.62 -30.39 6.48
N THR B 70 -10.53 -29.84 7.69
CA THR B 70 -10.22 -30.66 8.86
C THR B 70 -11.16 -31.88 8.90
N ARG B 71 -12.46 -31.60 8.85
CA ARG B 71 -13.49 -32.63 8.90
C ARG B 71 -13.29 -33.70 7.83
N MET B 72 -12.51 -33.38 6.82
CA MET B 72 -12.23 -34.34 5.75
C MET B 72 -11.19 -35.33 6.23
N PHE B 73 -10.17 -34.83 6.92
CA PHE B 73 -9.11 -35.70 7.45
C PHE B 73 -9.66 -36.56 8.59
N ASP B 74 -10.53 -35.98 9.40
CA ASP B 74 -11.15 -36.72 10.50
C ASP B 74 -11.81 -37.95 9.95
N SER B 75 -12.68 -37.78 8.98
CA SER B 75 -13.36 -38.93 8.44
C SER B 75 -12.35 -39.92 7.87
N LEU B 76 -11.25 -39.40 7.36
CA LEU B 76 -10.23 -40.27 6.80
C LEU B 76 -9.52 -41.02 7.96
N ILE B 77 -9.28 -40.30 9.05
CA ILE B 77 -8.62 -40.88 10.20
C ILE B 77 -9.56 -41.91 10.81
N GLU B 78 -10.83 -41.54 10.91
CA GLU B 78 -11.83 -42.44 11.45
C GLU B 78 -11.80 -43.74 10.67
N PHE B 79 -11.78 -43.62 9.34
CA PHE B 79 -11.71 -44.83 8.53
C PHE B 79 -10.48 -45.66 8.94
N ILE B 80 -9.35 -44.98 9.19
CA ILE B 80 -8.10 -45.62 9.57
C ILE B 80 -8.31 -46.40 10.83
N GLU B 81 -8.82 -45.71 11.84
CA GLU B 81 -9.08 -46.33 13.12
C GLU B 81 -9.93 -47.60 12.97
N ASP B 82 -11.10 -47.47 12.35
CA ASP B 82 -11.99 -48.62 12.17
C ASP B 82 -11.30 -49.80 11.53
N SER B 83 -10.56 -49.57 10.45
CA SER B 83 -9.88 -50.67 9.79
C SER B 83 -8.98 -51.43 10.75
N LEU B 84 -7.98 -50.77 11.33
CA LEU B 84 -7.05 -51.44 12.25
C LEU B 84 -7.76 -52.06 13.47
N ILE B 85 -8.52 -51.28 14.23
CA ILE B 85 -9.23 -51.81 15.40
C ILE B 85 -10.00 -53.09 15.05
N THR B 86 -11.02 -52.94 14.20
CA THR B 86 -11.84 -54.07 13.74
C THR B 86 -10.96 -55.25 13.31
N ARG B 87 -10.10 -55.02 12.32
CA ARG B 87 -9.23 -56.08 11.82
C ARG B 87 -8.43 -56.66 12.98
N ILE B 88 -8.33 -55.93 14.08
CA ILE B 88 -7.53 -56.44 15.20
C ILE B 88 -8.35 -57.34 16.11
N ASN B 89 -9.54 -56.87 16.47
CA ASN B 89 -10.42 -57.66 17.31
C ASN B 89 -10.66 -59.02 16.66
N LEU B 90 -10.67 -59.07 15.34
CA LEU B 90 -10.89 -60.34 14.67
C LEU B 90 -9.67 -61.22 14.82
N ILE B 91 -8.48 -60.60 14.84
CA ILE B 91 -7.22 -61.34 14.99
C ILE B 91 -7.21 -62.09 16.32
N LEU B 92 -7.73 -61.43 17.34
CA LEU B 92 -7.80 -62.00 18.67
C LEU B 92 -8.70 -63.25 18.73
N LYS B 93 -9.76 -63.25 17.92
CA LYS B 93 -10.67 -64.39 17.90
C LYS B 93 -10.11 -65.60 17.14
N ASP B 94 -9.83 -65.41 15.85
CA ASP B 94 -9.32 -66.51 15.03
C ASP B 94 -7.91 -66.97 15.37
N GLU B 95 -7.48 -66.71 16.59
CA GLU B 95 -6.14 -67.12 17.03
C GLU B 95 -5.98 -66.96 18.54
N LYS B 96 -5.59 -68.05 19.19
CA LYS B 96 -5.38 -68.08 20.63
C LYS B 96 -3.91 -67.87 20.99
N ASP B 97 -3.00 -68.35 20.14
CA ASP B 97 -1.57 -68.23 20.43
C ASP B 97 -1.05 -66.81 20.58
N THR B 98 -0.43 -66.52 21.72
CA THR B 98 0.12 -65.18 21.98
C THR B 98 1.03 -64.70 20.86
N THR B 99 2.14 -65.40 20.67
CA THR B 99 3.08 -65.02 19.64
C THR B 99 2.44 -64.96 18.27
N ALA B 100 1.51 -65.86 18.01
CA ALA B 100 0.84 -65.85 16.70
C ALA B 100 0.04 -64.56 16.49
N ARG B 101 -0.59 -64.09 17.57
CA ARG B 101 -1.38 -62.86 17.57
C ARG B 101 -0.49 -61.64 17.31
N LEU B 102 0.63 -61.55 18.02
CA LEU B 102 1.57 -60.46 17.82
C LEU B 102 2.08 -60.45 16.39
N ARG B 103 2.39 -61.61 15.82
CA ARG B 103 2.87 -61.72 14.44
C ARG B 103 1.84 -61.15 13.47
N LEU B 104 0.57 -61.34 13.78
CA LEU B 104 -0.50 -60.85 12.92
C LEU B 104 -0.74 -59.36 13.09
N ILE B 105 -0.96 -58.95 14.33
CA ILE B 105 -1.21 -57.54 14.61
C ILE B 105 -0.15 -56.68 13.96
N VAL B 106 1.11 -57.08 14.06
CA VAL B 106 2.23 -56.34 13.48
C VAL B 106 2.09 -56.33 11.96
N LEU B 107 1.79 -57.49 11.40
CA LEU B 107 1.64 -57.63 9.96
C LEU B 107 0.50 -56.76 9.44
N LEU B 108 -0.54 -56.60 10.24
CA LEU B 108 -1.68 -55.74 9.88
C LEU B 108 -1.22 -54.27 9.81
N LEU B 109 -0.47 -53.82 10.83
CA LEU B 109 0.01 -52.45 10.85
C LEU B 109 0.84 -52.24 9.64
N LEU B 110 1.89 -53.03 9.47
CA LEU B 110 2.74 -52.90 8.29
C LEU B 110 1.97 -53.11 6.98
N GLY B 111 0.89 -53.88 7.02
CA GLY B 111 0.14 -54.11 5.81
C GLY B 111 -0.76 -52.96 5.44
N PHE B 112 -1.67 -52.59 6.33
CA PHE B 112 -2.57 -51.49 6.04
C PHE B 112 -1.81 -50.27 5.56
N GLY B 113 -0.60 -50.09 6.10
CA GLY B 113 0.26 -48.97 5.74
C GLY B 113 0.76 -49.02 4.32
N GLU B 114 1.19 -50.21 3.91
CA GLU B 114 1.70 -50.43 2.55
C GLU B 114 0.57 -50.48 1.53
N ARG B 115 -0.61 -50.86 1.99
CA ARG B 115 -1.78 -50.96 1.14
C ARG B 115 -2.45 -49.63 0.90
N ASN B 116 -2.04 -48.60 1.64
CA ASN B 116 -2.65 -47.28 1.51
C ASN B 116 -1.59 -46.23 1.77
N PRO B 117 -0.59 -46.14 0.90
CA PRO B 117 0.51 -45.17 1.03
C PRO B 117 0.03 -43.77 1.34
N GLY B 118 -1.13 -43.41 0.84
CA GLY B 118 -1.63 -42.07 1.07
C GLY B 118 -2.11 -41.86 2.48
N LEU B 119 -2.65 -42.91 3.07
CA LEU B 119 -3.16 -42.82 4.42
C LEU B 119 -2.01 -42.89 5.40
N THR B 120 -0.98 -43.63 5.06
CA THR B 120 0.17 -43.75 5.94
C THR B 120 0.81 -42.40 6.24
N ARG B 121 0.78 -41.50 5.26
CA ARG B 121 1.34 -40.15 5.41
C ARG B 121 0.53 -39.47 6.50
N ILE B 122 -0.64 -40.04 6.80
CA ILE B 122 -1.46 -39.49 7.85
C ILE B 122 -1.06 -40.13 9.19
N LEU B 123 -0.78 -41.43 9.17
CA LEU B 123 -0.37 -42.12 10.37
C LEU B 123 0.95 -41.59 10.88
N THR B 124 1.89 -41.37 9.96
CA THR B 124 3.22 -40.87 10.30
C THR B 124 3.22 -39.41 10.72
N GLY B 125 2.08 -38.76 10.56
CA GLY B 125 1.94 -37.37 11.00
C GLY B 125 2.38 -36.32 10.03
N HIS B 126 3.04 -36.74 8.95
CA HIS B 126 3.55 -35.84 7.92
C HIS B 126 2.46 -35.03 7.26
N ALA B 127 1.58 -35.70 6.54
CA ALA B 127 0.49 -35.02 5.88
C ALA B 127 -0.29 -34.11 6.84
N LEU B 128 -0.29 -34.44 8.13
CA LEU B 128 -1.03 -33.65 9.10
C LEU B 128 -0.33 -32.31 9.40
N MET B 129 0.97 -32.25 9.20
CA MET B 129 1.67 -31.01 9.43
C MET B 129 0.94 -29.77 8.82
N PHE B 130 0.23 -29.97 7.69
CA PHE B 130 -0.47 -28.89 7.02
C PHE B 130 -1.79 -28.51 7.68
N GLU B 131 -2.36 -29.47 8.39
CA GLU B 131 -3.63 -29.31 9.07
C GLU B 131 -3.55 -28.90 10.54
N GLN B 132 -4.70 -28.84 11.20
CA GLN B 132 -4.78 -28.44 12.61
C GLN B 132 -4.18 -29.49 13.52
N ASP B 133 -3.47 -29.03 14.55
CA ASP B 133 -2.82 -29.93 15.52
C ASP B 133 -3.79 -30.96 16.19
N ARG B 134 -5.00 -30.52 16.52
CA ARG B 134 -5.95 -31.42 17.12
C ARG B 134 -6.06 -32.75 16.35
N LEU B 135 -5.78 -32.73 15.05
CA LEU B 135 -5.84 -33.94 14.24
C LEU B 135 -4.72 -34.91 14.56
N GLN B 136 -3.54 -34.39 14.85
CA GLN B 136 -2.40 -35.24 15.21
C GLN B 136 -2.76 -35.92 16.55
N GLY B 137 -3.47 -35.21 17.40
CA GLY B 137 -3.86 -35.79 18.66
C GLY B 137 -4.76 -37.00 18.47
N ARG B 138 -5.61 -36.95 17.47
CA ARG B 138 -6.51 -38.06 17.24
C ARG B 138 -5.68 -39.28 16.84
N ILE B 139 -4.62 -39.08 16.06
CA ILE B 139 -3.73 -40.18 15.61
C ILE B 139 -2.93 -40.68 16.82
N ASN B 140 -2.66 -39.77 17.73
CA ASN B 140 -1.95 -40.14 18.93
C ASN B 140 -2.81 -41.10 19.75
N GLN B 141 -4.13 -40.89 19.76
CA GLN B 141 -4.99 -41.79 20.52
C GLN B 141 -5.07 -43.14 19.83
N LEU B 142 -5.02 -43.12 18.50
CA LEU B 142 -5.06 -44.37 17.76
C LEU B 142 -3.86 -45.23 18.20
N PHE B 143 -2.64 -44.71 18.06
CA PHE B 143 -1.45 -45.45 18.48
C PHE B 143 -1.58 -45.99 19.90
N GLU B 144 -2.06 -45.16 20.83
CA GLU B 144 -2.22 -45.57 22.23
C GLU B 144 -3.12 -46.80 22.37
N ARG B 145 -4.19 -46.81 21.58
CA ARG B 145 -5.14 -47.90 21.57
C ARG B 145 -4.46 -49.15 21.00
N ILE B 146 -3.73 -49.02 19.90
CA ILE B 146 -3.02 -50.16 19.33
C ILE B 146 -2.00 -50.70 20.32
N GLU B 147 -1.47 -49.81 21.14
CA GLU B 147 -0.46 -50.18 22.16
C GLU B 147 -1.11 -50.88 23.33
N ALA B 148 -2.25 -50.35 23.78
CA ALA B 148 -2.98 -50.93 24.89
C ALA B 148 -3.41 -52.31 24.49
N GLN B 149 -3.77 -52.46 23.22
CA GLN B 149 -4.21 -53.74 22.73
C GLN B 149 -3.05 -54.71 22.75
N LEU B 150 -1.89 -54.23 22.29
CA LEU B 150 -0.68 -55.06 22.27
C LEU B 150 -0.27 -55.48 23.68
N ARG B 151 -0.47 -54.55 24.61
CA ARG B 151 -0.15 -54.76 26.00
C ARG B 151 -1.09 -55.85 26.54
N GLN B 152 -2.34 -55.82 26.11
CA GLN B 152 -3.30 -56.84 26.56
C GLN B 152 -2.79 -58.25 26.15
N VAL B 153 -2.53 -58.42 24.86
CA VAL B 153 -2.04 -59.68 24.33
C VAL B 153 -0.90 -60.24 25.16
N LEU B 154 0.09 -59.41 25.47
CA LEU B 154 1.28 -59.82 26.27
C LEU B 154 0.93 -60.24 27.69
N ARG B 155 0.02 -59.52 28.33
CA ARG B 155 -0.41 -59.86 29.68
C ARG B 155 -1.09 -61.22 29.78
N GLU B 156 -2.03 -61.48 28.88
CA GLU B 156 -2.79 -62.73 28.89
C GLU B 156 -1.93 -63.96 28.71
N LYS B 157 -0.75 -63.79 28.10
CA LYS B 157 0.17 -64.91 27.86
C LYS B 157 0.32 -65.77 29.09
N ARG B 158 0.38 -65.12 30.25
CA ARG B 158 0.52 -65.83 31.52
C ARG B 158 -0.61 -66.84 31.72
N MET B 159 -1.83 -66.34 31.85
CA MET B 159 -3.00 -67.20 32.05
C MET B 159 -3.10 -68.28 30.98
N ARG B 160 -2.81 -67.89 29.76
CA ARG B 160 -2.89 -68.79 28.64
C ARG B 160 -1.77 -69.83 28.53
N GLU B 161 -0.53 -69.44 28.81
CA GLU B 161 0.56 -70.39 28.68
C GLU B 161 1.30 -70.69 29.98
N GLY B 162 0.86 -70.11 31.09
CA GLY B 162 1.52 -70.37 32.37
C GLY B 162 2.44 -69.25 32.84
N GLU B 163 3.49 -68.99 32.07
CA GLU B 163 4.46 -67.95 32.43
C GLU B 163 4.26 -66.69 31.64
N GLY B 164 5.01 -65.66 31.99
CA GLY B 164 4.90 -64.38 31.31
C GLY B 164 6.14 -64.01 30.55
N TYR B 165 6.58 -62.76 30.75
CA TYR B 165 7.76 -62.24 30.06
C TYR B 165 8.77 -61.66 31.05
N ALA B 166 10.04 -61.77 30.68
CA ALA B 166 11.13 -61.24 31.48
C ALA B 166 10.97 -59.73 31.61
N THR B 167 11.05 -59.03 30.48
CA THR B 167 10.94 -57.59 30.47
C THR B 167 9.52 -57.13 30.77
N ASP B 168 9.39 -55.88 31.18
CA ASP B 168 8.10 -55.31 31.51
C ASP B 168 7.17 -55.31 30.31
N GLU B 169 5.92 -55.69 30.55
CA GLU B 169 4.90 -55.75 29.50
C GLU B 169 4.77 -54.45 28.71
N THR B 170 4.79 -53.34 29.43
CA THR B 170 4.63 -52.06 28.78
C THR B 170 5.81 -51.76 27.86
N LEU B 171 7.02 -51.90 28.40
CA LEU B 171 8.25 -51.68 27.64
C LEU B 171 8.28 -52.55 26.38
N LEU B 172 7.74 -53.76 26.46
CA LEU B 172 7.71 -54.67 25.30
C LEU B 172 6.82 -54.21 24.13
N ALA B 173 5.67 -53.67 24.49
CA ALA B 173 4.73 -53.17 23.50
C ALA B 173 5.35 -51.98 22.80
N SER B 174 5.82 -51.02 23.58
CA SER B 174 6.44 -49.84 23.00
C SER B 174 7.57 -50.23 22.08
N GLN B 175 8.36 -51.21 22.51
CA GLN B 175 9.48 -51.69 21.71
C GLN B 175 9.01 -52.17 20.33
N ILE B 176 7.92 -52.94 20.32
CA ILE B 176 7.37 -53.48 19.09
C ILE B 176 6.74 -52.35 18.26
N LEU B 177 5.91 -51.55 18.91
CA LEU B 177 5.27 -50.45 18.22
C LEU B 177 6.30 -49.48 17.61
N ALA B 178 7.40 -49.25 18.34
CA ALA B 178 8.47 -48.38 17.88
C ALA B 178 8.99 -48.92 16.54
N PHE B 179 9.16 -50.23 16.47
CA PHE B 179 9.61 -50.86 15.24
C PHE B 179 8.62 -50.52 14.15
N CYS B 180 7.34 -50.68 14.45
CA CYS B 180 6.31 -50.37 13.44
C CYS B 180 6.33 -48.94 12.96
N GLU B 181 6.15 -48.04 13.91
CA GLU B 181 6.16 -46.64 13.59
C GLU B 181 7.40 -46.35 12.78
N GLY B 182 8.52 -46.94 13.21
CA GLY B 182 9.78 -46.73 12.50
C GLY B 182 9.74 -47.26 11.06
N MET B 183 9.04 -48.38 10.85
CA MET B 183 8.91 -48.97 9.53
C MET B 183 8.05 -48.10 8.63
N LEU B 184 7.01 -47.52 9.20
CA LEU B 184 6.15 -46.67 8.42
C LEU B 184 6.86 -45.36 8.10
N SER B 185 7.79 -44.94 8.96
CA SER B 185 8.50 -43.70 8.74
C SER B 185 9.46 -43.84 7.54
N ARG B 186 10.16 -44.96 7.46
CA ARG B 186 11.05 -45.18 6.33
C ARG B 186 10.24 -45.30 5.04
N PHE B 187 9.08 -45.96 5.14
CA PHE B 187 8.23 -46.17 3.98
C PHE B 187 7.86 -44.83 3.36
N VAL B 188 7.63 -43.82 4.19
CA VAL B 188 7.29 -42.48 3.74
C VAL B 188 8.55 -41.72 3.28
N ARG B 189 9.65 -41.82 4.04
CA ARG B 189 10.90 -41.14 3.68
C ARG B 189 11.41 -41.50 2.31
N SER B 190 11.44 -42.79 2.00
CA SER B 190 11.93 -43.25 0.70
C SER B 190 10.92 -43.02 -0.40
N GLU B 191 9.90 -42.25 -0.09
CA GLU B 191 8.89 -41.92 -1.07
C GLU B 191 8.08 -43.17 -1.49
N PHE B 192 7.77 -44.01 -0.50
CA PHE B 192 7.00 -45.23 -0.70
C PHE B 192 7.83 -46.29 -1.41
N LYS B 193 9.14 -46.20 -1.26
CA LYS B 193 10.07 -47.15 -1.87
C LYS B 193 10.29 -48.37 -0.98
N TYR B 194 10.77 -48.13 0.24
CA TYR B 194 11.02 -49.18 1.23
C TYR B 194 9.67 -49.75 1.76
N ARG B 195 9.19 -50.80 1.09
CA ARG B 195 7.92 -51.44 1.43
C ARG B 195 8.04 -52.09 2.80
N PRO B 196 7.10 -51.82 3.71
CA PRO B 196 7.10 -52.38 5.07
C PRO B 196 6.96 -53.90 5.12
N THR B 197 5.91 -54.40 4.47
CA THR B 197 5.62 -55.84 4.42
C THR B 197 6.66 -56.65 3.64
N ASP B 198 7.80 -56.04 3.35
CA ASP B 198 8.85 -56.75 2.62
C ASP B 198 9.77 -57.47 3.60
N ASP B 199 9.82 -58.79 3.47
CA ASP B 199 10.64 -59.68 4.31
C ASP B 199 10.09 -59.83 5.74
N PHE B 200 8.77 -59.72 5.86
CA PHE B 200 8.12 -59.84 7.15
C PHE B 200 8.45 -61.17 7.77
N ASP B 201 8.33 -62.24 6.98
CA ASP B 201 8.61 -63.58 7.50
C ASP B 201 10.04 -63.70 7.97
N ALA B 202 10.94 -62.95 7.35
CA ALA B 202 12.36 -62.95 7.72
C ALA B 202 12.66 -62.09 8.96
N ARG B 203 11.97 -60.96 9.06
CA ARG B 203 12.17 -60.01 10.17
C ARG B 203 11.56 -60.48 11.47
N TRP B 204 10.29 -60.87 11.42
CA TRP B 204 9.59 -61.31 12.61
C TRP B 204 10.48 -62.07 13.57
N PRO B 205 11.22 -63.04 13.07
CA PRO B 205 12.10 -63.81 13.95
C PRO B 205 12.97 -62.91 14.83
N LEU B 206 13.25 -61.72 14.33
CA LEU B 206 14.07 -60.79 15.09
C LEU B 206 13.26 -60.12 16.14
N ILE B 207 11.99 -59.90 15.85
CA ILE B 207 11.09 -59.26 16.78
C ILE B 207 10.74 -60.21 17.93
N ALA B 208 10.44 -61.46 17.59
CA ALA B 208 10.08 -62.45 18.60
C ALA B 208 11.23 -62.63 19.59
N ALA B 209 12.45 -62.52 19.08
CA ALA B 209 13.62 -62.67 19.93
C ALA B 209 13.59 -61.69 21.09
N GLN B 210 12.81 -60.62 20.94
CA GLN B 210 12.69 -59.61 22.00
C GLN B 210 11.65 -60.04 23.03
N LEU B 211 10.68 -60.84 22.58
CA LEU B 211 9.61 -61.30 23.44
C LEU B 211 10.16 -62.21 24.52
N GLN B 212 11.07 -61.67 25.33
CA GLN B 212 11.69 -62.44 26.40
C GLN B 212 11.19 -61.99 27.77
N ARG C 23 -15.08 -11.43 -19.50
CA ARG C 23 -15.97 -11.18 -18.32
C ARG C 23 -16.11 -9.71 -17.96
N ASN C 24 -17.10 -9.41 -17.11
CA ASN C 24 -17.34 -8.04 -16.67
C ASN C 24 -16.16 -7.61 -15.80
N ARG C 25 -15.81 -8.43 -14.81
CA ARG C 25 -14.70 -8.12 -13.93
C ARG C 25 -13.37 -8.17 -14.66
N ARG C 26 -13.20 -9.14 -15.55
CA ARG C 26 -11.96 -9.25 -16.33
C ARG C 26 -11.69 -7.98 -17.12
N GLU C 27 -12.73 -7.44 -17.74
CA GLU C 27 -12.66 -6.23 -18.53
C GLU C 27 -12.50 -5.04 -17.59
N GLU C 28 -13.23 -5.07 -16.48
CA GLU C 28 -13.19 -3.98 -15.52
C GLU C 28 -11.78 -3.75 -14.96
N ILE C 29 -11.01 -4.83 -14.84
CA ILE C 29 -9.65 -4.78 -14.32
C ILE C 29 -8.74 -4.14 -15.35
N LEU C 30 -8.76 -4.70 -16.57
CA LEU C 30 -7.95 -4.19 -17.67
C LEU C 30 -8.23 -2.71 -17.93
N GLN C 31 -9.49 -2.33 -17.79
CA GLN C 31 -9.86 -0.95 -17.99
C GLN C 31 -9.19 -0.06 -16.94
N SER C 32 -9.07 -0.55 -15.71
CA SER C 32 -8.40 0.21 -14.64
C SER C 32 -6.90 0.19 -14.85
N LEU C 33 -6.40 -0.89 -15.47
CA LEU C 33 -4.97 -1.00 -15.71
C LEU C 33 -4.56 0.18 -16.58
N ALA C 34 -5.25 0.32 -17.71
CA ALA C 34 -4.93 1.39 -18.63
C ALA C 34 -5.11 2.78 -18.00
N LEU C 35 -6.19 2.95 -17.25
CA LEU C 35 -6.45 4.23 -16.58
C LEU C 35 -5.30 4.59 -15.67
N MET C 36 -4.77 3.60 -14.96
CA MET C 36 -3.67 3.87 -14.05
C MET C 36 -2.44 4.24 -14.85
N LEU C 37 -2.30 3.65 -16.02
CA LEU C 37 -1.17 3.92 -16.89
C LEU C 37 -1.28 5.32 -17.50
N GLU C 38 -2.50 5.82 -17.56
CA GLU C 38 -2.73 7.15 -18.13
C GLU C 38 -2.48 8.24 -17.10
N SER C 39 -2.79 7.92 -15.85
CA SER C 39 -2.62 8.89 -14.78
C SER C 39 -1.17 9.04 -14.37
N SER C 40 -0.97 9.87 -13.36
CA SER C 40 0.36 10.15 -12.89
C SER C 40 1.01 8.87 -12.44
N ASP C 41 0.18 7.93 -11.98
CA ASP C 41 0.70 6.67 -11.50
C ASP C 41 1.41 5.88 -12.58
N GLY C 42 1.18 6.26 -13.83
CA GLY C 42 1.78 5.58 -14.96
C GLY C 42 3.30 5.65 -14.99
N SER C 43 3.86 6.70 -14.38
CA SER C 43 5.32 6.92 -14.32
C SER C 43 6.02 6.00 -13.32
N GLN C 44 5.24 5.20 -12.58
CA GLN C 44 5.76 4.26 -11.59
C GLN C 44 5.20 2.87 -11.82
N ARG C 45 5.69 1.93 -11.03
CA ARG C 45 5.25 0.55 -11.10
C ARG C 45 3.77 0.43 -10.74
N ILE C 46 3.04 -0.47 -11.39
CA ILE C 46 1.64 -0.65 -11.07
C ILE C 46 1.51 -1.91 -10.18
N THR C 47 1.61 -1.70 -8.88
CA THR C 47 1.54 -2.78 -7.89
C THR C 47 0.15 -3.39 -7.85
N THR C 48 0.08 -4.70 -7.58
CA THR C 48 -1.21 -5.37 -7.53
C THR C 48 -2.09 -4.74 -6.49
N ALA C 49 -1.45 -4.11 -5.52
CA ALA C 49 -2.17 -3.44 -4.44
C ALA C 49 -2.94 -2.27 -5.01
N LYS C 50 -2.20 -1.23 -5.36
CA LYS C 50 -2.83 -0.06 -5.93
C LYS C 50 -3.85 -0.49 -6.96
N LEU C 51 -3.52 -1.46 -7.81
CA LEU C 51 -4.44 -1.86 -8.87
C LEU C 51 -5.76 -2.27 -8.27
N ALA C 52 -5.73 -3.29 -7.41
CA ALA C 52 -6.93 -3.76 -6.73
C ALA C 52 -7.65 -2.58 -6.05
N ALA C 53 -6.90 -1.59 -5.58
CA ALA C 53 -7.50 -0.43 -4.93
C ALA C 53 -8.43 0.27 -5.94
N SER C 54 -7.84 0.67 -7.06
CA SER C 54 -8.55 1.33 -8.15
C SER C 54 -9.71 0.48 -8.69
N VAL C 55 -9.49 -0.83 -8.80
CA VAL C 55 -10.51 -1.72 -9.32
C VAL C 55 -11.67 -1.83 -8.34
N GLY C 56 -11.38 -1.66 -7.06
CA GLY C 56 -12.42 -1.78 -6.04
C GLY C 56 -12.63 -3.20 -5.52
N VAL C 57 -11.56 -3.99 -5.47
CA VAL C 57 -11.63 -5.37 -4.98
C VAL C 57 -10.40 -5.74 -4.16
N SER C 58 -10.30 -7.02 -3.82
CA SER C 58 -9.18 -7.50 -3.03
C SER C 58 -8.07 -7.94 -3.96
N GLU C 59 -6.83 -7.78 -3.52
CA GLU C 59 -5.74 -8.20 -4.38
C GLU C 59 -5.95 -9.61 -4.92
N ALA C 60 -6.52 -10.47 -4.08
CA ALA C 60 -6.77 -11.83 -4.48
C ALA C 60 -7.78 -11.92 -5.63
N ALA C 61 -8.80 -11.06 -5.59
CA ALA C 61 -9.81 -11.05 -6.65
C ALA C 61 -9.13 -11.02 -8.05
N LEU C 62 -8.09 -10.22 -8.18
CA LEU C 62 -7.33 -10.14 -9.41
C LEU C 62 -6.93 -11.54 -9.92
N TYR C 63 -6.18 -12.27 -9.11
CA TYR C 63 -5.77 -13.57 -9.59
C TYR C 63 -6.90 -14.55 -9.80
N ARG C 64 -8.10 -14.01 -9.81
CA ARG C 64 -9.25 -14.86 -10.02
C ARG C 64 -9.59 -14.82 -11.53
N HIS C 65 -9.24 -13.74 -12.21
CA HIS C 65 -9.52 -13.58 -13.62
C HIS C 65 -8.23 -13.59 -14.45
N PHE C 66 -7.11 -13.42 -13.76
CA PHE C 66 -5.80 -13.40 -14.39
C PHE C 66 -4.78 -14.20 -13.59
N PRO C 67 -4.06 -15.07 -14.28
CA PRO C 67 -3.04 -15.89 -13.62
C PRO C 67 -1.88 -15.10 -13.00
N SER C 68 -1.43 -14.08 -13.72
CA SER C 68 -0.31 -13.25 -13.28
C SER C 68 -0.49 -11.84 -13.77
N LYS C 69 0.18 -10.90 -13.12
CA LYS C 69 0.06 -9.50 -13.55
C LYS C 69 0.54 -9.41 -14.99
N THR C 70 1.53 -10.23 -15.32
CA THR C 70 2.09 -10.27 -16.66
C THR C 70 0.98 -10.50 -17.68
N ARG C 71 0.10 -11.46 -17.40
CA ARG C 71 -0.98 -11.73 -18.32
C ARG C 71 -1.83 -10.50 -18.54
N MET C 72 -2.05 -9.70 -17.51
CA MET C 72 -2.84 -8.51 -17.69
C MET C 72 -2.22 -7.66 -18.80
N PHE C 73 -0.90 -7.49 -18.79
CA PHE C 73 -0.24 -6.70 -19.81
C PHE C 73 -0.35 -7.40 -21.16
N ASP C 74 -0.27 -8.72 -21.16
CA ASP C 74 -0.41 -9.46 -22.41
C ASP C 74 -1.76 -9.15 -23.06
N SER C 75 -2.82 -8.99 -22.26
CA SER C 75 -4.15 -8.71 -22.83
C SER C 75 -4.16 -7.37 -23.52
N LEU C 76 -3.60 -6.39 -22.83
CA LEU C 76 -3.48 -5.07 -23.36
C LEU C 76 -2.66 -5.14 -24.64
N ILE C 77 -1.55 -5.85 -24.61
CA ILE C 77 -0.78 -5.89 -25.84
C ILE C 77 -1.60 -6.44 -27.01
N GLU C 78 -2.31 -7.54 -26.78
CA GLU C 78 -3.14 -8.12 -27.84
C GLU C 78 -4.17 -7.13 -28.31
N PHE C 79 -4.85 -6.47 -27.38
CA PHE C 79 -5.83 -5.44 -27.73
C PHE C 79 -5.17 -4.38 -28.64
N ILE C 80 -3.90 -4.04 -28.38
CA ILE C 80 -3.20 -3.06 -29.20
C ILE C 80 -2.93 -3.64 -30.59
N GLU C 81 -2.38 -4.86 -30.59
CA GLU C 81 -2.08 -5.59 -31.80
C GLU C 81 -3.30 -5.58 -32.68
N ASP C 82 -4.35 -6.27 -32.22
CA ASP C 82 -5.59 -6.35 -33.00
C ASP C 82 -6.12 -5.01 -33.50
N SER C 83 -6.32 -4.06 -32.58
CA SER C 83 -6.84 -2.77 -32.99
C SER C 83 -6.01 -2.15 -34.09
N LEU C 84 -4.68 -2.19 -33.97
CA LEU C 84 -3.86 -1.59 -35.01
C LEU C 84 -3.90 -2.40 -36.32
N ILE C 85 -3.57 -3.69 -36.24
CA ILE C 85 -3.56 -4.47 -37.47
C ILE C 85 -4.91 -4.42 -38.20
N THR C 86 -6.00 -4.62 -37.47
CA THR C 86 -7.34 -4.59 -38.05
C THR C 86 -7.60 -3.32 -38.84
N ARG C 87 -7.44 -2.17 -38.19
CA ARG C 87 -7.67 -0.92 -38.87
C ARG C 87 -6.70 -0.69 -40.05
N ILE C 88 -5.48 -1.23 -39.96
CA ILE C 88 -4.54 -1.04 -41.06
C ILE C 88 -5.06 -1.80 -42.26
N ASN C 89 -5.44 -3.05 -42.05
CA ASN C 89 -5.99 -3.83 -43.16
C ASN C 89 -7.25 -3.18 -43.77
N LEU C 90 -8.06 -2.52 -42.94
CA LEU C 90 -9.23 -1.85 -43.47
C LEU C 90 -8.84 -0.67 -44.35
N ILE C 91 -7.76 0.01 -43.99
CA ILE C 91 -7.33 1.15 -44.81
C ILE C 91 -6.85 0.63 -46.15
N LEU C 92 -6.15 -0.50 -46.15
CA LEU C 92 -5.61 -1.06 -47.37
C LEU C 92 -6.69 -1.50 -48.33
N LYS C 93 -7.80 -1.97 -47.78
CA LYS C 93 -8.93 -2.42 -48.61
C LYS C 93 -9.82 -1.28 -49.05
N ASP C 94 -9.72 -0.12 -48.39
CA ASP C 94 -10.56 1.00 -48.74
C ASP C 94 -9.89 2.16 -49.43
N GLU C 95 -8.59 2.03 -49.63
CA GLU C 95 -7.80 3.07 -50.28
C GLU C 95 -6.81 2.43 -51.24
N LYS C 96 -6.81 2.87 -52.49
CA LYS C 96 -5.93 2.28 -53.49
C LYS C 96 -4.70 3.15 -53.70
N ASP C 97 -4.78 4.42 -53.30
CA ASP C 97 -3.64 5.34 -53.47
C ASP C 97 -2.51 5.05 -52.49
N THR C 98 -1.33 4.77 -53.04
CA THR C 98 -0.17 4.47 -52.22
C THR C 98 0.11 5.55 -51.18
N THR C 99 0.15 6.82 -51.61
CA THR C 99 0.42 7.91 -50.70
C THR C 99 -0.68 8.14 -49.68
N ALA C 100 -1.94 8.03 -50.10
CA ALA C 100 -3.06 8.22 -49.19
C ALA C 100 -3.05 7.09 -48.16
N ARG C 101 -2.60 5.92 -48.57
CA ARG C 101 -2.56 4.78 -47.67
C ARG C 101 -1.56 5.04 -46.56
N LEU C 102 -0.38 5.47 -46.97
CA LEU C 102 0.70 5.78 -46.06
C LEU C 102 0.24 6.82 -45.05
N ARG C 103 -0.40 7.88 -45.52
CA ARG C 103 -0.89 8.91 -44.63
C ARG C 103 -1.86 8.35 -43.58
N LEU C 104 -2.92 7.67 -44.03
CA LEU C 104 -3.90 7.17 -43.10
C LEU C 104 -3.29 6.25 -42.09
N ILE C 105 -2.32 5.43 -42.49
CA ILE C 105 -1.68 4.50 -41.55
C ILE C 105 -0.93 5.27 -40.45
N VAL C 106 -0.17 6.29 -40.86
CA VAL C 106 0.58 7.10 -39.92
C VAL C 106 -0.38 7.82 -39.01
N LEU C 107 -1.46 8.34 -39.58
CA LEU C 107 -2.43 9.05 -38.77
C LEU C 107 -3.10 8.11 -37.76
N LEU C 108 -3.33 6.86 -38.17
CA LEU C 108 -3.96 5.88 -37.27
C LEU C 108 -3.01 5.57 -36.12
N LEU C 109 -1.73 5.40 -36.40
CA LEU C 109 -0.84 5.13 -35.28
C LEU C 109 -0.92 6.26 -34.26
N LEU C 110 -0.79 7.49 -34.73
CA LEU C 110 -0.82 8.64 -33.86
C LEU C 110 -2.13 8.82 -33.13
N GLY C 111 -3.23 8.68 -33.87
CA GLY C 111 -4.56 8.85 -33.31
C GLY C 111 -4.79 7.88 -32.18
N PHE C 112 -4.46 6.63 -32.41
CA PHE C 112 -4.63 5.63 -31.38
C PHE C 112 -3.89 6.06 -30.11
N GLY C 113 -2.61 6.41 -30.29
CA GLY C 113 -1.78 6.85 -29.20
C GLY C 113 -2.42 7.95 -28.38
N GLU C 114 -2.97 8.95 -29.06
CA GLU C 114 -3.56 10.05 -28.33
C GLU C 114 -4.81 9.67 -27.54
N ARG C 115 -5.61 8.77 -28.07
CA ARG C 115 -6.82 8.40 -27.36
C ARG C 115 -6.61 7.17 -26.50
N ASN C 116 -5.36 6.87 -26.17
CA ASN C 116 -5.06 5.72 -25.33
C ASN C 116 -3.73 5.99 -24.65
N PRO C 117 -3.61 7.13 -23.95
CA PRO C 117 -2.36 7.47 -23.28
C PRO C 117 -1.75 6.33 -22.49
N GLY C 118 -2.59 5.55 -21.81
CA GLY C 118 -2.15 4.43 -20.99
C GLY C 118 -1.48 3.37 -21.83
N LEU C 119 -2.15 2.97 -22.88
CA LEU C 119 -1.65 1.94 -23.79
C LEU C 119 -0.39 2.37 -24.54
N THR C 120 -0.29 3.68 -24.80
CA THR C 120 0.89 4.21 -25.50
C THR C 120 2.13 4.00 -24.66
N ARG C 121 1.98 4.20 -23.35
CA ARG C 121 3.10 4.03 -22.42
C ARG C 121 3.65 2.59 -22.49
N ILE C 122 2.85 1.68 -23.04
CA ILE C 122 3.25 0.28 -23.25
C ILE C 122 3.97 0.22 -24.61
N LEU C 123 3.34 0.78 -25.63
CA LEU C 123 3.90 0.79 -26.96
C LEU C 123 5.32 1.32 -26.99
N THR C 124 5.58 2.36 -26.19
CA THR C 124 6.89 2.96 -26.11
C THR C 124 7.85 2.11 -25.31
N GLY C 125 7.33 1.17 -24.54
CA GLY C 125 8.19 0.32 -23.74
C GLY C 125 8.39 0.76 -22.29
N HIS C 126 7.96 1.97 -21.96
CA HIS C 126 8.13 2.45 -20.58
C HIS C 126 7.40 1.69 -19.50
N ALA C 127 6.15 1.37 -19.74
CA ALA C 127 5.35 0.66 -18.74
C ALA C 127 5.80 -0.78 -18.60
N LEU C 128 6.55 -1.27 -19.59
CA LEU C 128 7.05 -2.64 -19.63
C LEU C 128 8.36 -2.85 -18.90
N MET C 129 8.89 -1.77 -18.34
CA MET C 129 10.15 -1.84 -17.61
C MET C 129 10.00 -2.59 -16.27
N PHE C 130 8.80 -2.61 -15.72
CA PHE C 130 8.58 -3.30 -14.47
C PHE C 130 8.06 -4.72 -14.69
N GLU C 131 7.79 -5.08 -15.93
CA GLU C 131 7.27 -6.40 -16.18
C GLU C 131 8.26 -7.27 -16.95
N GLN C 132 7.83 -8.50 -17.22
CA GLN C 132 8.60 -9.50 -17.96
C GLN C 132 9.20 -8.99 -19.25
N ASP C 133 10.47 -9.24 -19.46
CA ASP C 133 11.09 -8.76 -20.68
C ASP C 133 10.35 -9.26 -21.94
N ARG C 134 9.79 -10.46 -21.84
CA ARG C 134 9.07 -11.06 -22.95
C ARG C 134 8.03 -10.10 -23.54
N LEU C 135 7.41 -9.30 -22.69
CA LEU C 135 6.41 -8.37 -23.17
C LEU C 135 6.96 -7.41 -24.24
N GLN C 136 8.17 -6.94 -23.99
CA GLN C 136 8.82 -6.02 -24.89
C GLN C 136 9.00 -6.73 -26.23
N GLY C 137 9.40 -7.99 -26.19
CA GLY C 137 9.57 -8.73 -27.41
C GLY C 137 8.26 -8.76 -28.19
N ARG C 138 7.16 -8.86 -27.46
CA ARG C 138 5.83 -8.86 -28.06
C ARG C 138 5.68 -7.53 -28.76
N ILE C 139 5.97 -6.44 -28.06
CA ILE C 139 5.85 -5.15 -28.67
C ILE C 139 6.76 -4.99 -29.88
N ASN C 140 7.94 -5.61 -29.85
CA ASN C 140 8.85 -5.48 -30.99
C ASN C 140 8.26 -6.19 -32.20
N GLN C 141 7.56 -7.29 -31.97
CA GLN C 141 6.92 -8.03 -33.07
C GLN C 141 5.86 -7.17 -33.74
N LEU C 142 5.13 -6.39 -32.95
CA LEU C 142 4.06 -5.52 -33.48
C LEU C 142 4.69 -4.51 -34.42
N PHE C 143 5.68 -3.78 -33.91
CA PHE C 143 6.40 -2.81 -34.71
C PHE C 143 6.96 -3.44 -35.99
N GLU C 144 7.47 -4.66 -35.91
CA GLU C 144 7.98 -5.30 -37.11
C GLU C 144 6.82 -5.59 -38.10
N ARG C 145 5.68 -5.96 -37.53
CA ARG C 145 4.48 -6.25 -38.31
C ARG C 145 3.97 -4.98 -38.99
N ILE C 146 3.89 -3.91 -38.21
CA ILE C 146 3.48 -2.65 -38.78
C ILE C 146 4.44 -2.23 -39.90
N GLU C 147 5.75 -2.39 -39.67
CA GLU C 147 6.72 -1.99 -40.69
C GLU C 147 6.51 -2.76 -42.00
N ALA C 148 6.25 -4.06 -41.88
CA ALA C 148 6.00 -4.93 -43.04
C ALA C 148 4.85 -4.38 -43.85
N GLN C 149 3.81 -3.92 -43.16
CA GLN C 149 2.72 -3.33 -43.88
C GLN C 149 3.23 -2.11 -44.64
N LEU C 150 3.92 -1.19 -43.96
CA LEU C 150 4.42 -0.01 -44.68
C LEU C 150 5.26 -0.44 -45.87
N ARG C 151 6.08 -1.46 -45.66
CA ARG C 151 6.97 -1.97 -46.71
C ARG C 151 6.22 -2.59 -47.93
N GLN C 152 5.12 -3.28 -47.63
CA GLN C 152 4.31 -3.86 -48.70
C GLN C 152 3.67 -2.71 -49.45
N VAL C 153 3.23 -1.68 -48.73
CA VAL C 153 2.57 -0.56 -49.39
C VAL C 153 3.50 0.15 -50.33
N LEU C 154 4.76 0.30 -49.91
CA LEU C 154 5.76 0.97 -50.74
C LEU C 154 6.14 0.10 -51.96
N ARG C 155 6.30 -1.19 -51.77
CA ARG C 155 6.63 -2.08 -52.87
C ARG C 155 5.57 -2.14 -53.97
N GLU C 156 4.33 -1.90 -53.61
CA GLU C 156 3.22 -1.98 -54.56
C GLU C 156 3.08 -0.76 -55.43
N LYS C 157 3.61 0.37 -54.97
CA LYS C 157 3.55 1.61 -55.75
C LYS C 157 4.12 1.38 -57.17
N ARG C 158 5.14 0.52 -57.28
CA ARG C 158 5.74 0.23 -58.58
C ARG C 158 4.73 -0.34 -59.58
N MET C 159 4.03 -1.41 -59.18
CA MET C 159 3.02 -2.02 -60.04
C MET C 159 1.85 -1.08 -60.31
N ARG C 160 1.29 -0.58 -59.21
CA ARG C 160 0.15 0.30 -59.27
C ARG C 160 0.34 1.57 -60.06
N GLU C 161 1.18 2.47 -59.58
CA GLU C 161 1.40 3.73 -60.29
C GLU C 161 2.54 3.66 -61.31
N GLY C 162 3.18 2.51 -61.41
CA GLY C 162 4.25 2.35 -62.39
C GLY C 162 5.65 2.71 -61.91
N GLU C 163 5.81 3.96 -61.47
CA GLU C 163 7.10 4.42 -60.99
C GLU C 163 7.41 3.89 -59.56
N GLY C 164 8.69 3.70 -59.27
CA GLY C 164 9.07 3.22 -57.96
C GLY C 164 9.50 4.35 -57.06
N TYR C 165 10.38 4.04 -56.11
CA TYR C 165 10.91 5.01 -55.17
C TYR C 165 12.44 5.18 -55.23
N ALA C 166 12.91 6.42 -55.24
CA ALA C 166 14.35 6.73 -55.27
C ALA C 166 15.04 6.04 -54.10
N THR C 167 14.58 6.35 -52.89
CA THR C 167 15.10 5.77 -51.66
C THR C 167 14.89 4.26 -51.64
N ASP C 168 15.28 3.64 -50.53
CA ASP C 168 15.14 2.20 -50.38
C ASP C 168 13.85 1.85 -49.62
N GLU C 169 13.03 0.99 -50.22
CA GLU C 169 11.75 0.65 -49.60
C GLU C 169 11.87 0.43 -48.10
N THR C 170 12.85 -0.40 -47.72
CA THR C 170 13.09 -0.76 -46.33
C THR C 170 13.54 0.43 -45.51
N LEU C 171 14.36 1.27 -46.13
CA LEU C 171 14.87 2.46 -45.49
C LEU C 171 13.73 3.48 -45.32
N LEU C 172 12.76 3.47 -46.23
CA LEU C 172 11.63 4.38 -46.15
C LEU C 172 10.66 4.00 -45.02
N ALA C 173 10.43 2.72 -44.80
CA ALA C 173 9.49 2.32 -43.75
C ALA C 173 10.03 2.66 -42.37
N SER C 174 11.31 2.37 -42.19
CA SER C 174 11.98 2.65 -40.95
C SER C 174 12.01 4.17 -40.75
N GLN C 175 12.06 4.92 -41.84
CA GLN C 175 12.07 6.37 -41.74
C GLN C 175 10.72 6.89 -41.26
N ILE C 176 9.63 6.33 -41.79
CA ILE C 176 8.29 6.74 -41.38
C ILE C 176 8.03 6.27 -39.96
N LEU C 177 8.43 5.04 -39.71
CA LEU C 177 8.23 4.44 -38.41
C LEU C 177 8.89 5.25 -37.34
N ALA C 178 10.12 5.67 -37.64
CA ALA C 178 10.92 6.45 -36.68
C ALA C 178 10.21 7.70 -36.26
N PHE C 179 9.60 8.39 -37.22
CA PHE C 179 8.84 9.61 -36.96
C PHE C 179 7.70 9.27 -36.01
N CYS C 180 7.02 8.16 -36.30
CA CYS C 180 5.91 7.77 -35.47
C CYS C 180 6.36 7.39 -34.07
N GLU C 181 7.41 6.58 -33.94
CA GLU C 181 7.85 6.21 -32.60
C GLU C 181 8.32 7.47 -31.89
N GLY C 182 8.87 8.39 -32.64
CA GLY C 182 9.33 9.62 -32.04
C GLY C 182 8.17 10.43 -31.46
N MET C 183 7.10 10.58 -32.24
CA MET C 183 5.96 11.35 -31.75
C MET C 183 5.30 10.76 -30.47
N LEU C 184 5.24 9.42 -30.40
CA LEU C 184 4.66 8.76 -29.26
C LEU C 184 5.61 8.88 -28.09
N SER C 185 6.91 8.91 -28.36
CA SER C 185 7.87 9.03 -27.28
C SER C 185 7.67 10.34 -26.52
N ARG C 186 7.69 11.42 -27.27
CA ARG C 186 7.53 12.73 -26.70
C ARG C 186 6.16 12.85 -26.03
N PHE C 187 5.18 12.14 -26.55
CA PHE C 187 3.84 12.23 -25.98
C PHE C 187 3.94 11.81 -24.52
N VAL C 188 4.60 10.70 -24.27
CA VAL C 188 4.78 10.17 -22.93
C VAL C 188 5.62 11.12 -22.04
N ARG C 189 6.80 11.53 -22.53
CA ARG C 189 7.69 12.43 -21.80
C ARG C 189 6.96 13.60 -21.23
N SER C 190 6.15 14.25 -22.06
CA SER C 190 5.44 15.43 -21.62
C SER C 190 4.23 15.14 -20.78
N GLU C 191 4.12 13.90 -20.32
CA GLU C 191 2.95 13.47 -19.55
C GLU C 191 1.68 13.78 -20.33
N PHE C 192 1.70 13.43 -21.61
CA PHE C 192 0.57 13.57 -22.51
C PHE C 192 0.13 14.99 -22.86
N LYS C 193 1.05 15.94 -22.83
CA LYS C 193 0.73 17.31 -23.19
C LYS C 193 0.93 17.56 -24.67
N TYR C 194 1.90 16.85 -25.24
CA TYR C 194 2.21 16.98 -26.65
C TYR C 194 1.40 15.97 -27.45
N ARG C 195 0.19 16.36 -27.86
CA ARG C 195 -0.73 15.51 -28.63
C ARG C 195 -0.15 15.11 -30.00
N PRO C 196 0.08 13.82 -30.21
CA PRO C 196 0.63 13.31 -31.47
C PRO C 196 0.01 13.85 -32.75
N THR C 197 -1.31 13.92 -32.78
CA THR C 197 -2.00 14.34 -33.99
C THR C 197 -2.08 15.80 -34.16
N ASP C 198 -1.69 16.53 -33.13
CA ASP C 198 -1.73 17.99 -33.30
C ASP C 198 -0.84 18.37 -34.48
N ASP C 199 -1.38 19.24 -35.31
CA ASP C 199 -0.66 19.76 -36.46
C ASP C 199 -0.25 18.68 -37.44
N PHE C 200 -1.01 17.60 -37.50
CA PHE C 200 -0.67 16.54 -38.43
C PHE C 200 -0.80 16.97 -39.88
N ASP C 201 -1.91 17.64 -40.21
CA ASP C 201 -2.10 18.07 -41.57
C ASP C 201 -0.98 18.92 -42.12
N ALA C 202 -0.41 19.77 -41.27
CA ALA C 202 0.73 20.60 -41.67
C ALA C 202 2.03 19.77 -41.63
N ARG C 203 2.02 18.65 -40.91
CA ARG C 203 3.17 17.79 -40.82
C ARG C 203 3.28 16.79 -41.99
N TRP C 204 2.16 16.21 -42.40
CA TRP C 204 2.18 15.22 -43.45
C TRP C 204 2.97 15.53 -44.69
N PRO C 205 2.85 16.76 -45.20
CA PRO C 205 3.57 17.19 -46.40
C PRO C 205 5.08 16.98 -46.28
N LEU C 206 5.60 17.11 -45.06
CA LEU C 206 7.03 16.88 -44.77
C LEU C 206 7.35 15.41 -44.97
N ILE C 207 6.47 14.53 -44.53
CA ILE C 207 6.68 13.09 -44.70
C ILE C 207 6.50 12.73 -46.20
N ALA C 208 5.49 13.31 -46.82
CA ALA C 208 5.27 13.04 -48.22
C ALA C 208 6.57 13.31 -49.02
N ALA C 209 7.27 14.39 -48.67
CA ALA C 209 8.52 14.76 -49.35
C ALA C 209 9.57 13.67 -49.32
N GLN C 210 9.57 12.87 -48.26
CA GLN C 210 10.58 11.84 -48.13
C GLN C 210 10.24 10.68 -49.04
N LEU C 211 9.04 10.68 -49.61
CA LEU C 211 8.63 9.60 -50.51
C LEU C 211 9.29 9.77 -51.86
N GLN C 212 10.62 9.94 -51.82
CA GLN C 212 11.41 10.14 -53.03
C GLN C 212 11.33 8.92 -53.93
N ASN D 24 36.89 11.24 -8.44
CA ASN D 24 37.74 10.13 -7.94
C ASN D 24 36.94 8.82 -7.99
N ARG D 25 36.33 8.47 -6.86
CA ARG D 25 35.53 7.25 -6.75
C ARG D 25 34.16 7.59 -7.30
N ARG D 26 33.82 8.87 -7.20
CA ARG D 26 32.55 9.37 -7.67
C ARG D 26 32.43 9.02 -9.17
N GLU D 27 33.53 9.10 -9.89
CA GLU D 27 33.49 8.77 -11.30
C GLU D 27 33.52 7.29 -11.46
N GLU D 28 34.08 6.60 -10.48
CA GLU D 28 34.17 5.14 -10.55
C GLU D 28 32.77 4.56 -10.59
N ILE D 29 31.90 5.10 -9.75
CA ILE D 29 30.53 4.67 -9.64
C ILE D 29 29.77 4.94 -10.93
N LEU D 30 29.77 6.19 -11.34
CA LEU D 30 29.07 6.62 -12.52
C LEU D 30 29.47 5.77 -13.70
N GLN D 31 30.78 5.59 -13.87
CA GLN D 31 31.29 4.83 -14.99
C GLN D 31 30.74 3.40 -14.95
N SER D 32 30.46 2.93 -13.75
CA SER D 32 29.95 1.59 -13.56
C SER D 32 28.46 1.52 -13.73
N LEU D 33 27.79 2.58 -13.27
CA LEU D 33 26.35 2.66 -13.36
C LEU D 33 25.96 2.66 -14.83
N ALA D 34 26.82 3.25 -15.66
CA ALA D 34 26.55 3.31 -17.09
C ALA D 34 26.76 1.92 -17.66
N LEU D 35 27.97 1.37 -17.52
CA LEU D 35 28.30 0.04 -18.05
C LEU D 35 27.16 -0.93 -17.77
N MET D 36 26.55 -0.76 -16.62
CA MET D 36 25.48 -1.66 -16.26
C MET D 36 24.24 -1.30 -17.03
N LEU D 37 24.00 0.00 -17.10
CA LEU D 37 22.86 0.57 -17.78
C LEU D 37 22.90 0.17 -19.27
N GLU D 38 24.07 -0.27 -19.74
CA GLU D 38 24.27 -0.70 -21.13
C GLU D 38 24.15 -2.20 -21.27
N SER D 39 24.43 -2.92 -20.19
CA SER D 39 24.35 -4.38 -20.21
C SER D 39 22.92 -4.81 -20.43
N SER D 40 22.72 -6.11 -20.57
CA SER D 40 21.39 -6.67 -20.77
C SER D 40 20.59 -6.58 -19.48
N ASP D 41 21.24 -6.16 -18.40
CA ASP D 41 20.58 -6.02 -17.11
C ASP D 41 20.15 -4.58 -16.85
N GLY D 42 20.51 -3.70 -17.78
CA GLY D 42 20.11 -2.31 -17.66
C GLY D 42 18.63 -2.15 -17.94
N SER D 43 18.02 -3.20 -18.49
CA SER D 43 16.60 -3.22 -18.82
C SER D 43 15.72 -3.45 -17.59
N GLN D 44 16.29 -3.23 -16.41
CA GLN D 44 15.58 -3.41 -15.14
C GLN D 44 16.30 -2.75 -13.97
N ARG D 45 15.53 -2.37 -12.96
CA ARG D 45 16.05 -1.72 -11.76
C ARG D 45 17.47 -2.08 -11.38
N ILE D 46 18.32 -1.06 -11.28
CA ILE D 46 19.72 -1.27 -10.91
C ILE D 46 19.85 -0.92 -9.45
N THR D 47 19.71 -1.93 -8.62
CA THR D 47 19.77 -1.75 -7.19
C THR D 47 21.12 -1.23 -6.73
N THR D 48 21.13 -0.51 -5.61
CA THR D 48 22.35 0.06 -5.04
C THR D 48 23.32 -1.03 -4.66
N ALA D 49 22.80 -2.19 -4.30
CA ALA D 49 23.63 -3.30 -3.89
C ALA D 49 24.36 -3.89 -5.06
N LYS D 50 23.60 -4.23 -6.07
CA LYS D 50 24.19 -4.83 -7.24
C LYS D 50 25.17 -3.83 -7.86
N LEU D 51 24.97 -2.55 -7.55
CA LEU D 51 25.84 -1.47 -8.05
C LEU D 51 27.13 -1.41 -7.25
N ALA D 52 26.97 -1.45 -5.92
CA ALA D 52 28.09 -1.43 -4.97
C ALA D 52 29.04 -2.58 -5.27
N ALA D 53 28.51 -3.66 -5.83
CA ALA D 53 29.30 -4.81 -6.18
C ALA D 53 30.12 -4.53 -7.44
N SER D 54 29.48 -3.97 -8.45
CA SER D 54 30.15 -3.67 -9.70
C SER D 54 31.37 -2.79 -9.44
N VAL D 55 31.22 -1.90 -8.47
CA VAL D 55 32.26 -0.95 -8.09
C VAL D 55 33.34 -1.64 -7.25
N GLY D 56 32.92 -2.68 -6.55
CA GLY D 56 33.83 -3.41 -5.69
C GLY D 56 33.94 -2.75 -4.33
N VAL D 57 32.83 -2.21 -3.83
CA VAL D 57 32.78 -1.53 -2.51
C VAL D 57 31.50 -1.89 -1.76
N SER D 58 31.10 -1.05 -0.83
CA SER D 58 29.90 -1.33 -0.07
C SER D 58 28.87 -0.26 -0.30
N GLU D 59 27.60 -0.63 -0.12
CA GLU D 59 26.47 0.30 -0.29
C GLU D 59 26.70 1.51 0.59
N ALA D 60 27.30 1.26 1.76
CA ALA D 60 27.60 2.32 2.72
C ALA D 60 28.55 3.34 2.12
N ALA D 61 29.53 2.84 1.37
CA ALA D 61 30.49 3.71 0.72
C ALA D 61 29.76 4.59 -0.30
N LEU D 62 28.95 3.95 -1.15
CA LEU D 62 28.19 4.66 -2.17
C LEU D 62 27.60 5.97 -1.66
N TYR D 63 26.97 5.93 -0.50
CA TYR D 63 26.34 7.11 0.05
C TYR D 63 27.30 8.11 0.69
N ARG D 64 28.60 7.82 0.65
CA ARG D 64 29.58 8.77 1.15
C ARG D 64 30.11 9.57 -0.06
N HIS D 65 29.56 9.30 -1.24
CA HIS D 65 29.94 10.01 -2.47
C HIS D 65 28.70 10.63 -3.13
N PHE D 66 27.53 10.04 -2.86
CA PHE D 66 26.28 10.53 -3.41
C PHE D 66 25.23 10.55 -2.32
N PRO D 67 24.46 11.65 -2.24
CA PRO D 67 23.41 11.84 -1.25
C PRO D 67 22.29 10.83 -1.45
N SER D 68 22.15 10.36 -2.68
CA SER D 68 21.09 9.39 -3.03
C SER D 68 21.32 8.80 -4.41
N LYS D 69 20.55 7.76 -4.75
CA LYS D 69 20.73 7.15 -6.06
C LYS D 69 20.35 8.18 -7.13
N THR D 70 19.28 8.92 -6.86
CA THR D 70 18.86 9.96 -7.76
C THR D 70 20.01 10.87 -8.15
N ARG D 71 20.81 11.31 -7.17
CA ARG D 71 21.94 12.17 -7.48
C ARG D 71 22.84 11.48 -8.47
N MET D 72 22.94 10.15 -8.39
CA MET D 72 23.80 9.50 -9.36
C MET D 72 23.34 9.76 -10.81
N PHE D 73 22.04 9.57 -11.07
CA PHE D 73 21.46 9.77 -12.40
C PHE D 73 21.56 11.21 -12.84
N ASP D 74 21.34 12.11 -11.87
CA ASP D 74 21.45 13.53 -12.09
C ASP D 74 22.84 13.87 -12.61
N SER D 75 23.83 13.17 -12.14
CA SER D 75 25.15 13.47 -12.64
C SER D 75 25.29 12.95 -14.05
N LEU D 76 24.68 11.81 -14.37
CA LEU D 76 24.81 11.29 -15.73
C LEU D 76 24.07 12.21 -16.68
N ILE D 77 22.90 12.65 -16.26
CA ILE D 77 22.11 13.55 -17.08
C ILE D 77 22.94 14.81 -17.36
N GLU D 78 23.64 15.30 -16.34
CA GLU D 78 24.48 16.49 -16.50
C GLU D 78 25.59 16.24 -17.49
N PHE D 79 26.25 15.10 -17.39
CA PHE D 79 27.29 14.74 -18.35
C PHE D 79 26.72 14.74 -19.78
N ILE D 80 25.57 14.07 -19.95
CA ILE D 80 24.91 13.96 -21.24
C ILE D 80 24.63 15.32 -21.79
N GLU D 81 23.96 16.14 -20.97
CA GLU D 81 23.64 17.49 -21.39
C GLU D 81 24.88 18.27 -21.82
N ASP D 82 25.97 18.15 -21.06
CA ASP D 82 27.24 18.83 -21.36
C ASP D 82 27.85 18.36 -22.67
N SER D 83 27.93 17.06 -22.85
CA SER D 83 28.48 16.54 -24.09
C SER D 83 27.68 17.05 -25.28
N LEU D 84 26.37 16.94 -25.24
CA LEU D 84 25.58 17.37 -26.39
C LEU D 84 25.56 18.88 -26.64
N ILE D 85 25.36 19.68 -25.60
CA ILE D 85 25.33 21.12 -25.79
C ILE D 85 26.68 21.63 -26.27
N THR D 86 27.74 21.17 -25.63
CA THR D 86 29.08 21.59 -26.06
C THR D 86 29.27 21.29 -27.54
N ARG D 87 29.20 20.01 -27.91
CA ARG D 87 29.35 19.57 -29.29
C ARG D 87 28.49 20.40 -30.24
N ILE D 88 27.30 20.78 -29.80
CA ILE D 88 26.42 21.52 -30.68
C ILE D 88 27.02 22.90 -30.93
N ASN D 89 27.38 23.60 -29.86
CA ASN D 89 27.95 24.94 -30.03
C ASN D 89 29.18 24.94 -30.91
N LEU D 90 29.98 23.88 -30.82
CA LEU D 90 31.14 23.80 -31.69
C LEU D 90 30.66 23.69 -33.14
N ILE D 91 29.67 22.83 -33.39
CA ILE D 91 29.13 22.65 -34.74
C ILE D 91 28.78 24.02 -35.34
N LEU D 92 28.11 24.85 -34.55
CA LEU D 92 27.72 26.16 -35.03
C LEU D 92 28.92 27.04 -35.37
N LYS D 93 30.04 26.85 -34.68
CA LYS D 93 31.24 27.63 -34.99
C LYS D 93 32.00 27.11 -36.19
N ASP D 94 32.05 25.79 -36.38
CA ASP D 94 32.81 25.20 -37.49
C ASP D 94 32.10 25.10 -38.82
N GLU D 95 30.79 25.34 -38.79
CA GLU D 95 29.98 25.25 -40.00
C GLU D 95 29.00 26.40 -40.12
N LYS D 96 28.96 27.01 -41.30
CA LYS D 96 28.11 28.17 -41.53
C LYS D 96 26.88 27.81 -42.30
N ASP D 97 26.94 26.76 -43.10
CA ASP D 97 25.79 26.35 -43.90
C ASP D 97 24.65 25.87 -43.00
N THR D 98 23.48 26.46 -43.18
CA THR D 98 22.32 26.09 -42.38
C THR D 98 22.03 24.58 -42.44
N THR D 99 21.97 24.05 -43.65
CA THR D 99 21.64 22.65 -43.79
C THR D 99 22.74 21.79 -43.25
N ALA D 100 23.98 22.08 -43.61
CA ALA D 100 25.12 21.29 -43.15
C ALA D 100 25.15 21.22 -41.66
N ARG D 101 24.62 22.26 -41.03
CA ARG D 101 24.61 22.36 -39.59
C ARG D 101 23.70 21.31 -39.02
N LEU D 102 22.47 21.30 -39.50
CA LEU D 102 21.47 20.31 -39.09
C LEU D 102 22.01 18.89 -39.31
N ARG D 103 22.57 18.64 -40.50
CA ARG D 103 23.10 17.33 -40.80
C ARG D 103 24.02 16.87 -39.72
N LEU D 104 24.97 17.70 -39.31
CA LEU D 104 25.91 17.31 -38.26
C LEU D 104 25.21 17.19 -36.91
N ILE D 105 24.29 18.10 -36.58
CA ILE D 105 23.59 18.03 -35.30
C ILE D 105 22.80 16.75 -35.17
N VAL D 106 22.12 16.35 -36.24
CA VAL D 106 21.38 15.10 -36.19
C VAL D 106 22.37 13.93 -36.02
N LEU D 107 23.48 13.95 -36.74
CA LEU D 107 24.45 12.86 -36.68
C LEU D 107 25.09 12.77 -35.30
N LEU D 108 25.17 13.93 -34.66
CA LEU D 108 25.73 14.02 -33.31
C LEU D 108 24.82 13.25 -32.35
N LEU D 109 23.52 13.56 -32.36
CA LEU D 109 22.61 12.84 -31.49
C LEU D 109 22.72 11.37 -31.78
N LEU D 110 22.44 10.98 -33.02
CA LEU D 110 22.53 9.55 -33.32
C LEU D 110 23.88 8.98 -32.88
N GLY D 111 24.98 9.66 -33.23
CA GLY D 111 26.30 9.16 -32.85
C GLY D 111 26.47 8.97 -31.35
N PHE D 112 26.12 9.98 -30.56
CA PHE D 112 26.26 9.90 -29.11
C PHE D 112 25.49 8.73 -28.58
N GLY D 113 24.22 8.66 -28.97
CA GLY D 113 23.40 7.57 -28.52
C GLY D 113 24.05 6.22 -28.79
N GLU D 114 24.52 6.01 -30.02
CA GLU D 114 25.14 4.73 -30.38
C GLU D 114 26.37 4.41 -29.55
N ARG D 115 27.18 5.45 -29.29
CA ARG D 115 28.40 5.31 -28.52
C ARG D 115 28.15 5.25 -27.03
N ASN D 116 26.91 5.46 -26.60
CA ASN D 116 26.58 5.40 -25.19
C ASN D 116 25.22 4.74 -24.95
N PRO D 117 25.09 3.45 -25.29
CA PRO D 117 23.83 2.73 -25.12
C PRO D 117 23.24 2.92 -23.75
N GLY D 118 24.06 2.77 -22.72
CA GLY D 118 23.56 2.91 -21.37
C GLY D 118 22.99 4.30 -21.12
N LEU D 119 23.71 5.33 -21.54
CA LEU D 119 23.20 6.67 -21.32
C LEU D 119 21.98 6.91 -22.21
N THR D 120 21.85 6.16 -23.29
CA THR D 120 20.69 6.35 -24.16
C THR D 120 19.40 5.92 -23.45
N ARG D 121 19.48 4.85 -22.64
CA ARG D 121 18.34 4.35 -21.87
C ARG D 121 17.86 5.44 -20.93
N ILE D 122 18.73 6.42 -20.68
CA ILE D 122 18.32 7.54 -19.85
C ILE D 122 17.64 8.56 -20.78
N LEU D 123 18.22 8.79 -21.97
CA LEU D 123 17.65 9.75 -22.92
C LEU D 123 16.24 9.35 -23.33
N THR D 124 16.05 8.07 -23.60
CA THR D 124 14.77 7.57 -24.01
C THR D 124 13.78 7.52 -22.84
N GLY D 125 14.29 7.71 -21.63
CA GLY D 125 13.46 7.71 -20.43
C GLY D 125 13.21 6.39 -19.73
N HIS D 126 13.59 5.30 -20.41
CA HIS D 126 13.36 3.95 -19.91
C HIS D 126 13.99 3.68 -18.57
N ALA D 127 15.27 4.05 -18.42
CA ALA D 127 15.98 3.82 -17.17
C ALA D 127 15.44 4.66 -16.03
N LEU D 128 14.92 5.82 -16.35
CA LEU D 128 14.41 6.67 -15.30
C LEU D 128 13.07 6.19 -14.79
N MET D 129 12.54 5.10 -15.35
CA MET D 129 11.23 4.64 -14.87
C MET D 129 11.28 4.24 -13.42
N PHE D 130 12.44 3.74 -12.97
CA PHE D 130 12.63 3.32 -11.59
C PHE D 130 13.01 4.45 -10.65
N GLU D 131 13.44 5.58 -11.19
CA GLU D 131 13.87 6.70 -10.38
C GLU D 131 12.76 7.70 -10.17
N GLN D 132 13.01 8.77 -9.39
CA GLN D 132 11.99 9.77 -9.12
C GLN D 132 11.70 10.60 -10.35
N ASP D 133 10.43 10.95 -10.52
CA ASP D 133 9.98 11.68 -11.68
C ASP D 133 10.78 12.94 -12.03
N ARG D 134 11.15 13.73 -11.03
CA ARG D 134 11.90 14.95 -11.30
C ARG D 134 13.02 14.74 -12.33
N LEU D 135 13.65 13.56 -12.33
CA LEU D 135 14.74 13.28 -13.28
C LEU D 135 14.31 13.30 -14.74
N GLN D 136 13.07 12.87 -15.01
CA GLN D 136 12.54 12.88 -16.37
C GLN D 136 12.32 14.34 -16.82
N GLY D 137 11.94 15.18 -15.87
CA GLY D 137 11.73 16.58 -16.19
C GLY D 137 13.04 17.18 -16.63
N ARG D 138 14.12 16.60 -16.15
CA ARG D 138 15.43 17.08 -16.50
C ARG D 138 15.73 16.75 -17.94
N ILE D 139 15.46 15.51 -18.33
CA ILE D 139 15.69 15.06 -19.70
C ILE D 139 14.78 15.85 -20.65
N ASN D 140 13.62 16.24 -20.14
CA ASN D 140 12.72 17.04 -20.96
C ASN D 140 13.37 18.38 -21.27
N GLN D 141 13.92 19.03 -20.25
CA GLN D 141 14.56 20.32 -20.49
C GLN D 141 15.72 20.18 -21.45
N LEU D 142 16.46 19.08 -21.34
CA LEU D 142 17.58 18.85 -22.24
C LEU D 142 17.04 18.93 -23.66
N PHE D 143 15.98 18.18 -23.90
CA PHE D 143 15.37 18.17 -25.22
C PHE D 143 14.87 19.56 -25.63
N GLU D 144 14.26 20.28 -24.69
CA GLU D 144 13.76 21.63 -24.95
C GLU D 144 14.94 22.47 -25.45
N ARG D 145 16.08 22.30 -24.77
CA ARG D 145 17.32 22.97 -25.10
C ARG D 145 17.79 22.55 -26.52
N ILE D 146 17.81 21.27 -26.83
CA ILE D 146 18.19 20.83 -28.18
C ILE D 146 17.23 21.35 -29.27
N GLU D 147 15.97 21.51 -28.93
CA GLU D 147 15.00 21.98 -29.92
C GLU D 147 15.22 23.45 -30.22
N ALA D 148 15.47 24.22 -29.15
CA ALA D 148 15.73 25.65 -29.29
C ALA D 148 16.88 25.85 -30.25
N GLN D 149 17.93 25.02 -30.13
CA GLN D 149 19.07 25.16 -31.02
C GLN D 149 18.64 24.92 -32.46
N LEU D 150 18.12 23.72 -32.70
CA LEU D 150 17.60 23.36 -34.02
C LEU D 150 16.73 24.50 -34.59
N ARG D 151 15.94 25.10 -33.72
CA ARG D 151 15.07 26.17 -34.16
C ARG D 151 15.88 27.42 -34.52
N GLN D 152 16.90 27.75 -33.72
CA GLN D 152 17.73 28.92 -33.98
C GLN D 152 18.41 28.80 -35.35
N VAL D 153 18.93 27.60 -35.62
CA VAL D 153 19.59 27.32 -36.88
C VAL D 153 18.68 27.61 -38.07
N LEU D 154 17.46 27.09 -38.04
CA LEU D 154 16.56 27.31 -39.17
C LEU D 154 16.07 28.72 -39.25
N ARG D 155 15.89 29.31 -38.09
CA ARG D 155 15.46 30.68 -37.98
C ARG D 155 16.45 31.58 -38.70
N GLU D 156 17.74 31.24 -38.62
CA GLU D 156 18.84 32.03 -39.21
C GLU D 156 19.09 31.81 -40.71
N LYS D 157 18.43 30.83 -41.28
CA LYS D 157 18.61 30.55 -42.70
C LYS D 157 18.21 31.79 -43.47
N ARG D 158 17.21 32.50 -42.92
CA ARG D 158 16.66 33.71 -43.52
C ARG D 158 17.73 34.76 -43.72
N MET D 159 18.42 35.13 -42.64
CA MET D 159 19.45 36.16 -42.72
C MET D 159 20.64 35.69 -43.55
N ARG D 160 21.03 34.45 -43.31
CA ARG D 160 22.17 33.89 -44.01
C ARG D 160 21.99 33.57 -45.49
N GLU D 161 20.82 33.09 -45.86
CA GLU D 161 20.54 32.71 -47.23
C GLU D 161 19.48 33.54 -47.92
N GLY D 162 18.85 34.47 -47.21
CA GLY D 162 17.86 35.30 -47.85
C GLY D 162 16.44 34.77 -47.78
N GLU D 163 16.25 33.50 -48.13
CA GLU D 163 14.94 32.85 -48.11
C GLU D 163 14.76 31.99 -46.86
N GLY D 164 13.56 32.02 -46.28
CA GLY D 164 13.31 31.21 -45.08
C GLY D 164 12.79 29.82 -45.41
N TYR D 165 11.81 29.37 -44.64
CA TYR D 165 11.26 28.05 -44.90
C TYR D 165 9.75 28.16 -45.18
N ALA D 166 9.21 27.14 -45.83
CA ALA D 166 7.79 27.10 -46.14
C ALA D 166 7.06 26.75 -44.84
N THR D 167 7.40 25.58 -44.30
CA THR D 167 6.80 25.12 -43.06
C THR D 167 7.18 26.02 -41.89
N ASP D 168 6.38 26.01 -40.84
CA ASP D 168 6.66 26.79 -39.65
C ASP D 168 7.95 26.28 -39.00
N GLU D 169 8.79 27.19 -38.51
CA GLU D 169 10.07 26.82 -37.95
C GLU D 169 9.93 25.84 -36.79
N THR D 170 8.97 26.13 -35.92
CA THR D 170 8.79 25.30 -34.75
C THR D 170 8.45 23.89 -35.13
N LEU D 171 7.46 23.75 -36.01
CA LEU D 171 7.04 22.45 -36.51
C LEU D 171 8.23 21.72 -37.18
N LEU D 172 9.06 22.45 -37.94
CA LEU D 172 10.19 21.79 -38.59
C LEU D 172 11.20 21.16 -37.64
N ALA D 173 11.44 21.78 -36.51
CA ALA D 173 12.41 21.27 -35.57
C ALA D 173 11.84 20.08 -34.85
N SER D 174 10.53 20.08 -34.58
CA SER D 174 9.94 18.92 -33.89
C SER D 174 10.02 17.69 -34.77
N GLN D 175 9.85 17.88 -36.07
CA GLN D 175 9.87 16.80 -37.05
C GLN D 175 11.28 16.21 -37.01
N ILE D 176 12.28 17.09 -37.01
CA ILE D 176 13.68 16.64 -36.91
C ILE D 176 13.86 15.88 -35.57
N LEU D 177 13.54 16.54 -34.45
CA LEU D 177 13.69 15.91 -33.15
C LEU D 177 12.96 14.61 -33.06
N ALA D 178 11.73 14.59 -33.57
CA ALA D 178 10.90 13.37 -33.57
C ALA D 178 11.62 12.18 -34.24
N PHE D 179 12.18 12.44 -35.41
CA PHE D 179 12.93 11.40 -36.10
C PHE D 179 14.02 10.93 -35.15
N CYS D 180 14.75 11.87 -34.53
CA CYS D 180 15.82 11.45 -33.62
C CYS D 180 15.35 10.61 -32.42
N GLU D 181 14.39 11.13 -31.67
CA GLU D 181 13.95 10.32 -30.54
C GLU D 181 13.55 8.97 -31.05
N GLY D 182 12.80 8.95 -32.14
CA GLY D 182 12.36 7.69 -32.70
C GLY D 182 13.47 6.69 -33.00
N MET D 183 14.58 7.20 -33.54
CA MET D 183 15.73 6.37 -33.86
C MET D 183 16.36 5.85 -32.56
N LEU D 184 16.38 6.68 -31.53
CA LEU D 184 16.95 6.22 -30.30
C LEU D 184 15.99 5.22 -29.64
N SER D 185 14.68 5.49 -29.72
CA SER D 185 13.69 4.58 -29.14
C SER D 185 13.89 3.19 -29.73
N ARG D 186 13.92 3.10 -31.05
CA ARG D 186 14.15 1.79 -31.65
C ARG D 186 15.50 1.20 -31.21
N PHE D 187 16.56 2.00 -31.19
CA PHE D 187 17.87 1.52 -30.78
C PHE D 187 17.76 0.77 -29.46
N VAL D 188 17.04 1.33 -28.47
CA VAL D 188 16.84 0.68 -27.17
C VAL D 188 15.93 -0.56 -27.27
N ARG D 189 14.83 -0.45 -28.00
CA ARG D 189 13.92 -1.59 -28.17
C ARG D 189 14.64 -2.84 -28.58
N SER D 190 15.32 -2.78 -29.71
CA SER D 190 16.05 -3.93 -30.23
C SER D 190 17.20 -4.37 -29.33
N GLU D 191 17.30 -3.77 -28.16
CA GLU D 191 18.39 -4.04 -27.25
C GLU D 191 19.76 -3.64 -27.84
N PHE D 192 19.78 -2.53 -28.57
CA PHE D 192 20.98 -2.00 -29.18
C PHE D 192 21.42 -2.69 -30.45
N LYS D 193 20.51 -3.40 -31.10
CA LYS D 193 20.84 -4.10 -32.35
C LYS D 193 20.64 -3.18 -33.53
N TYR D 194 19.73 -2.22 -33.39
CA TYR D 194 19.41 -1.27 -34.46
C TYR D 194 20.20 0.02 -34.21
N ARG D 195 21.36 0.09 -34.85
CA ARG D 195 22.25 1.21 -34.69
C ARG D 195 21.71 2.44 -35.40
N PRO D 196 21.68 3.57 -34.70
CA PRO D 196 21.18 4.85 -35.23
C PRO D 196 21.91 5.39 -36.42
N THR D 197 23.23 5.37 -36.38
CA THR D 197 24.00 5.95 -37.48
C THR D 197 24.06 5.06 -38.71
N ASP D 198 23.48 3.88 -38.63
CA ASP D 198 23.50 3.01 -39.80
C ASP D 198 22.65 3.63 -40.93
N ASP D 199 23.25 3.67 -42.13
CA ASP D 199 22.64 4.18 -43.35
C ASP D 199 22.28 5.66 -43.25
N PHE D 200 22.88 6.35 -42.28
CA PHE D 200 22.64 7.78 -42.06
C PHE D 200 22.88 8.57 -43.33
N ASP D 201 23.96 8.23 -44.04
CA ASP D 201 24.26 8.93 -45.26
C ASP D 201 23.14 8.81 -46.27
N ALA D 202 22.47 7.68 -46.27
CA ALA D 202 21.36 7.49 -47.18
C ALA D 202 20.04 8.14 -46.65
N ARG D 203 19.90 8.21 -45.32
CA ARG D 203 18.71 8.77 -44.68
C ARG D 203 18.66 10.29 -44.75
N TRP D 204 19.80 10.97 -44.52
CA TRP D 204 19.87 12.43 -44.50
C TRP D 204 19.13 13.10 -45.67
N PRO D 205 19.23 12.53 -46.88
CA PRO D 205 18.56 13.08 -48.06
C PRO D 205 17.05 13.14 -47.80
N LEU D 206 16.54 12.21 -46.99
CA LEU D 206 15.12 12.20 -46.71
C LEU D 206 14.74 13.32 -45.78
N ILE D 207 15.51 13.46 -44.70
CA ILE D 207 15.25 14.56 -43.76
C ILE D 207 15.42 15.92 -44.51
N ALA D 208 16.44 16.00 -45.34
CA ALA D 208 16.70 17.24 -46.04
C ALA D 208 15.51 17.66 -46.90
N ALA D 209 14.89 16.67 -47.54
CA ALA D 209 13.77 16.97 -48.41
C ALA D 209 12.61 17.55 -47.62
N GLN D 210 12.74 17.64 -46.30
CA GLN D 210 11.65 18.21 -45.49
C GLN D 210 11.88 19.71 -45.26
N LEU D 211 13.14 20.12 -45.24
CA LEU D 211 13.46 21.51 -45.04
C LEU D 211 13.06 22.29 -46.28
N GLN D 212 11.76 22.58 -46.38
CA GLN D 212 11.21 23.30 -47.53
C GLN D 212 10.46 24.57 -47.12
N ARG E 23 9.18 20.56 28.81
CA ARG E 23 9.50 20.04 30.18
C ARG E 23 8.34 20.25 31.14
N ASN E 24 8.50 21.19 32.07
CA ASN E 24 7.46 21.50 33.05
C ASN E 24 6.23 22.01 32.32
N ARG E 25 6.35 22.17 31.01
CA ARG E 25 5.26 22.65 30.18
C ARG E 25 4.62 21.52 29.37
N ARG E 26 5.47 20.68 28.75
CA ARG E 26 4.99 19.54 27.96
C ARG E 26 4.45 18.44 28.90
N GLU E 27 5.31 18.03 29.81
CA GLU E 27 4.98 17.02 30.78
C GLU E 27 3.74 17.43 31.52
N GLU E 28 3.68 18.69 31.93
CA GLU E 28 2.52 19.20 32.66
C GLU E 28 1.22 18.90 31.91
N ILE E 29 1.30 18.86 30.58
CA ILE E 29 0.14 18.54 29.76
C ILE E 29 -0.15 17.05 29.81
N LEU E 30 0.86 16.22 29.56
CA LEU E 30 0.67 14.76 29.61
C LEU E 30 0.23 14.26 31.00
N GLN E 31 0.77 14.85 32.05
CA GLN E 31 0.41 14.46 33.40
C GLN E 31 -1.02 14.89 33.67
N SER E 32 -1.44 16.02 33.10
CA SER E 32 -2.81 16.50 33.32
C SER E 32 -3.77 15.61 32.59
N LEU E 33 -3.33 15.09 31.45
CA LEU E 33 -4.16 14.21 30.62
C LEU E 33 -4.36 12.87 31.32
N ALA E 34 -3.40 12.50 32.16
CA ALA E 34 -3.45 11.25 32.90
C ALA E 34 -4.46 11.35 34.07
N LEU E 35 -4.40 12.45 34.79
CA LEU E 35 -5.32 12.69 35.89
C LEU E 35 -6.74 12.62 35.38
N MET E 36 -7.02 13.30 34.26
CA MET E 36 -8.36 13.32 33.68
C MET E 36 -8.81 11.94 33.23
N LEU E 37 -7.87 11.16 32.69
CA LEU E 37 -8.14 9.79 32.23
C LEU E 37 -8.44 8.88 33.42
N GLU E 38 -7.94 9.32 34.58
CA GLU E 38 -8.12 8.63 35.85
C GLU E 38 -9.38 9.11 36.57
N SER E 39 -9.67 10.40 36.43
CA SER E 39 -10.83 11.00 37.07
C SER E 39 -12.12 10.55 36.40
N SER E 40 -13.25 10.99 36.97
CA SER E 40 -14.56 10.64 36.42
C SER E 40 -14.70 11.13 34.98
N ASP E 41 -13.94 12.18 34.67
CA ASP E 41 -13.93 12.77 33.36
C ASP E 41 -13.41 11.76 32.34
N GLY E 42 -12.61 10.81 32.82
CA GLY E 42 -12.07 9.81 31.92
C GLY E 42 -13.12 8.94 31.29
N SER E 43 -14.38 9.08 31.70
CA SER E 43 -15.49 8.27 31.15
C SER E 43 -16.11 8.94 29.89
N GLN E 44 -15.56 10.09 29.53
CA GLN E 44 -16.00 10.85 28.37
C GLN E 44 -14.77 11.30 27.56
N ARG E 45 -15.00 11.71 26.31
CA ARG E 45 -13.90 12.16 25.47
C ARG E 45 -13.15 13.35 26.10
N ILE E 46 -11.83 13.30 26.07
CA ILE E 46 -11.01 14.39 26.62
C ILE E 46 -10.82 15.46 25.54
N THR E 47 -11.78 16.39 25.48
CA THR E 47 -11.77 17.49 24.51
C THR E 47 -10.66 18.44 24.92
N THR E 48 -9.94 18.93 23.90
CA THR E 48 -8.85 19.89 24.09
C THR E 48 -9.35 21.09 24.93
N ALA E 49 -10.66 21.31 24.88
CA ALA E 49 -11.30 22.40 25.64
C ALA E 49 -11.14 22.17 27.14
N LYS E 50 -11.43 20.94 27.52
CA LYS E 50 -11.34 20.56 28.90
C LYS E 50 -9.87 20.39 29.34
N LEU E 51 -9.07 19.76 28.50
CA LEU E 51 -7.67 19.54 28.80
C LEU E 51 -6.94 20.88 29.05
N ALA E 52 -7.27 21.90 28.28
CA ALA E 52 -6.66 23.22 28.43
C ALA E 52 -6.96 23.82 29.81
N ALA E 53 -8.24 23.77 30.20
CA ALA E 53 -8.71 24.29 31.50
C ALA E 53 -7.97 23.58 32.62
N SER E 54 -7.98 22.25 32.52
CA SER E 54 -7.31 21.40 33.49
C SER E 54 -5.85 21.80 33.65
N VAL E 55 -5.12 21.92 32.54
CA VAL E 55 -3.71 22.30 32.57
C VAL E 55 -3.52 23.71 33.15
N GLY E 56 -4.45 24.59 32.80
CA GLY E 56 -4.38 25.96 33.28
C GLY E 56 -3.79 26.94 32.27
N VAL E 57 -3.78 26.53 31.00
CA VAL E 57 -3.26 27.36 29.91
C VAL E 57 -4.35 27.59 28.87
N SER E 58 -3.99 28.27 27.80
CA SER E 58 -4.93 28.56 26.72
C SER E 58 -5.04 27.34 25.84
N GLU E 59 -6.22 27.15 25.27
CA GLU E 59 -6.44 26.02 24.40
C GLU E 59 -5.37 25.95 23.31
N ALA E 60 -4.92 27.11 22.82
CA ALA E 60 -3.88 27.13 21.79
C ALA E 60 -2.49 26.76 22.36
N ALA E 61 -2.19 27.16 23.60
CA ALA E 61 -0.91 26.82 24.20
C ALA E 61 -0.62 25.34 24.02
N LEU E 62 -1.66 24.52 24.04
CA LEU E 62 -1.50 23.07 23.85
C LEU E 62 -0.73 22.75 22.58
N TYR E 63 -1.26 23.21 21.45
CA TYR E 63 -0.62 22.95 20.16
C TYR E 63 0.81 23.52 19.98
N ARG E 64 1.22 24.36 20.92
CA ARG E 64 2.53 24.95 20.87
C ARG E 64 3.54 23.85 21.25
N HIS E 65 3.07 22.87 22.05
CA HIS E 65 3.93 21.77 22.50
C HIS E 65 3.60 20.44 21.85
N PHE E 66 2.42 20.38 21.23
CA PHE E 66 1.92 19.20 20.52
C PHE E 66 1.22 19.51 19.19
N PRO E 67 1.74 18.94 18.10
CA PRO E 67 1.13 19.19 16.79
C PRO E 67 -0.34 18.80 16.78
N SER E 68 -0.67 17.60 17.29
CA SER E 68 -2.04 17.09 17.32
C SER E 68 -2.37 16.42 18.63
N LYS E 69 -3.64 16.43 19.02
CA LYS E 69 -4.03 15.79 20.26
C LYS E 69 -3.62 14.31 20.25
N THR E 70 -3.69 13.69 19.07
CA THR E 70 -3.26 12.30 18.87
C THR E 70 -1.81 12.11 19.40
N ARG E 71 -0.94 13.02 19.04
CA ARG E 71 0.42 12.94 19.48
C ARG E 71 0.47 12.92 21.00
N MET E 72 -0.45 13.60 21.68
CA MET E 72 -0.41 13.58 23.15
C MET E 72 -0.60 12.16 23.66
N PHE E 73 -1.47 11.39 23.01
CA PHE E 73 -1.69 9.99 23.39
C PHE E 73 -0.45 9.14 23.04
N ASP E 74 0.12 9.36 21.87
CA ASP E 74 1.33 8.63 21.47
C ASP E 74 2.43 8.80 22.51
N SER E 75 2.51 9.98 23.11
CA SER E 75 3.53 10.27 24.14
C SER E 75 3.26 9.42 25.34
N LEU E 76 1.98 9.16 25.60
CA LEU E 76 1.60 8.35 26.72
C LEU E 76 1.82 6.89 26.35
N ILE E 77 1.54 6.53 25.11
CA ILE E 77 1.73 5.13 24.70
C ILE E 77 3.22 4.82 24.65
N GLU E 78 4.02 5.85 24.40
CA GLU E 78 5.47 5.69 24.37
C GLU E 78 5.90 5.35 25.78
N PHE E 79 5.58 6.23 26.73
CA PHE E 79 5.92 6.00 28.14
C PHE E 79 5.52 4.62 28.61
N ILE E 80 4.27 4.22 28.32
CA ILE E 80 3.76 2.89 28.72
C ILE E 80 4.59 1.78 28.09
N GLU E 81 4.78 1.85 26.79
CA GLU E 81 5.58 0.86 26.07
C GLU E 81 7.00 0.72 26.63
N ASP E 82 7.65 1.84 26.92
CA ASP E 82 8.99 1.82 27.51
C ASP E 82 8.97 1.26 28.93
N SER E 83 8.11 1.83 29.77
CA SER E 83 7.97 1.40 31.15
C SER E 83 7.77 -0.08 31.28
N LEU E 84 6.92 -0.65 30.42
CA LEU E 84 6.65 -2.09 30.48
C LEU E 84 7.74 -2.97 29.88
N ILE E 85 8.05 -2.74 28.60
CA ILE E 85 9.05 -3.57 27.92
C ILE E 85 10.39 -3.54 28.61
N THR E 86 10.82 -2.36 29.01
CA THR E 86 12.10 -2.20 29.65
C THR E 86 12.16 -2.99 30.94
N ARG E 87 11.20 -2.76 31.83
CA ARG E 87 11.20 -3.49 33.09
C ARG E 87 11.06 -5.00 32.84
N ILE E 88 10.43 -5.39 31.73
CA ILE E 88 10.29 -6.82 31.45
C ILE E 88 11.64 -7.40 31.09
N ASN E 89 12.38 -6.74 30.21
CA ASN E 89 13.71 -7.19 29.84
C ASN E 89 14.61 -7.26 31.10
N LEU E 90 14.42 -6.32 32.03
CA LEU E 90 15.19 -6.32 33.28
C LEU E 90 14.84 -7.54 34.14
N ILE E 91 13.65 -8.10 33.90
CA ILE E 91 13.21 -9.28 34.63
C ILE E 91 13.83 -10.54 34.03
N LEU E 92 14.03 -10.55 32.71
CA LEU E 92 14.59 -11.73 32.05
C LEU E 92 16.07 -11.92 32.27
N LYS E 93 16.78 -10.85 32.59
CA LYS E 93 18.21 -11.00 32.83
C LYS E 93 18.54 -11.16 34.31
N ASP E 94 17.64 -10.66 35.16
CA ASP E 94 17.80 -10.70 36.61
C ASP E 94 17.07 -11.87 37.27
N GLU E 95 16.54 -12.76 36.44
CA GLU E 95 15.81 -13.93 36.92
C GLU E 95 15.89 -15.05 35.87
N LYS E 96 16.35 -16.23 36.28
CA LYS E 96 16.45 -17.32 35.32
C LYS E 96 15.45 -18.41 35.57
N ASP E 97 14.66 -18.24 36.62
CA ASP E 97 13.62 -19.20 36.96
C ASP E 97 12.40 -18.92 36.07
N THR E 98 12.05 -19.88 35.22
CA THR E 98 10.92 -19.73 34.33
C THR E 98 9.67 -19.26 35.09
N THR E 99 9.29 -20.01 36.11
CA THR E 99 8.10 -19.65 36.87
C THR E 99 8.19 -18.26 37.53
N ALA E 100 9.34 -17.97 38.11
CA ALA E 100 9.59 -16.68 38.75
C ALA E 100 9.44 -15.52 37.74
N ARG E 101 9.90 -15.77 36.52
CA ARG E 101 9.82 -14.78 35.45
C ARG E 101 8.38 -14.48 35.16
N LEU E 102 7.62 -15.52 34.87
CA LEU E 102 6.21 -15.35 34.60
C LEU E 102 5.52 -14.52 35.71
N ARG E 103 5.76 -14.89 36.96
CA ARG E 103 5.15 -14.20 38.10
C ARG E 103 5.46 -12.70 38.09
N LEU E 104 6.73 -12.36 38.02
CA LEU E 104 7.11 -10.95 38.03
C LEU E 104 6.53 -10.20 36.84
N ILE E 105 6.53 -10.82 35.67
CA ILE E 105 5.98 -10.15 34.49
C ILE E 105 4.48 -9.89 34.67
N VAL E 106 3.78 -10.81 35.37
CA VAL E 106 2.35 -10.63 35.58
C VAL E 106 2.11 -9.55 36.64
N LEU E 107 2.82 -9.64 37.75
CA LEU E 107 2.66 -8.66 38.82
C LEU E 107 2.95 -7.28 38.28
N LEU E 108 3.93 -7.22 37.38
CA LEU E 108 4.35 -5.95 36.74
C LEU E 108 3.22 -5.31 35.95
N LEU E 109 2.58 -6.09 35.10
CA LEU E 109 1.46 -5.57 34.34
C LEU E 109 0.41 -5.08 35.30
N LEU E 110 0.03 -5.90 36.27
CA LEU E 110 -1.02 -5.48 37.19
C LEU E 110 -0.64 -4.24 38.01
N GLY E 111 0.56 -4.25 38.56
CA GLY E 111 1.01 -3.12 39.37
C GLY E 111 1.01 -1.78 38.64
N PHE E 112 1.67 -1.75 37.47
CA PHE E 112 1.75 -0.54 36.66
C PHE E 112 0.35 -0.01 36.45
N GLY E 113 -0.54 -0.95 36.11
CA GLY E 113 -1.93 -0.65 35.89
C GLY E 113 -2.58 0.00 37.10
N GLU E 114 -2.32 -0.54 38.28
CA GLU E 114 -2.92 0.03 39.47
C GLU E 114 -2.33 1.41 39.78
N ARG E 115 -1.05 1.59 39.45
CA ARG E 115 -0.37 2.87 39.72
C ARG E 115 -0.65 3.97 38.69
N ASN E 116 -1.33 3.61 37.61
CA ASN E 116 -1.66 4.56 36.54
C ASN E 116 -3.11 4.30 36.07
N PRO E 117 -4.14 4.60 36.91
CA PRO E 117 -5.56 4.37 36.52
C PRO E 117 -5.93 5.02 35.18
N GLY E 118 -5.44 6.24 34.95
CA GLY E 118 -5.72 6.89 33.69
C GLY E 118 -5.07 6.21 32.50
N LEU E 119 -3.80 5.83 32.62
CA LEU E 119 -3.06 5.16 31.53
C LEU E 119 -3.62 3.79 31.22
N THR E 120 -4.13 3.11 32.24
CA THR E 120 -4.74 1.79 32.06
C THR E 120 -5.94 1.93 31.12
N ARG E 121 -6.70 3.01 31.30
CA ARG E 121 -7.87 3.30 30.47
C ARG E 121 -7.50 3.32 28.96
N ILE E 122 -6.19 3.46 28.65
CA ILE E 122 -5.66 3.47 27.28
C ILE E 122 -5.36 2.02 26.90
N LEU E 123 -4.71 1.31 27.82
CA LEU E 123 -4.37 -0.09 27.64
C LEU E 123 -5.62 -0.90 27.29
N THR E 124 -6.74 -0.58 27.94
CA THR E 124 -8.01 -1.27 27.76
C THR E 124 -8.68 -0.93 26.47
N GLY E 125 -8.22 0.20 25.90
CA GLY E 125 -8.73 0.69 24.64
C GLY E 125 -9.92 1.61 24.72
N HIS E 126 -10.40 1.87 25.94
CA HIS E 126 -11.56 2.76 26.15
C HIS E 126 -11.32 4.24 25.91
N ALA E 127 -10.15 4.71 26.28
CA ALA E 127 -9.84 6.11 26.11
C ALA E 127 -9.42 6.37 24.68
N LEU E 128 -9.17 5.31 23.92
CA LEU E 128 -8.77 5.47 22.52
C LEU E 128 -9.98 5.43 21.54
N MET E 129 -11.20 5.40 22.09
CA MET E 129 -12.42 5.37 21.28
C MET E 129 -12.67 6.68 20.57
N PHE E 130 -12.18 7.77 21.15
CA PHE E 130 -12.33 9.09 20.54
C PHE E 130 -11.07 9.54 19.79
N GLU E 131 -10.12 8.63 19.57
CA GLU E 131 -8.88 9.02 18.88
C GLU E 131 -8.55 8.17 17.64
N GLN E 132 -7.50 8.55 16.93
CA GLN E 132 -7.07 7.85 15.72
C GLN E 132 -7.00 6.34 15.87
N ASP E 133 -7.59 5.60 14.94
CA ASP E 133 -7.54 4.16 15.04
C ASP E 133 -6.11 3.64 15.24
N ARG E 134 -5.18 4.32 14.61
CA ARG E 134 -3.79 3.95 14.69
C ARG E 134 -3.32 3.79 16.13
N LEU E 135 -3.92 4.52 17.07
CA LEU E 135 -3.52 4.48 18.48
C LEU E 135 -3.74 3.09 19.06
N GLN E 136 -4.89 2.51 18.73
CA GLN E 136 -5.23 1.17 19.18
C GLN E 136 -4.26 0.19 18.50
N GLY E 137 -3.98 0.40 17.21
CA GLY E 137 -3.02 -0.45 16.53
C GLY E 137 -1.68 -0.46 17.30
N ARG E 138 -1.32 0.72 17.81
CA ARG E 138 -0.09 0.89 18.58
C ARG E 138 -0.20 0.01 19.81
N ILE E 139 -1.20 0.30 20.65
CA ILE E 139 -1.42 -0.47 21.88
C ILE E 139 -1.56 -1.97 21.59
N ASN E 140 -2.03 -2.32 20.40
CA ASN E 140 -2.16 -3.73 20.07
C ASN E 140 -0.77 -4.36 19.88
N GLN E 141 0.14 -3.61 19.25
CA GLN E 141 1.51 -4.08 18.99
C GLN E 141 2.24 -4.35 20.30
N LEU E 142 1.94 -3.52 21.30
CA LEU E 142 2.53 -3.66 22.63
C LEU E 142 2.15 -5.04 23.18
N PHE E 143 0.85 -5.32 23.24
CA PHE E 143 0.38 -6.61 23.73
C PHE E 143 1.02 -7.77 22.93
N GLU E 144 1.26 -7.54 21.65
CA GLU E 144 1.90 -8.58 20.86
C GLU E 144 3.33 -8.74 21.38
N ARG E 145 3.98 -7.60 21.66
CA ARG E 145 5.35 -7.60 22.19
C ARG E 145 5.41 -8.28 23.57
N ILE E 146 4.52 -7.85 24.47
CA ILE E 146 4.42 -8.42 25.83
C ILE E 146 4.19 -9.94 25.77
N GLU E 147 3.29 -10.39 24.89
CA GLU E 147 2.98 -11.81 24.77
C GLU E 147 4.18 -12.55 24.17
N ALA E 148 4.87 -11.85 23.28
CA ALA E 148 6.03 -12.39 22.62
C ALA E 148 7.03 -12.78 23.70
N GLN E 149 7.17 -11.91 24.69
CA GLN E 149 8.08 -12.15 25.81
C GLN E 149 7.68 -13.39 26.58
N LEU E 150 6.40 -13.52 26.88
CA LEU E 150 5.91 -14.70 27.58
C LEU E 150 6.26 -16.00 26.81
N ARG E 151 5.87 -16.06 25.53
CA ARG E 151 6.18 -17.24 24.70
C ARG E 151 7.67 -17.57 24.80
N GLN E 152 8.51 -16.54 24.74
CA GLN E 152 9.94 -16.75 24.84
C GLN E 152 10.29 -17.47 26.15
N VAL E 153 9.88 -16.91 27.28
CA VAL E 153 10.15 -17.49 28.60
C VAL E 153 9.76 -18.94 28.69
N LEU E 154 8.54 -19.22 28.28
CA LEU E 154 8.02 -20.59 28.30
C LEU E 154 8.72 -21.58 27.38
N ARG E 155 9.30 -21.07 26.30
CA ARG E 155 10.03 -21.89 25.32
C ARG E 155 11.42 -22.28 25.81
N GLU E 156 11.91 -21.59 26.84
CA GLU E 156 13.22 -21.85 27.40
C GLU E 156 13.06 -22.69 28.64
N LYS E 157 11.84 -23.13 28.88
CA LYS E 157 11.52 -23.94 30.05
C LYS E 157 12.20 -25.31 29.98
N ARG E 158 12.11 -25.96 28.82
CA ARG E 158 12.72 -27.29 28.64
C ARG E 158 14.24 -27.14 28.68
N MET E 159 14.75 -26.23 27.88
CA MET E 159 16.17 -25.95 27.83
C MET E 159 16.71 -25.71 29.24
N ARG E 160 15.94 -25.02 30.07
CA ARG E 160 16.32 -24.69 31.44
C ARG E 160 16.38 -25.87 32.39
N GLU E 161 15.21 -26.40 32.72
CA GLU E 161 15.08 -27.51 33.68
C GLU E 161 14.79 -28.89 33.09
N GLY E 162 14.78 -28.98 31.76
CA GLY E 162 14.55 -30.26 31.09
C GLY E 162 13.10 -30.70 30.89
N GLU E 163 12.17 -30.07 31.59
CA GLU E 163 10.76 -30.43 31.46
C GLU E 163 10.07 -29.37 30.59
N GLY E 164 9.18 -29.81 29.71
CA GLY E 164 8.46 -28.89 28.85
C GLY E 164 7.03 -28.72 29.32
N TYR E 165 6.22 -28.02 28.53
CA TYR E 165 4.83 -27.80 28.88
C TYR E 165 3.86 -28.69 28.11
N ALA E 166 3.01 -29.39 28.84
CA ALA E 166 2.00 -30.27 28.24
C ALA E 166 1.10 -29.45 27.32
N THR E 167 0.87 -28.19 27.69
CA THR E 167 0.03 -27.30 26.92
C THR E 167 0.86 -26.49 25.91
N ASP E 168 0.18 -25.98 24.88
CA ASP E 168 0.78 -25.18 23.81
C ASP E 168 1.33 -23.89 24.41
N GLU E 169 2.61 -23.58 24.15
CA GLU E 169 3.19 -22.35 24.71
C GLU E 169 2.43 -21.12 24.23
N THR E 170 2.04 -21.12 22.96
CA THR E 170 1.32 -19.97 22.42
C THR E 170 -0.03 -19.83 23.10
N LEU E 171 -0.65 -20.97 23.43
CA LEU E 171 -1.94 -20.98 24.11
C LEU E 171 -1.79 -20.53 25.57
N LEU E 172 -0.70 -20.91 26.24
CA LEU E 172 -0.45 -20.51 27.62
C LEU E 172 -0.22 -18.98 27.75
N ALA E 173 0.60 -18.40 26.87
CA ALA E 173 0.88 -16.98 26.95
C ALA E 173 -0.42 -16.20 26.83
N SER E 174 -1.20 -16.57 25.83
CA SER E 174 -2.47 -15.92 25.56
C SER E 174 -3.40 -16.16 26.75
N GLN E 175 -3.35 -17.36 27.31
CA GLN E 175 -4.19 -17.72 28.46
C GLN E 175 -3.84 -16.81 29.64
N ILE E 176 -2.56 -16.49 29.78
CA ILE E 176 -2.08 -15.61 30.86
C ILE E 176 -2.45 -14.17 30.54
N LEU E 177 -2.13 -13.71 29.33
CA LEU E 177 -2.40 -12.35 28.90
C LEU E 177 -3.86 -11.98 29.08
N ALA E 178 -4.72 -12.93 28.74
CA ALA E 178 -6.17 -12.80 28.86
C ALA E 178 -6.54 -12.46 30.31
N PHE E 179 -5.91 -13.15 31.26
CA PHE E 179 -6.16 -12.93 32.68
C PHE E 179 -5.79 -11.52 33.08
N CYS E 180 -4.64 -11.04 32.60
CA CYS E 180 -4.19 -9.70 32.92
C CYS E 180 -5.13 -8.67 32.26
N GLU E 181 -5.47 -8.89 31.00
CA GLU E 181 -6.37 -7.98 30.32
C GLU E 181 -7.74 -7.92 31.02
N GLY E 182 -8.24 -9.09 31.42
CA GLY E 182 -9.51 -9.13 32.13
C GLY E 182 -9.44 -8.38 33.46
N MET E 183 -8.31 -8.50 34.15
CA MET E 183 -8.11 -7.83 35.42
C MET E 183 -8.08 -6.33 35.21
N LEU E 184 -7.44 -5.87 34.13
CA LEU E 184 -7.35 -4.42 33.86
C LEU E 184 -8.70 -3.90 33.38
N SER E 185 -9.46 -4.74 32.70
CA SER E 185 -10.77 -4.34 32.21
C SER E 185 -11.72 -4.07 33.37
N ARG E 186 -11.91 -5.08 34.20
CA ARG E 186 -12.77 -4.96 35.37
C ARG E 186 -12.35 -3.77 36.24
N PHE E 187 -11.05 -3.50 36.33
CA PHE E 187 -10.55 -2.40 37.13
C PHE E 187 -11.14 -1.10 36.59
N VAL E 188 -11.08 -0.92 35.28
CA VAL E 188 -11.61 0.26 34.64
C VAL E 188 -13.10 0.40 34.91
N ARG E 189 -13.85 -0.67 34.62
CA ARG E 189 -15.32 -0.72 34.82
C ARG E 189 -15.77 -0.21 36.17
N SER E 190 -15.10 -0.66 37.23
CA SER E 190 -15.49 -0.31 38.59
C SER E 190 -15.00 1.02 39.07
N GLU E 191 -14.68 1.93 38.14
CA GLU E 191 -14.17 3.26 38.49
C GLU E 191 -12.89 3.08 39.30
N PHE E 192 -12.11 2.07 38.95
CA PHE E 192 -10.86 1.78 39.64
C PHE E 192 -11.03 1.38 41.10
N LYS E 193 -12.09 0.63 41.40
CA LYS E 193 -12.36 0.16 42.76
C LYS E 193 -11.84 -1.25 43.01
N TYR E 194 -11.75 -2.04 41.94
CA TYR E 194 -11.24 -3.41 42.00
C TYR E 194 -9.75 -3.33 41.65
N ARG E 195 -8.90 -3.07 42.64
CA ARG E 195 -7.46 -2.96 42.45
C ARG E 195 -6.89 -4.28 41.91
N PRO E 196 -6.23 -4.24 40.74
CA PRO E 196 -5.63 -5.42 40.09
C PRO E 196 -4.73 -6.26 40.95
N THR E 197 -3.78 -5.64 41.63
CA THR E 197 -2.86 -6.42 42.46
C THR E 197 -3.50 -7.02 43.71
N ASP E 198 -4.75 -6.67 43.96
CA ASP E 198 -5.41 -7.20 45.13
C ASP E 198 -5.56 -8.71 45.08
N ASP E 199 -5.12 -9.36 46.16
CA ASP E 199 -5.15 -10.81 46.31
C ASP E 199 -4.25 -11.52 45.28
N PHE E 200 -3.25 -10.83 44.76
CA PHE E 200 -2.37 -11.41 43.76
C PHE E 200 -1.71 -12.67 44.29
N ASP E 201 -1.09 -12.55 45.48
CA ASP E 201 -0.39 -13.66 46.11
C ASP E 201 -1.22 -14.91 46.26
N ALA E 202 -2.54 -14.74 46.35
CA ALA E 202 -3.47 -15.87 46.45
C ALA E 202 -3.89 -16.30 45.01
N ARG E 203 -3.89 -15.32 44.08
CA ARG E 203 -4.24 -15.60 42.69
C ARG E 203 -3.15 -16.36 41.93
N TRP E 204 -1.89 -15.96 42.12
CA TRP E 204 -0.81 -16.62 41.40
C TRP E 204 -0.87 -18.14 41.39
N PRO E 205 -1.16 -18.76 42.55
CA PRO E 205 -1.27 -20.22 42.64
C PRO E 205 -2.21 -20.79 41.56
N LEU E 206 -3.28 -20.05 41.26
CA LEU E 206 -4.26 -20.44 40.25
C LEU E 206 -3.64 -20.31 38.85
N ILE E 207 -2.69 -19.37 38.70
CA ILE E 207 -1.99 -19.18 37.43
C ILE E 207 -0.92 -20.26 37.31
N ALA E 208 -0.14 -20.45 38.37
CA ALA E 208 0.89 -21.48 38.36
C ALA E 208 0.30 -22.88 38.06
N ALA E 209 -0.96 -23.11 38.45
CA ALA E 209 -1.60 -24.41 38.24
C ALA E 209 -1.72 -24.73 36.77
N GLN E 210 -1.80 -23.69 35.94
CA GLN E 210 -1.91 -23.85 34.51
C GLN E 210 -0.54 -24.09 33.91
N LEU E 211 0.50 -23.72 34.65
CA LEU E 211 1.87 -23.90 34.17
C LEU E 211 2.33 -25.35 34.23
N GLN E 212 1.68 -26.22 33.46
CA GLN E 212 2.03 -27.63 33.43
C GLN E 212 1.93 -28.21 32.00
N ASN F 24 -43.07 -4.74 13.75
CA ASN F 24 -42.08 -4.29 14.79
C ASN F 24 -41.01 -3.41 14.16
N ARG F 25 -41.21 -2.10 14.27
CA ARG F 25 -40.27 -1.13 13.73
C ARG F 25 -39.17 -0.88 14.76
N ARG F 26 -39.46 -1.20 16.01
CA ARG F 26 -38.50 -1.02 17.10
C ARG F 26 -37.41 -2.11 17.04
N GLU F 27 -37.72 -3.21 16.37
CA GLU F 27 -36.78 -4.30 16.24
C GLU F 27 -35.73 -3.98 15.18
N GLU F 28 -36.18 -3.68 13.96
CA GLU F 28 -35.27 -3.36 12.86
C GLU F 28 -34.26 -2.26 13.23
N ILE F 29 -34.72 -1.29 14.00
CA ILE F 29 -33.83 -0.19 14.44
C ILE F 29 -32.68 -0.74 15.29
N LEU F 30 -33.02 -1.57 16.28
CA LEU F 30 -32.05 -2.20 17.19
C LEU F 30 -31.21 -3.26 16.45
N GLN F 31 -31.85 -3.97 15.52
CA GLN F 31 -31.18 -5.00 14.72
C GLN F 31 -30.08 -4.34 13.89
N SER F 32 -30.35 -3.11 13.43
CA SER F 32 -29.41 -2.35 12.61
C SER F 32 -28.33 -1.67 13.45
N LEU F 33 -28.74 -1.11 14.59
CA LEU F 33 -27.80 -0.45 15.48
C LEU F 33 -26.70 -1.44 15.84
N ALA F 34 -27.09 -2.67 16.10
CA ALA F 34 -26.11 -3.68 16.46
C ALA F 34 -25.27 -4.05 15.24
N LEU F 35 -25.93 -4.18 14.09
CA LEU F 35 -25.23 -4.54 12.86
C LEU F 35 -24.08 -3.59 12.58
N MET F 36 -24.23 -2.34 13.00
CA MET F 36 -23.18 -1.34 12.80
C MET F 36 -22.06 -1.55 13.80
N LEU F 37 -22.44 -1.94 15.03
CA LEU F 37 -21.48 -2.18 16.09
C LEU F 37 -20.61 -3.37 15.71
N GLU F 38 -21.09 -4.19 14.79
CA GLU F 38 -20.33 -5.35 14.32
C GLU F 38 -19.36 -4.96 13.21
N SER F 39 -19.77 -4.00 12.38
CA SER F 39 -18.94 -3.53 11.28
C SER F 39 -17.72 -2.73 11.77
N SER F 40 -16.78 -2.48 10.86
CA SER F 40 -15.57 -1.73 11.20
C SER F 40 -15.88 -0.30 11.66
N ASP F 41 -17.05 0.21 11.30
CA ASP F 41 -17.46 1.56 11.67
C ASP F 41 -17.93 1.59 13.12
N GLY F 42 -18.01 0.40 13.71
CA GLY F 42 -18.44 0.27 15.10
C GLY F 42 -17.37 0.64 16.11
N SER F 43 -16.19 1.07 15.63
CA SER F 43 -15.05 1.49 16.47
C SER F 43 -15.10 3.00 16.78
N GLN F 44 -16.22 3.63 16.41
CA GLN F 44 -16.43 5.05 16.66
C GLN F 44 -17.89 5.41 16.78
N ARG F 45 -18.15 6.59 17.34
CA ARG F 45 -19.51 7.12 17.56
C ARG F 45 -20.54 6.82 16.47
N ILE F 46 -21.56 6.04 16.83
CA ILE F 46 -22.62 5.67 15.89
C ILE F 46 -23.69 6.74 16.02
N THR F 47 -23.55 7.80 15.24
CA THR F 47 -24.50 8.89 15.26
C THR F 47 -25.92 8.47 14.84
N THR F 48 -26.91 9.25 15.24
CA THR F 48 -28.31 8.99 14.93
C THR F 48 -28.57 9.12 13.45
N ALA F 49 -27.84 10.02 12.80
CA ALA F 49 -27.98 10.24 11.37
C ALA F 49 -27.61 8.97 10.64
N LYS F 50 -26.36 8.55 10.79
CA LYS F 50 -25.89 7.33 10.13
C LYS F 50 -26.77 6.12 10.43
N LEU F 51 -27.47 6.15 11.57
CA LEU F 51 -28.36 5.05 11.98
C LEU F 51 -29.61 5.06 11.13
N ALA F 52 -30.24 6.23 11.05
CA ALA F 52 -31.46 6.44 10.27
C ALA F 52 -31.25 5.95 8.82
N ALA F 53 -30.18 6.41 8.19
CA ALA F 53 -29.86 5.99 6.82
C ALA F 53 -29.80 4.45 6.76
N SER F 54 -29.19 3.86 7.78
CA SER F 54 -29.06 2.41 7.88
C SER F 54 -30.45 1.78 7.79
N VAL F 55 -31.31 2.14 8.73
CA VAL F 55 -32.67 1.62 8.79
C VAL F 55 -33.42 1.94 7.50
N GLY F 56 -33.21 3.16 6.99
CA GLY F 56 -33.86 3.58 5.77
C GLY F 56 -34.95 4.60 6.05
N VAL F 57 -34.88 5.23 7.22
CA VAL F 57 -35.88 6.23 7.62
C VAL F 57 -35.21 7.53 8.08
N SER F 58 -36.00 8.44 8.64
CA SER F 58 -35.50 9.72 9.11
C SER F 58 -35.21 9.67 10.60
N GLU F 59 -34.40 10.61 11.08
CA GLU F 59 -34.08 10.67 12.51
C GLU F 59 -35.36 10.84 13.30
N ALA F 60 -36.32 11.57 12.72
CA ALA F 60 -37.59 11.80 13.40
C ALA F 60 -38.35 10.48 13.56
N ALA F 61 -38.22 9.63 12.55
CA ALA F 61 -38.86 8.34 12.55
C ALA F 61 -38.31 7.48 13.69
N LEU F 62 -37.05 7.71 14.04
CA LEU F 62 -36.40 6.96 15.09
C LEU F 62 -36.89 7.35 16.47
N TYR F 63 -37.02 8.66 16.69
CA TYR F 63 -37.46 9.18 17.97
C TYR F 63 -38.91 8.95 18.34
N ARG F 64 -39.69 8.36 17.44
CA ARG F 64 -41.08 8.07 17.76
C ARG F 64 -41.17 6.61 18.24
N HIS F 65 -40.01 6.04 18.59
CA HIS F 65 -39.92 4.65 19.08
C HIS F 65 -38.95 4.58 20.25
N PHE F 66 -38.22 5.67 20.46
CA PHE F 66 -37.23 5.76 21.53
C PHE F 66 -37.11 7.19 22.05
N PRO F 67 -37.17 7.38 23.38
CA PRO F 67 -37.07 8.71 24.01
C PRO F 67 -35.73 9.37 23.67
N SER F 68 -34.69 8.54 23.61
CA SER F 68 -33.32 8.97 23.30
C SER F 68 -32.52 7.80 22.70
N LYS F 69 -31.27 8.08 22.34
CA LYS F 69 -30.40 7.04 21.80
C LYS F 69 -30.01 6.08 22.94
N THR F 70 -29.93 6.65 24.14
CA THR F 70 -29.58 5.91 25.33
C THR F 70 -30.50 4.73 25.48
N ARG F 71 -31.79 4.97 25.29
CA ARG F 71 -32.77 3.90 25.40
C ARG F 71 -32.44 2.78 24.41
N MET F 72 -32.08 3.13 23.18
CA MET F 72 -31.75 2.11 22.20
C MET F 72 -30.71 1.13 22.76
N PHE F 73 -29.72 1.67 23.47
CA PHE F 73 -28.65 0.86 24.09
C PHE F 73 -29.18 0.08 25.28
N ASP F 74 -30.14 0.65 26.00
CA ASP F 74 -30.74 -0.04 27.13
C ASP F 74 -31.45 -1.33 26.68
N SER F 75 -32.22 -1.22 25.60
CA SER F 75 -32.94 -2.37 25.09
C SER F 75 -31.92 -3.43 24.63
N LEU F 76 -30.75 -2.96 24.22
CA LEU F 76 -29.69 -3.85 23.76
C LEU F 76 -29.05 -4.53 24.95
N ILE F 77 -28.70 -3.74 25.96
CA ILE F 77 -28.11 -4.30 27.17
C ILE F 77 -29.12 -5.28 27.79
N GLU F 78 -30.39 -4.92 27.80
CA GLU F 78 -31.41 -5.82 28.34
C GLU F 78 -31.44 -7.16 27.59
N PHE F 79 -31.41 -7.11 26.25
CA PHE F 79 -31.37 -8.33 25.43
C PHE F 79 -30.16 -9.18 25.86
N ILE F 80 -29.04 -8.52 26.17
CA ILE F 80 -27.82 -9.19 26.61
C ILE F 80 -28.07 -9.90 27.94
N GLU F 81 -28.55 -9.13 28.92
CA GLU F 81 -28.82 -9.66 30.25
C GLU F 81 -29.78 -10.86 30.24
N ASP F 82 -30.85 -10.76 29.44
CA ASP F 82 -31.85 -11.84 29.33
C ASP F 82 -31.27 -13.05 28.58
N SER F 83 -30.51 -12.80 27.52
CA SER F 83 -29.89 -13.89 26.75
C SER F 83 -28.94 -14.68 27.61
N LEU F 84 -28.04 -13.98 28.32
CA LEU F 84 -27.07 -14.67 29.16
C LEU F 84 -27.68 -15.35 30.40
N ILE F 85 -28.41 -14.58 31.21
CA ILE F 85 -29.03 -15.14 32.39
C ILE F 85 -29.91 -16.33 32.05
N THR F 86 -30.74 -16.19 31.02
CA THR F 86 -31.60 -17.30 30.67
C THR F 86 -30.82 -18.58 30.33
N ARG F 87 -29.92 -18.52 29.35
CA ARG F 87 -29.16 -19.71 28.97
C ARG F 87 -28.39 -20.29 30.15
N ILE F 88 -28.04 -19.43 31.08
CA ILE F 88 -27.27 -19.92 32.20
C ILE F 88 -28.17 -20.75 33.09
N ASN F 89 -29.34 -20.21 33.44
CA ASN F 89 -30.29 -20.94 34.29
C ASN F 89 -30.72 -22.27 33.66
N LEU F 90 -30.69 -22.34 32.32
CA LEU F 90 -31.01 -23.58 31.63
C LEU F 90 -29.84 -24.57 31.84
N ILE F 91 -28.60 -24.04 31.91
CA ILE F 91 -27.44 -24.89 32.12
C ILE F 91 -27.51 -25.56 33.50
N LEU F 92 -27.93 -24.80 34.51
CA LEU F 92 -28.05 -25.32 35.86
C LEU F 92 -29.13 -26.42 35.96
N LYS F 93 -30.27 -26.20 35.29
CA LYS F 93 -31.33 -27.19 35.32
C LYS F 93 -31.04 -28.38 34.43
N ASP F 94 -30.07 -28.26 33.54
CA ASP F 94 -29.75 -29.36 32.63
C ASP F 94 -28.47 -30.13 32.98
N GLU F 95 -27.55 -29.47 33.67
CA GLU F 95 -26.28 -30.08 34.04
C GLU F 95 -26.12 -30.14 35.54
N LYS F 96 -25.87 -31.36 36.01
CA LYS F 96 -25.72 -31.69 37.43
C LYS F 96 -24.28 -31.50 37.92
N ASP F 97 -23.31 -31.88 37.09
CA ASP F 97 -21.90 -31.77 37.45
C ASP F 97 -21.41 -30.32 37.60
N THR F 98 -20.81 -30.05 38.74
CA THR F 98 -20.29 -28.73 39.04
C THR F 98 -19.28 -28.23 37.98
N THR F 99 -18.24 -29.03 37.74
CA THR F 99 -17.21 -28.65 36.78
C THR F 99 -17.83 -28.45 35.42
N ALA F 100 -18.72 -29.36 35.05
CA ALA F 100 -19.36 -29.27 33.75
C ALA F 100 -20.17 -28.01 33.63
N ARG F 101 -20.76 -27.59 34.77
CA ARG F 101 -21.57 -26.38 34.78
C ARG F 101 -20.68 -25.21 34.44
N LEU F 102 -19.61 -25.04 35.21
CA LEU F 102 -18.65 -23.95 35.00
C LEU F 102 -18.25 -23.88 33.51
N ARG F 103 -17.85 -25.01 32.94
CA ARG F 103 -17.44 -25.05 31.54
C ARG F 103 -18.53 -24.49 30.61
N LEU F 104 -19.75 -25.01 30.72
CA LEU F 104 -20.85 -24.57 29.87
C LEU F 104 -21.09 -23.08 30.05
N ILE F 105 -20.98 -22.59 31.26
CA ILE F 105 -21.17 -21.15 31.44
C ILE F 105 -20.07 -20.31 30.71
N VAL F 106 -18.80 -20.67 30.93
CA VAL F 106 -17.69 -19.96 30.30
C VAL F 106 -17.83 -20.03 28.79
N LEU F 107 -18.11 -21.23 28.31
CA LEU F 107 -18.31 -21.45 26.88
C LEU F 107 -19.46 -20.58 26.37
N LEU F 108 -20.51 -20.46 27.17
CA LEU F 108 -21.67 -19.64 26.81
C LEU F 108 -21.28 -18.15 26.73
N LEU F 109 -20.37 -17.73 27.61
CA LEU F 109 -19.91 -16.36 27.60
C LEU F 109 -18.98 -16.17 26.38
N LEU F 110 -18.01 -17.06 26.19
CA LEU F 110 -17.15 -16.92 25.03
C LEU F 110 -17.92 -17.13 23.71
N GLY F 111 -18.89 -18.03 23.69
CA GLY F 111 -19.65 -18.24 22.48
C GLY F 111 -20.59 -17.08 22.18
N PHE F 112 -21.38 -16.66 23.16
CA PHE F 112 -22.31 -15.57 22.90
C PHE F 112 -21.60 -14.37 22.29
N GLY F 113 -20.51 -13.97 22.92
CA GLY F 113 -19.73 -12.84 22.44
C GLY F 113 -19.24 -12.99 21.01
N GLU F 114 -18.75 -14.19 20.65
CA GLU F 114 -18.25 -14.46 19.29
C GLU F 114 -19.33 -14.31 18.22
N ARG F 115 -20.53 -14.81 18.55
CA ARG F 115 -21.69 -14.77 17.67
C ARG F 115 -22.38 -13.40 17.66
N ASN F 116 -22.00 -12.53 18.59
CA ASN F 116 -22.59 -11.19 18.64
C ASN F 116 -21.51 -10.11 18.77
N PRO F 117 -20.57 -10.05 17.80
CA PRO F 117 -19.48 -9.08 17.85
C PRO F 117 -19.91 -7.67 18.19
N GLY F 118 -21.01 -7.24 17.57
CA GLY F 118 -21.49 -5.89 17.81
C GLY F 118 -21.94 -5.65 19.24
N LEU F 119 -22.64 -6.62 19.79
CA LEU F 119 -23.12 -6.49 21.16
C LEU F 119 -21.95 -6.61 22.15
N THR F 120 -20.91 -7.36 21.78
CA THR F 120 -19.75 -7.53 22.66
C THR F 120 -19.06 -6.20 22.95
N ARG F 121 -19.05 -5.32 21.94
CA ARG F 121 -18.46 -3.97 22.08
C ARG F 121 -19.15 -3.23 23.25
N ILE F 122 -20.38 -3.62 23.55
CA ILE F 122 -21.13 -3.04 24.66
C ILE F 122 -20.71 -3.76 25.97
N LEU F 123 -20.60 -5.09 25.92
CA LEU F 123 -20.20 -5.86 27.08
C LEU F 123 -18.82 -5.43 27.56
N THR F 124 -17.92 -5.12 26.63
CA THR F 124 -16.56 -4.70 26.97
C THR F 124 -16.49 -3.24 27.34
N GLY F 125 -17.64 -2.58 27.26
CA GLY F 125 -17.75 -1.17 27.61
C GLY F 125 -17.23 -0.19 26.60
N HIS F 126 -16.65 -0.68 25.51
CA HIS F 126 -16.07 0.20 24.47
C HIS F 126 -17.07 1.07 23.72
N ALA F 127 -18.11 0.42 23.19
CA ALA F 127 -19.17 1.09 22.46
C ALA F 127 -19.95 2.00 23.41
N LEU F 128 -19.86 1.74 24.70
CA LEU F 128 -20.60 2.58 25.61
C LEU F 128 -19.82 3.84 25.88
N MET F 129 -18.57 3.91 25.45
CA MET F 129 -17.78 5.10 25.73
C MET F 129 -18.39 6.37 25.14
N PHE F 130 -19.23 6.23 24.10
CA PHE F 130 -19.88 7.38 23.44
C PHE F 130 -21.25 7.76 24.05
N GLU F 131 -21.84 6.82 24.80
CA GLU F 131 -23.15 7.01 25.38
C GLU F 131 -23.09 7.42 26.85
N GLN F 132 -24.26 7.65 27.46
CA GLN F 132 -24.35 8.05 28.88
C GLN F 132 -23.51 7.18 29.80
N ASP F 133 -23.29 7.66 31.03
CA ASP F 133 -22.50 6.92 32.01
C ASP F 133 -23.32 5.83 32.73
N ARG F 134 -24.57 6.13 33.12
CA ARG F 134 -25.38 5.12 33.80
C ARG F 134 -25.48 3.77 33.07
N LEU F 135 -25.36 3.80 31.74
CA LEU F 135 -25.44 2.60 30.93
C LEU F 135 -24.31 1.63 31.23
N GLN F 136 -23.13 2.18 31.49
CA GLN F 136 -21.98 1.34 31.81
C GLN F 136 -22.21 0.69 33.18
N GLY F 137 -22.91 1.42 34.06
CA GLY F 137 -23.21 0.94 35.39
C GLY F 137 -24.21 -0.20 35.32
N ARG F 138 -24.91 -0.30 34.20
CA ARG F 138 -25.91 -1.34 33.98
C ARG F 138 -25.20 -2.63 33.59
N ILE F 139 -24.16 -2.50 32.78
CA ILE F 139 -23.36 -3.64 32.35
C ILE F 139 -22.62 -4.24 33.56
N ASN F 140 -22.25 -3.38 34.51
CA ASN F 140 -21.55 -3.81 35.70
C ASN F 140 -22.47 -4.71 36.54
N GLN F 141 -23.75 -4.34 36.65
CA GLN F 141 -24.71 -5.15 37.39
C GLN F 141 -24.83 -6.51 36.75
N LEU F 142 -24.89 -6.54 35.43
CA LEU F 142 -24.95 -7.79 34.67
C LEU F 142 -23.75 -8.68 35.10
N PHE F 143 -22.54 -8.13 35.04
CA PHE F 143 -21.34 -8.87 35.46
C PHE F 143 -21.45 -9.33 36.92
N GLU F 144 -22.00 -8.47 37.80
CA GLU F 144 -22.19 -8.78 39.22
C GLU F 144 -23.10 -9.99 39.31
N ARG F 145 -24.01 -10.10 38.35
CA ARG F 145 -24.94 -11.20 38.28
C ARG F 145 -24.25 -12.48 37.78
N ILE F 146 -23.61 -12.41 36.61
CA ILE F 146 -22.88 -13.59 36.10
C ILE F 146 -21.91 -14.12 37.14
N GLU F 147 -21.20 -13.20 37.80
CA GLU F 147 -20.25 -13.56 38.84
C GLU F 147 -20.90 -14.28 40.00
N ALA F 148 -21.98 -13.68 40.53
CA ALA F 148 -22.73 -14.28 41.64
C ALA F 148 -23.23 -15.68 41.30
N GLN F 149 -23.55 -15.91 40.01
CA GLN F 149 -24.01 -17.22 39.53
C GLN F 149 -22.86 -18.24 39.61
N LEU F 150 -21.65 -17.78 39.21
CA LEU F 150 -20.45 -18.59 39.24
C LEU F 150 -20.14 -18.94 40.69
N ARG F 151 -20.40 -17.99 41.58
CA ARG F 151 -20.15 -18.20 42.99
C ARG F 151 -21.05 -19.29 43.52
N GLN F 152 -22.32 -19.27 43.09
CA GLN F 152 -23.32 -20.24 43.52
C GLN F 152 -22.98 -21.65 43.06
N VAL F 153 -22.50 -21.79 41.83
CA VAL F 153 -22.08 -23.10 41.31
C VAL F 153 -20.93 -23.63 42.15
N LEU F 154 -19.97 -22.75 42.47
CA LEU F 154 -18.81 -23.13 43.27
C LEU F 154 -19.26 -23.56 44.65
N ARG F 155 -20.06 -22.72 45.30
CA ARG F 155 -20.59 -23.02 46.63
C ARG F 155 -21.29 -24.38 46.77
N GLU F 156 -22.27 -24.66 45.92
CA GLU F 156 -23.03 -25.91 45.96
C GLU F 156 -22.21 -27.19 45.82
N LYS F 157 -20.99 -27.08 45.28
CA LYS F 157 -20.13 -28.24 45.10
C LYS F 157 -19.90 -28.94 46.44
N ARG F 158 -19.91 -28.15 47.50
CA ARG F 158 -19.71 -28.67 48.83
C ARG F 158 -20.84 -29.61 49.16
N MET F 159 -22.04 -29.05 49.29
CA MET F 159 -23.21 -29.84 49.64
C MET F 159 -23.48 -30.97 48.64
N ARG F 160 -23.01 -30.79 47.42
CA ARG F 160 -23.21 -31.77 46.38
C ARG F 160 -22.24 -32.94 46.39
N GLU F 161 -20.94 -32.67 46.56
CA GLU F 161 -19.98 -33.75 46.52
C GLU F 161 -19.06 -33.87 47.71
N GLY F 162 -19.34 -33.16 48.80
CA GLY F 162 -18.50 -33.22 49.99
C GLY F 162 -17.25 -32.31 49.99
N GLU F 163 -16.31 -32.56 49.07
CA GLU F 163 -15.05 -31.80 48.88
C GLU F 163 -15.33 -30.38 48.43
N GLY F 164 -14.67 -29.40 49.03
CA GLY F 164 -14.92 -28.03 48.62
C GLY F 164 -13.86 -27.52 47.66
N TYR F 165 -13.30 -26.35 47.97
CA TYR F 165 -12.25 -25.76 47.14
C TYR F 165 -11.06 -25.26 47.98
N ALA F 166 -9.88 -25.39 47.42
CA ALA F 166 -8.67 -24.97 48.10
C ALA F 166 -8.70 -23.45 48.21
N THR F 167 -8.96 -22.81 47.07
CA THR F 167 -8.96 -21.37 47.04
C THR F 167 -10.32 -20.81 47.42
N ASP F 168 -10.31 -19.62 48.00
CA ASP F 168 -11.54 -18.97 48.38
C ASP F 168 -12.47 -18.98 47.19
N GLU F 169 -13.75 -19.30 47.40
CA GLU F 169 -14.72 -19.34 46.30
C GLU F 169 -14.84 -18.01 45.58
N THR F 170 -14.95 -16.93 46.35
CA THR F 170 -15.07 -15.59 45.76
C THR F 170 -13.89 -15.22 44.85
N LEU F 171 -12.69 -15.63 45.26
CA LEU F 171 -11.48 -15.36 44.49
C LEU F 171 -11.54 -16.19 43.20
N LEU F 172 -11.94 -17.45 43.30
CA LEU F 172 -12.03 -18.32 42.12
C LEU F 172 -13.02 -17.84 41.04
N ALA F 173 -14.13 -17.30 41.49
CA ALA F 173 -15.17 -16.84 40.59
C ALA F 173 -14.63 -15.63 39.89
N SER F 174 -14.01 -14.72 40.66
CA SER F 174 -13.41 -13.51 40.08
C SER F 174 -12.35 -13.86 39.03
N GLN F 175 -11.52 -14.87 39.33
CA GLN F 175 -10.48 -15.37 38.43
C GLN F 175 -11.13 -15.86 37.12
N ILE F 176 -12.24 -16.61 37.24
CA ILE F 176 -12.97 -17.16 36.10
C ILE F 176 -13.53 -16.03 35.22
N LEU F 177 -14.20 -15.08 35.85
CA LEU F 177 -14.72 -13.97 35.11
C LEU F 177 -13.56 -13.22 34.42
N ALA F 178 -12.48 -13.00 35.16
CA ALA F 178 -11.30 -12.29 34.63
C ALA F 178 -10.88 -12.85 33.29
N PHE F 179 -10.71 -14.18 33.25
CA PHE F 179 -10.34 -14.84 32.02
C PHE F 179 -11.31 -14.48 30.90
N CYS F 180 -12.61 -14.66 31.14
CA CYS F 180 -13.62 -14.35 30.14
C CYS F 180 -13.61 -12.90 29.69
N GLU F 181 -13.58 -11.96 30.62
CA GLU F 181 -13.56 -10.56 30.22
C GLU F 181 -12.33 -10.33 29.39
N GLY F 182 -11.25 -11.00 29.77
CA GLY F 182 -10.00 -10.84 29.06
C GLY F 182 -10.05 -11.31 27.63
N MET F 183 -10.71 -12.45 27.42
CA MET F 183 -10.85 -13.02 26.07
C MET F 183 -11.73 -12.13 25.19
N LEU F 184 -12.82 -11.63 25.77
CA LEU F 184 -13.70 -10.77 25.02
C LEU F 184 -13.00 -9.44 24.71
N SER F 185 -12.03 -9.04 25.54
CA SER F 185 -11.28 -7.80 25.29
C SER F 185 -10.39 -7.96 24.03
N ARG F 186 -9.62 -9.05 23.95
CA ARG F 186 -8.81 -9.29 22.75
C ARG F 186 -9.69 -9.40 21.48
N PHE F 187 -10.90 -9.93 21.65
CA PHE F 187 -11.88 -10.10 20.56
C PHE F 187 -12.10 -8.74 19.90
N VAL F 188 -12.35 -7.71 20.71
CA VAL F 188 -12.58 -6.35 20.20
C VAL F 188 -11.28 -5.67 19.77
N ARG F 189 -10.19 -5.92 20.49
CA ARG F 189 -8.89 -5.34 20.14
C ARG F 189 -8.54 -5.57 18.69
N SER F 190 -8.46 -6.83 18.29
CA SER F 190 -8.09 -7.16 16.92
C SER F 190 -9.25 -7.01 15.95
N GLU F 191 -10.25 -6.26 16.36
CA GLU F 191 -11.46 -6.07 15.55
C GLU F 191 -12.10 -7.40 15.14
N PHE F 192 -12.40 -8.20 16.17
CA PHE F 192 -13.08 -9.48 16.00
C PHE F 192 -12.25 -10.55 15.34
N LYS F 193 -10.95 -10.31 15.24
CA LYS F 193 -10.08 -11.28 14.59
C LYS F 193 -9.74 -12.48 15.50
N TYR F 194 -9.55 -12.21 16.80
CA TYR F 194 -9.22 -13.26 17.76
C TYR F 194 -10.53 -13.82 18.34
N ARG F 195 -10.99 -14.92 17.75
CA ARG F 195 -12.24 -15.56 18.15
C ARG F 195 -12.09 -16.24 19.50
N PRO F 196 -12.94 -15.87 20.47
CA PRO F 196 -12.93 -16.45 21.83
C PRO F 196 -13.02 -17.96 21.89
N THR F 197 -14.02 -18.53 21.25
CA THR F 197 -14.20 -19.98 21.29
C THR F 197 -13.16 -20.80 20.54
N ASP F 198 -12.16 -20.13 20.00
CA ASP F 198 -11.12 -20.83 19.28
C ASP F 198 -10.21 -21.55 20.26
N ASP F 199 -10.00 -22.84 20.01
CA ASP F 199 -9.14 -23.69 20.85
C ASP F 199 -9.68 -23.87 22.29
N PHE F 200 -10.98 -23.64 22.46
CA PHE F 200 -11.59 -23.77 23.77
C PHE F 200 -11.35 -25.15 24.36
N ASP F 201 -11.31 -26.16 23.50
CA ASP F 201 -11.09 -27.53 23.96
C ASP F 201 -9.75 -27.70 24.63
N ALA F 202 -8.80 -26.84 24.26
CA ALA F 202 -7.44 -26.87 24.82
C ALA F 202 -7.28 -25.88 25.98
N ARG F 203 -8.12 -24.84 25.98
CA ARG F 203 -8.09 -23.80 27.02
C ARG F 203 -8.83 -24.23 28.28
N TRP F 204 -10.02 -24.79 28.14
CA TRP F 204 -10.75 -25.21 29.34
C TRP F 204 -9.91 -26.03 30.36
N PRO F 205 -9.14 -27.03 29.88
CA PRO F 205 -8.30 -27.86 30.74
C PRO F 205 -7.43 -26.98 31.66
N LEU F 206 -7.09 -25.78 31.18
CA LEU F 206 -6.29 -24.86 31.99
C LEU F 206 -7.15 -24.25 33.08
N ILE F 207 -8.35 -23.82 32.73
CA ILE F 207 -9.26 -23.22 33.72
C ILE F 207 -9.55 -24.24 34.80
N ALA F 208 -9.88 -25.46 34.37
CA ALA F 208 -10.19 -26.56 35.28
C ALA F 208 -9.05 -26.74 36.26
N ALA F 209 -7.83 -26.68 35.77
CA ALA F 209 -6.64 -26.84 36.60
C ALA F 209 -6.64 -25.90 37.80
N GLN F 210 -7.45 -24.84 37.73
CA GLN F 210 -7.54 -23.87 38.82
C GLN F 210 -8.58 -24.29 39.86
N LEU F 211 -9.52 -25.12 39.42
CA LEU F 211 -10.60 -25.58 40.29
C LEU F 211 -10.08 -26.43 41.43
N GLN F 212 -8.98 -25.97 42.03
CA GLN F 212 -8.33 -26.64 43.17
C GLN F 212 -8.68 -26.03 44.55
N ARG G 23 -33.92 26.20 -3.71
CA ARG G 23 -34.86 25.73 -2.65
C ARG G 23 -35.28 26.87 -1.71
N ASN G 24 -36.36 26.63 -0.95
CA ASN G 24 -36.87 27.60 0.02
C ASN G 24 -35.76 27.94 1.02
N ARG G 25 -34.61 27.26 0.91
CA ARG G 25 -33.46 27.49 1.79
C ARG G 25 -32.11 27.27 1.12
N ARG G 26 -32.10 26.60 -0.02
CA ARG G 26 -30.83 26.37 -0.72
C ARG G 26 -30.46 27.63 -1.50
N GLU G 27 -31.43 28.16 -2.25
CA GLU G 27 -31.21 29.38 -3.02
C GLU G 27 -31.06 30.58 -2.08
N GLU G 28 -31.72 30.55 -0.93
CA GLU G 28 -31.61 31.64 0.04
C GLU G 28 -30.16 31.79 0.54
N ILE G 29 -29.52 30.65 0.78
CA ILE G 29 -28.13 30.62 1.22
C ILE G 29 -27.24 31.20 0.10
N LEU G 30 -27.34 30.64 -1.10
CA LEU G 30 -26.55 31.13 -2.22
C LEU G 30 -26.84 32.60 -2.52
N GLN G 31 -28.11 33.00 -2.33
CA GLN G 31 -28.53 34.38 -2.58
C GLN G 31 -27.90 35.31 -1.54
N SER G 32 -27.90 34.90 -0.28
CA SER G 32 -27.30 35.71 0.78
C SER G 32 -25.77 35.67 0.66
N LEU G 33 -25.22 34.64 -0.01
CA LEU G 33 -23.77 34.51 -0.20
C LEU G 33 -23.26 35.59 -1.15
N ALA G 34 -23.85 35.64 -2.34
CA ALA G 34 -23.45 36.63 -3.32
C ALA G 34 -23.53 38.01 -2.72
N LEU G 35 -24.64 38.31 -2.06
CA LEU G 35 -24.84 39.62 -1.45
C LEU G 35 -23.70 39.99 -0.50
N MET G 36 -23.22 39.00 0.24
CA MET G 36 -22.12 39.21 1.18
C MET G 36 -20.85 39.47 0.43
N LEU G 37 -20.77 38.89 -0.76
CA LEU G 37 -19.62 39.07 -1.64
C LEU G 37 -19.68 40.45 -2.30
N GLU G 38 -20.90 40.96 -2.48
CA GLU G 38 -21.09 42.26 -3.09
C GLU G 38 -20.79 43.37 -2.09
N SER G 39 -20.99 43.06 -0.82
CA SER G 39 -20.77 44.03 0.22
C SER G 39 -19.29 44.11 0.61
N SER G 40 -19.00 45.04 1.51
CA SER G 40 -17.64 45.25 1.98
C SER G 40 -17.01 43.98 2.58
N ASP G 41 -17.85 43.08 3.08
CA ASP G 41 -17.39 41.84 3.68
C ASP G 41 -16.70 40.99 2.63
N GLY G 42 -17.01 41.26 1.36
CA GLY G 42 -16.41 40.53 0.27
C GLY G 42 -14.89 40.65 0.24
N SER G 43 -14.35 41.74 0.77
CA SER G 43 -12.90 41.95 0.78
C SER G 43 -12.16 41.05 1.78
N GLN G 44 -12.93 40.38 2.66
CA GLN G 44 -12.39 39.47 3.67
C GLN G 44 -12.85 38.03 3.41
N ARG G 45 -12.87 37.22 4.46
CA ARG G 45 -13.27 35.83 4.34
C ARG G 45 -14.76 35.61 4.65
N ILE G 46 -15.44 34.78 3.88
CA ILE G 46 -16.84 34.51 4.15
C ILE G 46 -16.94 33.29 5.10
N THR G 47 -16.84 33.54 6.40
CA THR G 47 -16.91 32.46 7.40
C THR G 47 -18.31 31.88 7.48
N THR G 48 -18.42 30.59 7.82
CA THR G 48 -19.73 29.95 7.94
C THR G 48 -20.50 30.67 9.04
N ALA G 49 -19.76 31.29 9.96
CA ALA G 49 -20.40 32.03 11.04
C ALA G 49 -21.15 33.26 10.51
N LYS G 50 -20.41 34.18 9.88
CA LYS G 50 -21.01 35.40 9.31
C LYS G 50 -22.19 35.09 8.37
N LEU G 51 -21.95 34.19 7.42
CA LEU G 51 -22.96 33.78 6.45
C LEU G 51 -24.19 33.38 7.19
N ALA G 52 -24.02 32.60 8.26
CA ALA G 52 -25.15 32.13 9.05
C ALA G 52 -25.98 33.30 9.51
N ALA G 53 -25.29 34.35 9.97
CA ALA G 53 -25.97 35.55 10.44
C ALA G 53 -26.78 36.16 9.30
N SER G 54 -26.17 36.30 8.13
CA SER G 54 -26.80 36.88 6.94
C SER G 54 -28.10 36.13 6.55
N VAL G 55 -28.05 34.81 6.55
CA VAL G 55 -29.19 33.95 6.20
C VAL G 55 -30.17 33.93 7.37
N GLY G 56 -29.70 34.24 8.57
CA GLY G 56 -30.57 34.23 9.74
C GLY G 56 -30.85 32.82 10.30
N VAL G 57 -29.98 31.88 9.97
CA VAL G 57 -30.12 30.52 10.44
C VAL G 57 -28.87 30.14 11.21
N SER G 58 -28.88 28.96 11.81
CA SER G 58 -27.76 28.48 12.59
C SER G 58 -26.68 28.00 11.65
N GLU G 59 -25.43 28.06 12.11
CA GLU G 59 -24.30 27.60 11.29
C GLU G 59 -24.53 26.17 10.82
N ALA G 60 -25.21 25.37 11.63
CA ALA G 60 -25.46 23.99 11.25
C ALA G 60 -26.43 23.94 10.09
N ALA G 61 -27.47 24.74 10.20
CA ALA G 61 -28.50 24.82 9.19
C ALA G 61 -27.90 24.76 7.78
N LEU G 62 -26.83 25.52 7.53
CA LEU G 62 -26.17 25.56 6.23
C LEU G 62 -25.81 24.15 5.73
N TYR G 63 -25.14 23.39 6.57
CA TYR G 63 -24.72 22.06 6.17
C TYR G 63 -25.86 21.09 5.98
N ARG G 64 -27.07 21.61 6.03
CA ARG G 64 -28.26 20.79 5.86
C ARG G 64 -28.75 20.94 4.42
N HIS G 65 -28.06 21.81 3.68
CA HIS G 65 -28.38 22.12 2.29
C HIS G 65 -27.12 22.14 1.47
N PHE G 66 -25.98 22.13 2.15
CA PHE G 66 -24.69 22.16 1.49
C PHE G 66 -23.69 21.39 2.31
N PRO G 67 -22.98 20.46 1.70
CA PRO G 67 -21.99 19.65 2.41
C PRO G 67 -20.85 20.50 2.91
N SER G 68 -20.12 21.12 1.98
CA SER G 68 -18.96 21.96 2.31
C SER G 68 -19.13 23.36 1.73
N LYS G 69 -18.57 24.36 2.40
CA LYS G 69 -18.66 25.75 1.93
C LYS G 69 -18.15 25.83 0.48
N THR G 70 -17.19 24.98 0.14
CA THR G 70 -16.66 24.93 -1.22
C THR G 70 -17.79 24.74 -2.25
N ARG G 71 -18.70 23.81 -1.98
CA ARG G 71 -19.81 23.55 -2.89
C ARG G 71 -20.64 24.82 -3.12
N MET G 72 -20.83 25.63 -2.08
CA MET G 72 -21.57 26.87 -2.18
C MET G 72 -20.93 27.77 -3.25
N PHE G 73 -19.60 27.75 -3.36
CA PHE G 73 -18.88 28.55 -4.38
C PHE G 73 -18.96 27.82 -5.69
N ASP G 74 -18.99 26.49 -5.63
CA ASP G 74 -19.15 25.71 -6.85
C ASP G 74 -20.49 26.03 -7.55
N SER G 75 -21.56 26.21 -6.78
CA SER G 75 -22.85 26.53 -7.36
C SER G 75 -22.77 27.87 -8.06
N LEU G 76 -22.11 28.81 -7.40
CA LEU G 76 -21.93 30.14 -7.99
C LEU G 76 -21.19 30.04 -9.32
N ILE G 77 -20.05 29.36 -9.31
CA ILE G 77 -19.26 29.19 -10.53
C ILE G 77 -20.08 28.54 -11.64
N GLU G 78 -20.78 27.46 -11.32
CA GLU G 78 -21.61 26.81 -12.32
C GLU G 78 -22.64 27.82 -12.90
N PHE G 79 -23.30 28.55 -12.01
CA PHE G 79 -24.28 29.55 -12.42
C PHE G 79 -23.66 30.55 -13.40
N ILE G 80 -22.49 31.07 -13.03
CA ILE G 80 -21.77 32.04 -13.85
C ILE G 80 -21.51 31.42 -15.21
N GLU G 81 -20.95 30.20 -15.24
CA GLU G 81 -20.66 29.46 -16.48
C GLU G 81 -21.87 29.41 -17.39
N ASP G 82 -22.97 28.86 -16.86
CA ASP G 82 -24.21 28.78 -17.64
C ASP G 82 -24.70 30.16 -18.12
N SER G 83 -24.86 31.09 -17.20
CA SER G 83 -25.33 32.41 -17.56
C SER G 83 -24.44 33.03 -18.58
N LEU G 84 -23.14 32.77 -18.52
CA LEU G 84 -22.24 33.39 -19.49
C LEU G 84 -22.24 32.64 -20.82
N ILE G 85 -22.09 31.31 -20.76
CA ILE G 85 -22.06 30.52 -21.99
C ILE G 85 -23.38 30.50 -22.78
N THR G 86 -24.50 30.37 -22.07
CA THR G 86 -25.81 30.33 -22.72
C THR G 86 -26.09 31.58 -23.52
N ARG G 87 -25.78 32.72 -22.91
CA ARG G 87 -25.99 34.00 -23.56
C ARG G 87 -25.05 34.22 -24.75
N ILE G 88 -23.85 33.66 -24.68
CA ILE G 88 -22.91 33.84 -25.78
C ILE G 88 -23.41 33.07 -27.00
N ASN G 89 -23.97 31.88 -26.76
CA ASN G 89 -24.50 31.14 -27.90
C ASN G 89 -25.75 31.78 -28.53
N LEU G 90 -26.57 32.44 -27.70
CA LEU G 90 -27.77 33.11 -28.19
C LEU G 90 -27.35 34.27 -29.07
N ILE G 91 -26.29 34.97 -28.69
CA ILE G 91 -25.80 36.09 -29.49
C ILE G 91 -25.29 35.59 -30.85
N LEU G 92 -24.55 34.48 -30.83
CA LEU G 92 -24.00 33.92 -32.07
C LEU G 92 -25.11 33.41 -32.97
N LYS G 93 -26.22 33.00 -32.38
CA LYS G 93 -27.34 32.49 -33.14
C LYS G 93 -28.28 33.62 -33.52
N ASP G 94 -28.14 34.78 -32.88
CA ASP G 94 -29.04 35.87 -33.21
C ASP G 94 -28.38 37.00 -33.96
N GLU G 95 -27.06 36.95 -34.08
CA GLU G 95 -26.29 37.98 -34.79
C GLU G 95 -25.38 37.40 -35.87
N LYS G 96 -25.46 37.98 -37.05
CA LYS G 96 -24.73 37.53 -38.22
C LYS G 96 -23.40 38.27 -38.41
N ASP G 97 -23.38 39.57 -38.13
CA ASP G 97 -22.15 40.36 -38.29
C ASP G 97 -21.06 40.05 -37.27
N THR G 98 -19.85 39.82 -37.76
CA THR G 98 -18.72 39.52 -36.92
C THR G 98 -18.51 40.56 -35.82
N THR G 99 -18.26 41.80 -36.23
CA THR G 99 -18.05 42.91 -35.30
C THR G 99 -19.23 43.03 -34.31
N ALA G 100 -20.46 42.91 -34.82
CA ALA G 100 -21.66 43.02 -33.99
C ALA G 100 -21.62 42.00 -32.88
N ARG G 101 -21.21 40.80 -33.24
CA ARG G 101 -21.14 39.73 -32.27
C ARG G 101 -20.12 40.10 -31.16
N LEU G 102 -18.91 40.46 -31.60
CA LEU G 102 -17.83 40.84 -30.71
C LEU G 102 -18.32 41.88 -29.72
N ARG G 103 -19.00 42.92 -30.22
CA ARG G 103 -19.50 43.97 -29.34
C ARG G 103 -20.48 43.42 -28.28
N LEU G 104 -21.54 42.74 -28.72
CA LEU G 104 -22.48 42.20 -27.77
C LEU G 104 -21.85 41.26 -26.77
N ILE G 105 -20.87 40.48 -27.22
CA ILE G 105 -20.22 39.53 -26.32
C ILE G 105 -19.44 40.29 -25.22
N VAL G 106 -18.76 41.39 -25.59
CA VAL G 106 -17.99 42.16 -24.64
C VAL G 106 -18.94 42.86 -23.71
N LEU G 107 -20.01 43.42 -24.26
CA LEU G 107 -21.04 44.11 -23.45
C LEU G 107 -21.68 43.15 -22.44
N LEU G 108 -21.85 41.89 -22.84
CA LEU G 108 -22.40 40.86 -21.95
C LEU G 108 -21.49 40.65 -20.72
N LEU G 109 -20.21 40.37 -20.95
CA LEU G 109 -19.29 40.18 -19.84
C LEU G 109 -19.33 41.38 -18.91
N LEU G 110 -19.20 42.59 -19.44
CA LEU G 110 -19.24 43.77 -18.58
C LEU G 110 -20.59 43.93 -17.90
N GLY G 111 -21.65 43.65 -18.65
CA GLY G 111 -22.99 43.78 -18.12
C GLY G 111 -23.28 42.83 -16.99
N PHE G 112 -22.95 41.57 -17.23
CA PHE G 112 -23.17 40.58 -16.19
C PHE G 112 -22.44 41.05 -14.94
N GLY G 113 -21.13 41.23 -15.08
CA GLY G 113 -20.25 41.66 -13.99
C GLY G 113 -20.79 42.83 -13.20
N GLU G 114 -21.22 43.85 -13.90
CA GLU G 114 -21.74 44.99 -13.19
C GLU G 114 -23.00 44.64 -12.38
N ARG G 115 -23.86 43.83 -12.97
CA ARG G 115 -25.12 43.44 -12.32
C ARG G 115 -24.98 42.22 -11.41
N ASN G 116 -23.74 41.84 -11.08
CA ASN G 116 -23.48 40.69 -10.23
C ASN G 116 -22.14 40.91 -9.54
N PRO G 117 -22.00 42.00 -8.75
CA PRO G 117 -20.73 42.30 -8.05
C PRO G 117 -20.12 41.12 -7.32
N GLY G 118 -20.94 40.40 -6.57
CA GLY G 118 -20.45 39.26 -5.82
C GLY G 118 -19.84 38.22 -6.73
N LEU G 119 -20.61 37.76 -7.70
CA LEU G 119 -20.08 36.73 -8.57
C LEU G 119 -18.82 37.22 -9.26
N THR G 120 -18.72 38.53 -9.50
CA THR G 120 -17.55 39.13 -10.18
C THR G 120 -16.28 39.00 -9.35
N ARG G 121 -16.43 39.18 -8.04
CA ARG G 121 -15.30 39.03 -7.13
C ARG G 121 -14.81 37.55 -7.17
N ILE G 122 -15.63 36.67 -7.72
CA ILE G 122 -15.27 35.27 -7.89
C ILE G 122 -14.55 35.15 -9.24
N LEU G 123 -15.15 35.70 -10.28
CA LEU G 123 -14.54 35.65 -11.61
C LEU G 123 -13.12 36.28 -11.57
N THR G 124 -12.96 37.38 -10.84
CA THR G 124 -11.66 38.02 -10.71
C THR G 124 -10.68 37.16 -9.88
N GLY G 125 -11.22 36.17 -9.16
CA GLY G 125 -10.39 35.27 -8.36
C GLY G 125 -10.13 35.68 -6.92
N HIS G 126 -10.50 36.91 -6.57
CA HIS G 126 -10.30 37.46 -5.21
C HIS G 126 -11.06 36.74 -4.14
N ALA G 127 -12.30 36.41 -4.42
CA ALA G 127 -13.17 35.74 -3.49
C ALA G 127 -12.78 34.28 -3.25
N LEU G 128 -12.04 33.72 -4.23
CA LEU G 128 -11.58 32.34 -4.17
C LEU G 128 -10.25 32.19 -3.47
N MET G 129 -9.65 33.31 -3.11
CA MET G 129 -8.35 33.31 -2.43
C MET G 129 -8.38 32.49 -1.13
N PHE G 130 -9.57 32.29 -0.56
CA PHE G 130 -9.70 31.52 0.67
C PHE G 130 -10.27 30.13 0.42
N GLU G 131 -10.93 29.93 -0.71
CA GLU G 131 -11.49 28.62 -0.97
C GLU G 131 -10.54 27.76 -1.83
N GLN G 132 -10.96 26.50 -2.01
CA GLN G 132 -10.24 25.49 -2.78
C GLN G 132 -9.61 26.03 -4.04
N ASP G 133 -8.32 25.71 -4.22
CA ASP G 133 -7.62 26.18 -5.38
C ASP G 133 -8.24 25.60 -6.63
N ARG G 134 -9.01 24.54 -6.45
CA ARG G 134 -9.67 23.93 -7.59
C ARG G 134 -10.66 24.91 -8.22
N LEU G 135 -11.36 25.64 -7.36
CA LEU G 135 -12.36 26.62 -7.78
C LEU G 135 -11.76 27.65 -8.79
N GLN G 136 -10.54 28.07 -8.54
CA GLN G 136 -9.85 28.99 -9.43
C GLN G 136 -9.63 28.28 -10.77
N GLY G 137 -9.20 27.02 -10.74
CA GLY G 137 -9.00 26.30 -11.99
C GLY G 137 -10.28 26.29 -12.82
N ARG G 138 -11.43 26.11 -12.15
CA ARG G 138 -12.73 26.09 -12.81
C ARG G 138 -12.96 27.43 -13.47
N ILE G 139 -12.67 28.51 -12.75
CA ILE G 139 -12.82 29.85 -13.31
C ILE G 139 -11.87 30.03 -14.48
N ASN G 140 -10.72 29.35 -14.45
CA ASN G 140 -9.77 29.47 -15.56
C ASN G 140 -10.28 28.83 -16.84
N GLN G 141 -11.05 27.76 -16.67
CA GLN G 141 -11.65 26.99 -17.75
C GLN G 141 -12.75 27.79 -18.43
N LEU G 142 -13.44 28.63 -17.65
CA LEU G 142 -14.50 29.45 -18.19
C LEU G 142 -13.91 30.50 -19.14
N PHE G 143 -12.85 31.17 -18.68
CA PHE G 143 -12.18 32.17 -19.52
C PHE G 143 -11.61 31.53 -20.80
N GLU G 144 -11.13 30.30 -20.71
CA GLU G 144 -10.60 29.66 -21.90
C GLU G 144 -11.76 29.35 -22.85
N ARG G 145 -12.91 29.04 -22.24
CA ARG G 145 -14.13 28.72 -22.98
C ARG G 145 -14.62 30.02 -23.65
N ILE G 146 -14.58 31.10 -22.90
CA ILE G 146 -15.01 32.37 -23.45
C ILE G 146 -14.09 32.83 -24.56
N GLU G 147 -12.77 32.65 -24.37
CA GLU G 147 -11.74 33.05 -25.37
C GLU G 147 -11.90 32.25 -26.68
N ALA G 148 -12.13 30.95 -26.53
CA ALA G 148 -12.36 30.04 -27.65
C ALA G 148 -13.48 30.54 -28.56
N GLN G 149 -14.59 30.96 -27.94
CA GLN G 149 -15.72 31.49 -28.69
C GLN G 149 -15.27 32.74 -29.45
N LEU G 150 -14.62 33.67 -28.74
CA LEU G 150 -14.14 34.88 -29.37
C LEU G 150 -13.29 34.49 -30.55
N ARG G 151 -12.50 33.45 -30.33
CA ARG G 151 -11.60 32.96 -31.39
C ARG G 151 -12.39 32.41 -32.57
N GLN G 152 -13.43 31.63 -32.30
CA GLN G 152 -14.22 31.09 -33.37
C GLN G 152 -14.85 32.23 -34.20
N VAL G 153 -15.35 33.25 -33.51
CA VAL G 153 -15.97 34.41 -34.19
C VAL G 153 -14.98 35.10 -35.12
N LEU G 154 -13.76 35.30 -34.62
CA LEU G 154 -12.69 35.95 -35.38
C LEU G 154 -12.30 35.15 -36.61
N ARG G 155 -12.35 33.83 -36.49
CA ARG G 155 -12.01 32.98 -37.62
C ARG G 155 -13.17 32.90 -38.62
N GLU G 156 -14.37 33.10 -38.10
CA GLU G 156 -15.61 33.06 -38.89
C GLU G 156 -15.63 34.18 -39.92
N LYS G 157 -14.89 35.26 -39.67
CA LYS G 157 -14.87 36.41 -40.57
C LYS G 157 -14.29 36.07 -41.95
N ARG G 158 -13.36 35.12 -42.00
CA ARG G 158 -12.75 34.73 -43.27
C ARG G 158 -13.81 34.39 -44.32
N MET G 159 -14.63 33.38 -44.03
CA MET G 159 -15.69 32.92 -44.95
C MET G 159 -16.80 33.90 -45.15
N ARG G 160 -17.33 34.37 -44.02
CA ARG G 160 -18.45 35.31 -44.03
C ARG G 160 -18.24 36.57 -44.86
N GLU G 161 -17.12 37.25 -44.68
CA GLU G 161 -16.89 38.47 -45.45
C GLU G 161 -15.69 38.39 -46.39
N GLY G 162 -15.03 37.23 -46.44
CA GLY G 162 -13.91 37.07 -47.34
C GLY G 162 -12.54 37.38 -46.80
N GLU G 163 -12.38 38.61 -46.29
CA GLU G 163 -11.11 39.03 -45.69
C GLU G 163 -11.05 38.67 -44.20
N GLY G 164 -9.85 38.39 -43.71
CA GLY G 164 -9.66 38.08 -42.31
C GLY G 164 -9.05 39.27 -41.58
N TYR G 165 -8.19 39.00 -40.61
CA TYR G 165 -7.54 40.08 -39.86
C TYR G 165 -6.02 40.13 -40.04
N ALA G 166 -5.47 41.32 -40.17
CA ALA G 166 -4.04 41.50 -40.34
C ALA G 166 -3.31 41.00 -39.08
N THR G 167 -4.07 40.76 -38.02
CA THR G 167 -3.48 40.30 -36.77
C THR G 167 -3.84 38.85 -36.47
N ASP G 168 -3.11 38.20 -35.56
CA ASP G 168 -3.43 36.83 -35.24
C ASP G 168 -4.73 36.70 -34.41
N GLU G 169 -5.63 35.80 -34.79
CA GLU G 169 -6.90 35.64 -34.09
C GLU G 169 -6.68 35.37 -32.62
N THR G 170 -5.68 34.55 -32.33
CA THR G 170 -5.38 34.19 -30.95
C THR G 170 -4.95 35.38 -30.14
N LEU G 171 -4.15 36.24 -30.79
CA LEU G 171 -3.63 37.46 -30.18
C LEU G 171 -4.79 38.46 -29.99
N LEU G 172 -5.68 38.54 -30.97
CA LEU G 172 -6.86 39.41 -30.91
C LEU G 172 -7.84 38.96 -29.83
N ALA G 173 -7.95 37.65 -29.62
CA ALA G 173 -8.88 37.17 -28.63
C ALA G 173 -8.39 37.56 -27.26
N SER G 174 -7.10 37.33 -27.01
CA SER G 174 -6.53 37.70 -25.71
C SER G 174 -6.53 39.22 -25.54
N GLN G 175 -6.45 39.96 -26.64
CA GLN G 175 -6.46 41.41 -26.56
C GLN G 175 -7.83 41.93 -26.07
N ILE G 176 -8.91 41.32 -26.56
CA ILE G 176 -10.25 41.72 -26.17
C ILE G 176 -10.55 41.27 -24.73
N LEU G 177 -10.16 40.04 -24.45
CA LEU G 177 -10.40 39.45 -23.15
C LEU G 177 -9.66 40.21 -22.09
N ALA G 178 -8.46 40.64 -22.44
CA ALA G 178 -7.63 41.38 -21.51
C ALA G 178 -8.33 42.67 -21.05
N PHE G 179 -8.97 43.38 -21.99
CA PHE G 179 -9.70 44.61 -21.68
C PHE G 179 -10.88 44.28 -20.75
N CYS G 180 -11.54 43.17 -21.01
CA CYS G 180 -12.66 42.80 -20.17
C CYS G 180 -12.22 42.44 -18.76
N GLU G 181 -11.12 41.70 -18.64
CA GLU G 181 -10.68 41.30 -17.30
C GLU G 181 -10.20 42.54 -16.55
N GLY G 182 -9.62 43.49 -17.27
CA GLY G 182 -9.13 44.70 -16.64
C GLY G 182 -10.29 45.54 -16.10
N MET G 183 -11.37 45.59 -16.86
CA MET G 183 -12.55 46.35 -16.47
C MET G 183 -13.20 45.75 -15.22
N LEU G 184 -13.23 44.43 -15.15
CA LEU G 184 -13.81 43.74 -13.99
C LEU G 184 -12.86 43.89 -12.81
N SER G 185 -11.57 43.83 -13.11
CA SER G 185 -10.56 43.97 -12.07
C SER G 185 -10.74 45.32 -11.34
N ARG G 186 -10.75 46.39 -12.13
CA ARG G 186 -10.90 47.73 -11.58
C ARG G 186 -12.23 47.94 -10.86
N PHE G 187 -13.26 47.29 -11.37
CA PHE G 187 -14.60 47.35 -10.79
C PHE G 187 -14.50 46.93 -9.30
N VAL G 188 -13.81 45.82 -9.05
CA VAL G 188 -13.61 45.28 -7.71
C VAL G 188 -12.79 46.22 -6.81
N ARG G 189 -11.60 46.63 -7.27
CA ARG G 189 -10.72 47.53 -6.50
C ARG G 189 -11.42 48.75 -5.96
N SER G 190 -12.24 49.37 -6.79
CA SER G 190 -12.95 50.58 -6.42
C SER G 190 -14.15 50.28 -5.56
N GLU G 191 -14.25 49.05 -5.09
CA GLU G 191 -15.39 48.65 -4.29
C GLU G 191 -16.70 48.88 -5.08
N PHE G 192 -16.66 48.44 -6.34
CA PHE G 192 -17.81 48.50 -7.23
C PHE G 192 -18.32 49.90 -7.58
N LYS G 193 -17.42 50.87 -7.56
CA LYS G 193 -17.80 52.23 -7.88
C LYS G 193 -17.57 52.53 -9.36
N TYR G 194 -16.57 51.86 -9.94
CA TYR G 194 -16.23 52.01 -11.33
C TYR G 194 -17.03 51.02 -12.18
N ARG G 195 -18.25 51.42 -12.57
CA ARG G 195 -19.16 50.60 -13.38
C ARG G 195 -18.48 50.21 -14.68
N PRO G 196 -18.46 48.89 -14.99
CA PRO G 196 -17.84 48.35 -16.21
C PRO G 196 -18.52 48.79 -17.52
N THR G 197 -19.83 49.01 -17.49
CA THR G 197 -20.55 49.38 -18.72
C THR G 197 -20.66 50.87 -18.95
N ASP G 198 -20.18 51.66 -18.00
CA ASP G 198 -20.25 53.10 -18.19
C ASP G 198 -19.30 53.51 -19.31
N ASP G 199 -19.80 54.37 -20.20
CA ASP G 199 -19.00 54.83 -21.31
C ASP G 199 -18.69 53.73 -22.31
N PHE G 200 -19.38 52.60 -22.22
CA PHE G 200 -19.10 51.50 -23.15
C PHE G 200 -19.29 51.93 -24.61
N ASP G 201 -20.39 52.63 -24.87
CA ASP G 201 -20.68 53.06 -26.22
C ASP G 201 -19.55 53.91 -26.80
N ALA G 202 -18.84 54.65 -25.95
CA ALA G 202 -17.73 55.48 -26.39
C ALA G 202 -16.41 54.69 -26.43
N ARG G 203 -16.35 53.59 -25.66
CA ARG G 203 -15.18 52.70 -25.61
C ARG G 203 -15.10 51.70 -26.78
N TRP G 204 -16.25 51.15 -27.19
CA TRP G 204 -16.28 50.18 -28.27
C TRP G 204 -15.49 50.56 -29.54
N PRO G 205 -15.60 51.82 -29.99
CA PRO G 205 -14.87 52.27 -31.17
C PRO G 205 -13.40 52.02 -30.97
N LEU G 206 -12.93 52.12 -29.73
CA LEU G 206 -11.52 51.86 -29.40
C LEU G 206 -11.17 50.39 -29.61
N ILE G 207 -12.12 49.48 -29.31
CA ILE G 207 -11.87 48.05 -29.48
C ILE G 207 -11.97 47.74 -30.98
N ALA G 208 -13.00 48.28 -31.60
CA ALA G 208 -13.22 48.05 -33.03
C ALA G 208 -11.93 48.38 -33.82
N ALA G 209 -11.19 49.36 -33.35
CA ALA G 209 -9.96 49.79 -34.00
C ALA G 209 -8.89 48.71 -33.96
N GLN G 210 -8.99 47.81 -32.98
CA GLN G 210 -8.01 46.75 -32.87
C GLN G 210 -8.31 45.62 -33.84
N LEU G 211 -9.49 45.64 -34.44
CA LEU G 211 -9.91 44.60 -35.37
C LEU G 211 -9.32 44.88 -36.75
N GLN G 212 -7.99 44.98 -36.78
CA GLN G 212 -7.24 45.25 -38.00
C GLN G 212 -7.28 44.09 -38.99
N ARG H 23 19.29 47.40 8.20
CA ARG H 23 18.16 46.96 7.33
C ARG H 23 18.47 45.63 6.71
N ASN H 24 19.71 45.18 6.82
CA ASN H 24 20.11 43.91 6.21
C ASN H 24 19.11 42.83 6.58
N ARG H 25 18.42 43.03 7.71
CA ARG H 25 17.41 42.07 8.18
C ARG H 25 15.98 42.49 7.87
N ARG H 26 15.72 43.80 7.79
CA ARG H 26 14.37 44.29 7.45
C ARG H 26 14.18 43.99 5.93
N GLU H 27 15.27 44.06 5.17
CA GLU H 27 15.22 43.76 3.77
C GLU H 27 15.22 42.23 3.58
N GLU H 28 15.77 41.51 4.54
CA GLU H 28 15.83 40.04 4.45
C GLU H 28 14.44 39.41 4.52
N ILE H 29 13.65 39.89 5.46
CA ILE H 29 12.28 39.46 5.68
C ILE H 29 11.45 39.78 4.44
N LEU H 30 11.50 41.05 4.03
CA LEU H 30 10.77 41.51 2.86
C LEU H 30 11.10 40.70 1.63
N GLN H 31 12.40 40.47 1.44
CA GLN H 31 12.85 39.71 0.30
C GLN H 31 12.28 38.28 0.34
N SER H 32 12.16 37.73 1.55
CA SER H 32 11.64 36.37 1.75
C SER H 32 10.11 36.30 1.49
N LEU H 33 9.41 37.35 1.93
CA LEU H 33 7.97 37.46 1.74
C LEU H 33 7.71 37.46 0.22
N ALA H 34 8.38 38.35 -0.51
CA ALA H 34 8.21 38.41 -1.96
C ALA H 34 8.43 37.03 -2.58
N LEU H 35 9.48 36.35 -2.14
CA LEU H 35 9.74 35.03 -2.69
C LEU H 35 8.54 34.09 -2.47
N MET H 36 8.03 34.10 -1.24
CA MET H 36 6.90 33.25 -0.87
C MET H 36 5.66 33.66 -1.63
N LEU H 37 5.50 34.97 -1.81
CA LEU H 37 4.37 35.52 -2.54
C LEU H 37 4.47 35.10 -4.01
N GLU H 38 5.72 34.91 -4.48
CA GLU H 38 6.04 34.50 -5.84
C GLU H 38 5.87 33.01 -6.04
N SER H 39 6.06 32.24 -4.98
CA SER H 39 5.93 30.77 -5.03
C SER H 39 4.47 30.30 -5.25
N SER H 40 4.32 29.01 -5.51
CA SER H 40 3.01 28.42 -5.74
C SER H 40 2.13 28.55 -4.49
N ASP H 41 2.79 28.64 -3.33
CA ASP H 41 2.10 28.79 -2.06
C ASP H 41 1.75 30.25 -1.74
N GLY H 42 2.03 31.12 -2.70
CA GLY H 42 1.73 32.52 -2.54
C GLY H 42 0.25 32.74 -2.80
N SER H 43 -0.36 31.68 -3.36
CA SER H 43 -1.77 31.60 -3.70
C SER H 43 -2.66 31.44 -2.43
N GLN H 44 -2.06 31.64 -1.25
CA GLN H 44 -2.76 31.54 0.04
C GLN H 44 -2.04 32.30 1.16
N ARG H 45 -2.80 32.73 2.16
CA ARG H 45 -2.31 33.45 3.32
C ARG H 45 -0.97 32.96 3.84
N ILE H 46 -0.01 33.89 3.92
CA ILE H 46 1.34 33.59 4.40
C ILE H 46 1.43 34.00 5.87
N THR H 47 1.38 33.02 6.75
CA THR H 47 1.41 33.30 8.18
C THR H 47 2.74 33.84 8.71
N THR H 48 2.67 34.62 9.78
CA THR H 48 3.92 35.16 10.30
C THR H 48 4.83 34.03 10.71
N ALA H 49 4.25 33.00 11.31
CA ALA H 49 5.06 31.88 11.77
C ALA H 49 5.78 31.26 10.59
N LYS H 50 5.04 31.04 9.52
CA LYS H 50 5.61 30.42 8.34
C LYS H 50 6.60 31.34 7.65
N LEU H 51 6.50 32.63 7.96
CA LEU H 51 7.39 33.65 7.38
C LEU H 51 8.69 33.69 8.14
N ALA H 52 8.60 33.68 9.47
CA ALA H 52 9.79 33.67 10.32
C ALA H 52 10.69 32.48 9.94
N ALA H 53 10.07 31.39 9.52
CA ALA H 53 10.80 30.21 9.12
C ALA H 53 11.60 30.49 7.84
N SER H 54 11.08 31.39 7.02
CA SER H 54 11.71 31.76 5.76
C SER H 54 12.95 32.60 6.01
N VAL H 55 12.92 33.40 7.08
CA VAL H 55 14.04 34.26 7.42
C VAL H 55 14.90 33.58 8.46
N GLY H 56 14.45 32.42 8.90
CA GLY H 56 15.21 31.69 9.90
C GLY H 56 15.31 32.47 11.19
N VAL H 57 14.17 32.87 11.75
CA VAL H 57 14.15 33.61 13.00
C VAL H 57 12.90 33.25 13.78
N SER H 58 12.67 33.94 14.87
CA SER H 58 11.51 33.67 15.70
C SER H 58 10.41 34.62 15.32
N GLU H 59 9.17 34.21 15.57
CA GLU H 59 8.03 35.06 15.23
C GLU H 59 8.12 36.37 16.03
N ALA H 60 8.60 36.29 17.27
CA ALA H 60 8.71 37.49 18.10
C ALA H 60 9.86 38.36 17.59
N ALA H 61 10.76 37.75 16.83
CA ALA H 61 11.91 38.49 16.29
C ALA H 61 11.42 39.38 15.15
N LEU H 62 10.56 38.80 14.30
CA LEU H 62 9.99 39.51 13.14
C LEU H 62 9.38 40.84 13.57
N TYR H 63 8.89 40.88 14.81
CA TYR H 63 8.28 42.08 15.37
C TYR H 63 9.28 43.09 15.95
N ARG H 64 10.57 42.89 15.71
CA ARG H 64 11.55 43.84 16.21
C ARG H 64 12.08 44.62 15.02
N HIS H 65 11.44 44.42 13.86
CA HIS H 65 11.80 45.12 12.63
C HIS H 65 10.52 45.68 12.00
N PHE H 66 9.38 45.08 12.33
CA PHE H 66 8.11 45.53 11.79
C PHE H 66 7.07 45.53 12.90
N PRO H 67 6.28 46.61 13.00
CA PRO H 67 5.23 46.75 14.01
C PRO H 67 4.17 45.66 13.85
N SER H 68 3.94 45.24 12.61
CA SER H 68 2.95 44.21 12.29
C SER H 68 3.18 43.62 10.91
N LYS H 69 2.23 42.80 10.47
CA LYS H 69 2.38 42.22 9.14
C LYS H 69 1.91 43.26 8.12
N THR H 70 0.86 44.01 8.45
CA THR H 70 0.37 45.04 7.55
C THR H 70 1.49 46.05 7.21
N ARG H 71 2.44 46.24 8.13
CA ARG H 71 3.56 47.15 7.90
C ARG H 71 4.55 46.53 6.91
N MET H 72 4.55 45.20 6.82
CA MET H 72 5.44 44.50 5.91
C MET H 72 5.03 44.68 4.45
N PHE H 73 3.72 44.61 4.18
CA PHE H 73 3.17 44.79 2.82
C PHE H 73 3.27 46.23 2.39
N ASP H 74 3.26 47.13 3.37
CA ASP H 74 3.37 48.55 3.09
C ASP H 74 4.73 48.80 2.46
N SER H 75 5.75 48.19 3.03
CA SER H 75 7.09 48.37 2.52
C SER H 75 7.22 47.81 1.11
N LEU H 76 6.51 46.71 0.84
CA LEU H 76 6.49 46.07 -0.48
C LEU H 76 5.76 47.00 -1.46
N ILE H 77 4.60 47.49 -1.03
CA ILE H 77 3.84 48.37 -1.87
C ILE H 77 4.65 49.65 -2.11
N GLU H 78 5.26 50.21 -1.06
CA GLU H 78 6.08 51.44 -1.20
C GLU H 78 7.19 51.22 -2.20
N PHE H 79 7.78 50.03 -2.19
CA PHE H 79 8.82 49.64 -3.15
C PHE H 79 8.26 49.60 -4.58
N ILE H 80 7.11 48.94 -4.74
CA ILE H 80 6.46 48.82 -6.03
C ILE H 80 6.13 50.18 -6.58
N GLU H 81 5.67 51.06 -5.69
CA GLU H 81 5.30 52.43 -6.07
C GLU H 81 6.52 53.27 -6.45
N ASP H 82 7.62 53.02 -5.74
CA ASP H 82 8.88 53.70 -5.99
C ASP H 82 9.42 53.34 -7.34
N SER H 83 9.56 52.05 -7.62
CA SER H 83 10.09 51.63 -8.91
C SER H 83 9.26 52.13 -10.09
N LEU H 84 7.96 51.81 -10.10
CA LEU H 84 7.12 52.24 -11.21
C LEU H 84 7.20 53.73 -11.49
N ILE H 85 6.87 54.56 -10.49
CA ILE H 85 6.91 56.03 -10.63
C ILE H 85 8.26 56.59 -11.11
N THR H 86 9.35 56.07 -10.55
CA THR H 86 10.72 56.48 -10.91
C THR H 86 10.97 56.19 -12.38
N ARG H 87 10.84 54.92 -12.75
CA ARG H 87 11.04 54.49 -14.12
C ARG H 87 10.16 55.30 -15.07
N ILE H 88 8.93 55.65 -14.65
CA ILE H 88 8.02 56.42 -15.51
C ILE H 88 8.61 57.82 -15.72
N ASN H 89 9.02 58.45 -14.63
CA ASN H 89 9.60 59.80 -14.72
C ASN H 89 10.76 59.80 -15.69
N LEU H 90 11.60 58.77 -15.58
CA LEU H 90 12.73 58.65 -16.49
C LEU H 90 12.27 58.53 -17.97
N ILE H 91 11.20 57.76 -18.22
CA ILE H 91 10.64 57.57 -19.54
C ILE H 91 10.32 58.92 -20.18
N LEU H 92 9.60 59.74 -19.42
CA LEU H 92 9.15 61.06 -19.89
C LEU H 92 10.34 61.96 -20.21
N LYS H 93 11.42 61.83 -19.45
CA LYS H 93 12.62 62.62 -19.70
C LYS H 93 13.41 62.17 -20.94
N ASP H 94 13.51 60.86 -21.15
CA ASP H 94 14.27 60.28 -22.26
C ASP H 94 13.54 60.19 -23.58
N GLU H 95 12.20 60.20 -23.50
CA GLU H 95 11.36 60.12 -24.69
C GLU H 95 10.47 61.36 -24.88
N LYS H 96 10.44 61.90 -26.09
CA LYS H 96 9.63 63.07 -26.39
C LYS H 96 8.33 62.76 -27.13
N ASP H 97 8.33 61.69 -27.92
CA ASP H 97 7.15 61.26 -28.67
C ASP H 97 6.06 60.69 -27.77
N THR H 98 4.88 61.29 -27.84
CA THR H 98 3.72 60.88 -27.07
C THR H 98 3.44 59.36 -27.15
N THR H 99 3.35 58.86 -28.37
CA THR H 99 3.07 57.44 -28.53
C THR H 99 4.19 56.61 -27.97
N ALA H 100 5.41 57.01 -28.26
CA ALA H 100 6.59 56.27 -27.77
C ALA H 100 6.64 56.22 -26.25
N ARG H 101 6.10 57.28 -25.65
CA ARG H 101 6.07 57.40 -24.20
C ARG H 101 5.11 56.38 -23.63
N LEU H 102 3.96 56.27 -24.29
CA LEU H 102 2.91 55.33 -23.89
C LEU H 102 3.40 53.90 -24.11
N ARG H 103 4.05 53.67 -25.24
CA ARG H 103 4.57 52.33 -25.54
C ARG H 103 5.46 51.83 -24.42
N LEU H 104 6.41 52.65 -23.97
CA LEU H 104 7.30 52.26 -22.88
C LEU H 104 6.62 52.20 -21.51
N ILE H 105 5.70 53.12 -21.23
CA ILE H 105 5.05 53.08 -19.93
C ILE H 105 4.29 51.75 -19.77
N VAL H 106 3.61 51.31 -20.85
CA VAL H 106 2.86 50.07 -20.82
C VAL H 106 3.83 48.90 -20.65
N LEU H 107 4.91 48.90 -21.42
CA LEU H 107 5.89 47.84 -21.37
C LEU H 107 6.56 47.75 -19.98
N LEU H 108 6.73 48.90 -19.32
CA LEU H 108 7.30 48.97 -17.98
C LEU H 108 6.35 48.27 -16.99
N LEU H 109 5.06 48.56 -17.06
CA LEU H 109 4.10 47.93 -16.17
C LEU H 109 4.06 46.43 -16.43
N LEU H 110 4.02 46.03 -17.69
CA LEU H 110 3.99 44.60 -17.97
C LEU H 110 5.28 43.96 -17.52
N GLY H 111 6.40 44.57 -17.91
CA GLY H 111 7.70 44.05 -17.54
C GLY H 111 7.91 43.87 -16.04
N PHE H 112 7.58 44.90 -15.25
CA PHE H 112 7.74 44.85 -13.81
C PHE H 112 6.92 43.70 -13.22
N GLY H 113 5.71 43.51 -13.73
CA GLY H 113 4.87 42.42 -13.24
C GLY H 113 5.46 41.06 -13.56
N GLU H 114 6.04 40.93 -14.77
CA GLU H 114 6.64 39.66 -15.19
C GLU H 114 7.89 39.35 -14.41
N ARG H 115 8.64 40.38 -14.07
CA ARG H 115 9.86 40.17 -13.33
C ARG H 115 9.62 40.03 -11.85
N ASN H 116 8.43 40.36 -11.38
CA ASN H 116 8.13 40.29 -9.94
C ASN H 116 6.75 39.68 -9.72
N PRO H 117 6.59 38.39 -10.03
CA PRO H 117 5.32 37.70 -9.86
C PRO H 117 4.69 37.88 -8.47
N GLY H 118 5.50 37.84 -7.42
CA GLY H 118 5.00 37.98 -6.06
C GLY H 118 4.38 39.33 -5.80
N LEU H 119 5.09 40.38 -6.22
CA LEU H 119 4.61 41.75 -6.06
C LEU H 119 3.35 41.99 -6.90
N THR H 120 3.26 41.31 -8.03
CA THR H 120 2.12 41.43 -8.94
C THR H 120 0.86 40.97 -8.24
N ARG H 121 0.96 39.91 -7.43
CA ARG H 121 -0.19 39.37 -6.65
C ARG H 121 -0.75 40.42 -5.74
N ILE H 122 0.08 41.42 -5.43
CA ILE H 122 -0.27 42.56 -4.58
C ILE H 122 -0.91 43.59 -5.51
N LEU H 123 -0.30 43.80 -6.66
CA LEU H 123 -0.83 44.75 -7.61
C LEU H 123 -2.25 44.38 -7.99
N THR H 124 -2.42 43.12 -8.42
CA THR H 124 -3.72 42.60 -8.81
C THR H 124 -4.68 42.55 -7.61
N GLY H 125 -4.15 42.65 -6.40
CA GLY H 125 -4.96 42.68 -5.19
C GLY H 125 -5.30 41.36 -4.54
N HIS H 126 -4.90 40.25 -5.16
CA HIS H 126 -5.24 38.94 -4.59
C HIS H 126 -4.61 38.73 -3.22
N ALA H 127 -3.29 38.89 -3.18
CA ALA H 127 -2.48 38.75 -1.96
C ALA H 127 -2.97 39.62 -0.78
N LEU H 128 -3.52 40.78 -1.07
CA LEU H 128 -4.00 41.69 -0.05
C LEU H 128 -5.35 41.20 0.48
N MET H 129 -5.87 40.13 -0.10
CA MET H 129 -7.16 39.64 0.38
C MET H 129 -7.08 39.18 1.80
N PHE H 130 -5.88 38.80 2.25
CA PHE H 130 -5.72 38.31 3.62
C PHE H 130 -5.37 39.42 4.57
N GLU H 131 -4.86 40.51 4.01
CA GLU H 131 -4.43 41.67 4.80
C GLU H 131 -5.51 42.73 4.99
N GLN H 132 -5.22 43.73 5.83
CA GLN H 132 -6.17 44.80 6.09
C GLN H 132 -6.51 45.60 4.81
N ASP H 133 -7.81 45.93 4.64
CA ASP H 133 -8.31 46.67 3.47
C ASP H 133 -7.59 48.00 3.19
N ARG H 134 -7.15 48.69 4.24
CA ARG H 134 -6.43 49.95 4.05
C ARG H 134 -5.29 49.79 3.05
N LEU H 135 -4.78 48.57 2.90
CA LEU H 135 -3.68 48.31 1.96
C LEU H 135 -4.13 48.41 0.48
N GLN H 136 -5.32 47.90 0.20
CA GLN H 136 -5.88 47.93 -1.17
C GLN H 136 -6.03 49.36 -1.64
N GLY H 137 -6.44 50.25 -0.72
CA GLY H 137 -6.57 51.66 -1.05
C GLY H 137 -5.21 52.21 -1.48
N ARG H 138 -4.13 51.76 -0.85
CA ARG H 138 -2.80 52.24 -1.24
C ARG H 138 -2.53 51.84 -2.68
N ILE H 139 -2.87 50.59 -3.01
CA ILE H 139 -2.67 50.10 -4.38
C ILE H 139 -3.56 50.93 -5.31
N ASN H 140 -4.81 51.15 -4.89
CA ASN H 140 -5.72 51.95 -5.70
C ASN H 140 -5.13 53.31 -5.98
N GLN H 141 -4.50 53.90 -4.96
CA GLN H 141 -3.89 55.21 -5.11
C GLN H 141 -2.74 55.10 -6.12
N LEU H 142 -1.96 54.02 -6.02
CA LEU H 142 -0.85 53.77 -6.93
C LEU H 142 -1.35 53.79 -8.38
N PHE H 143 -2.46 53.10 -8.64
CA PHE H 143 -3.07 53.04 -9.97
C PHE H 143 -3.60 54.43 -10.39
N GLU H 144 -4.25 55.12 -9.46
CA GLU H 144 -4.75 56.44 -9.81
C GLU H 144 -3.58 57.26 -10.35
N ARG H 145 -2.42 57.10 -9.72
CA ARG H 145 -1.18 57.81 -10.08
C ARG H 145 -0.70 57.41 -11.47
N ILE H 146 -0.62 56.11 -11.74
CA ILE H 146 -0.22 55.66 -13.07
C ILE H 146 -1.19 56.24 -14.16
N GLU H 147 -2.48 56.34 -13.84
CA GLU H 147 -3.46 56.89 -14.79
C GLU H 147 -3.31 58.39 -15.01
N ALA H 148 -3.03 59.12 -13.93
CA ALA H 148 -2.87 60.57 -14.01
C ALA H 148 -1.68 60.85 -14.89
N GLN H 149 -0.62 60.06 -14.73
CA GLN H 149 0.54 60.25 -15.57
C GLN H 149 0.14 59.94 -17.01
N LEU H 150 -0.43 58.77 -17.23
CA LEU H 150 -0.86 58.38 -18.57
C LEU H 150 -1.68 59.48 -19.21
N ARG H 151 -2.62 60.00 -18.45
CA ARG H 151 -3.50 61.03 -18.94
C ARG H 151 -2.70 62.28 -19.27
N GLN H 152 -1.68 62.58 -18.49
CA GLN H 152 -0.84 63.76 -18.74
C GLN H 152 -0.14 63.63 -20.14
N VAL H 153 0.48 62.49 -20.39
CA VAL H 153 1.14 62.21 -21.67
C VAL H 153 0.17 62.48 -22.84
N LEU H 154 -1.07 62.02 -22.68
CA LEU H 154 -2.12 62.19 -23.69
C LEU H 154 -2.52 63.64 -23.81
N ARG H 155 -2.69 64.30 -22.68
CA ARG H 155 -3.09 65.71 -22.69
C ARG H 155 -2.10 66.62 -23.41
N GLU H 156 -0.80 66.37 -23.21
CA GLU H 156 0.28 67.18 -23.80
C GLU H 156 0.44 66.95 -25.29
N LYS H 157 -0.16 65.89 -25.79
CA LYS H 157 -0.08 65.55 -27.20
C LYS H 157 -0.47 66.73 -28.07
N ARG H 158 -1.43 67.50 -27.61
CA ARG H 158 -1.86 68.66 -28.38
C ARG H 158 -0.74 69.69 -28.49
N MET H 159 -0.22 70.14 -27.35
CA MET H 159 0.83 71.13 -27.32
C MET H 159 2.01 70.72 -28.18
N ARG H 160 2.38 69.45 -28.12
CA ARG H 160 3.53 68.98 -28.88
C ARG H 160 3.29 68.66 -30.35
N GLU H 161 2.34 67.75 -30.61
CA GLU H 161 1.99 67.31 -31.95
C GLU H 161 1.20 68.36 -32.67
N GLY H 162 0.27 69.01 -31.94
CA GLY H 162 -0.55 70.03 -32.56
C GLY H 162 -2.03 69.82 -32.32
N GLU H 163 -2.52 68.63 -32.71
CA GLU H 163 -3.94 68.26 -32.54
C GLU H 163 -4.07 67.28 -31.37
N GLY H 164 -5.21 67.34 -30.69
CA GLY H 164 -5.46 66.50 -29.54
C GLY H 164 -5.87 65.08 -29.89
N TYR H 165 -6.90 64.57 -29.24
CA TYR H 165 -7.38 63.22 -29.51
C TYR H 165 -8.87 63.23 -29.83
N ALA H 166 -9.30 62.30 -30.66
CA ALA H 166 -10.72 62.21 -31.02
C ALA H 166 -11.50 61.89 -29.75
N THR H 167 -11.20 60.73 -29.16
CA THR H 167 -11.86 60.27 -27.94
C THR H 167 -11.39 61.00 -26.68
N ASP H 168 -12.25 61.04 -25.67
CA ASP H 168 -11.89 61.70 -24.43
C ASP H 168 -10.57 61.14 -23.87
N GLU H 169 -9.71 62.02 -23.36
CA GLU H 169 -8.41 61.59 -22.81
C GLU H 169 -8.51 60.73 -21.55
N THR H 170 -9.46 61.04 -20.68
CA THR H 170 -9.64 60.26 -19.47
C THR H 170 -10.04 58.83 -19.85
N LEU H 171 -10.91 58.75 -20.85
CA LEU H 171 -11.38 57.46 -21.32
C LEU H 171 -10.23 56.66 -21.93
N LEU H 172 -9.38 57.33 -22.71
CA LEU H 172 -8.24 56.65 -23.34
C LEU H 172 -7.22 56.13 -22.32
N ALA H 173 -7.04 56.89 -21.25
CA ALA H 173 -6.08 56.49 -20.22
C ALA H 173 -6.60 55.23 -19.51
N SER H 174 -7.85 55.27 -19.09
CA SER H 174 -8.46 54.13 -18.42
C SER H 174 -8.47 52.91 -19.34
N GLN H 175 -8.64 53.14 -20.64
CA GLN H 175 -8.67 52.07 -21.63
C GLN H 175 -7.31 51.37 -21.63
N ILE H 176 -6.23 52.15 -21.68
CA ILE H 176 -4.90 51.56 -21.67
C ILE H 176 -4.64 50.82 -20.36
N LEU H 177 -5.01 51.43 -19.22
CA LEU H 177 -4.84 50.80 -17.91
C LEU H 177 -5.63 49.49 -17.77
N ALA H 178 -6.84 49.45 -18.34
CA ALA H 178 -7.68 48.24 -18.33
C ALA H 178 -6.91 47.07 -18.98
N PHE H 179 -6.27 47.38 -20.11
CA PHE H 179 -5.50 46.37 -20.80
C PHE H 179 -4.45 45.82 -19.84
N CYS H 180 -3.65 46.70 -19.25
CA CYS H 180 -2.56 46.29 -18.34
C CYS H 180 -3.03 45.43 -17.19
N GLU H 181 -4.01 45.92 -16.42
CA GLU H 181 -4.54 45.20 -15.28
C GLU H 181 -5.00 43.84 -15.70
N GLY H 182 -5.62 43.79 -16.87
CA GLY H 182 -6.13 42.52 -17.41
C GLY H 182 -5.03 41.56 -17.78
N MET H 183 -3.96 42.08 -18.39
CA MET H 183 -2.83 41.23 -18.76
C MET H 183 -2.14 40.73 -17.50
N LEU H 184 -2.23 41.50 -16.42
CA LEU H 184 -1.62 41.11 -15.16
C LEU H 184 -2.52 40.09 -14.49
N SER H 185 -3.85 40.27 -14.60
CA SER H 185 -4.81 39.34 -14.02
C SER H 185 -4.58 37.91 -14.56
N ARG H 186 -4.52 37.76 -15.89
CA ARG H 186 -4.27 36.44 -16.47
C ARG H 186 -2.95 35.87 -15.95
N PHE H 187 -1.92 36.73 -15.90
CA PHE H 187 -0.60 36.33 -15.42
C PHE H 187 -0.79 35.60 -14.09
N VAL H 188 -1.57 36.20 -13.19
CA VAL H 188 -1.92 35.60 -11.88
C VAL H 188 -2.82 34.34 -11.97
N ARG H 189 -3.84 34.37 -12.84
CA ARG H 189 -4.74 33.21 -13.01
C ARG H 189 -3.99 31.97 -13.49
N SER H 190 -3.14 32.14 -14.50
CA SER H 190 -2.39 31.01 -15.04
C SER H 190 -1.20 30.64 -14.19
N GLU H 191 -1.20 31.05 -12.93
CA GLU H 191 -0.10 30.78 -12.02
C GLU H 191 1.24 31.17 -12.63
N PHE H 192 1.29 32.37 -13.21
CA PHE H 192 2.51 32.91 -13.82
C PHE H 192 2.97 32.23 -15.11
N LYS H 193 2.05 31.56 -15.79
CA LYS H 193 2.34 30.88 -17.05
C LYS H 193 2.14 31.79 -18.25
N TYR H 194 1.20 32.72 -18.13
CA TYR H 194 0.91 33.66 -19.22
C TYR H 194 1.70 34.96 -19.01
N ARG H 195 2.89 35.02 -19.61
CA ARG H 195 3.77 36.15 -19.46
C ARG H 195 3.32 37.33 -20.26
N PRO H 196 3.31 38.52 -19.66
CA PRO H 196 2.89 39.79 -20.29
C PRO H 196 3.61 40.25 -21.54
N THR H 197 4.91 40.39 -21.37
CA THR H 197 5.76 40.87 -22.44
C THR H 197 5.79 39.97 -23.68
N ASP H 198 5.14 38.81 -23.57
CA ASP H 198 5.06 37.89 -24.70
C ASP H 198 4.14 38.49 -25.78
N ASP H 199 4.71 38.60 -26.98
CA ASP H 199 4.02 39.12 -28.14
C ASP H 199 3.64 40.60 -27.98
N PHE H 200 4.38 41.32 -27.14
CA PHE H 200 4.13 42.75 -26.90
C PHE H 200 4.29 43.59 -28.20
N ASP H 201 5.41 43.40 -28.89
CA ASP H 201 5.67 44.16 -30.12
C ASP H 201 4.56 43.95 -31.15
N ALA H 202 3.92 42.79 -31.12
CA ALA H 202 2.80 42.46 -32.02
C ALA H 202 1.50 43.06 -31.46
N ARG H 203 1.42 43.14 -30.13
CA ARG H 203 0.26 43.71 -29.47
C ARG H 203 0.17 45.24 -29.57
N TRP H 204 1.28 45.93 -29.31
CA TRP H 204 1.31 47.40 -29.34
C TRP H 204 0.56 48.04 -30.51
N PRO H 205 0.75 47.56 -31.73
CA PRO H 205 0.03 48.16 -32.86
C PRO H 205 -1.47 48.15 -32.61
N LEU H 206 -1.94 47.26 -31.74
CA LEU H 206 -3.37 47.19 -31.45
C LEU H 206 -3.74 48.31 -30.51
N ILE H 207 -2.95 48.47 -29.46
CA ILE H 207 -3.21 49.54 -28.52
C ILE H 207 -3.05 50.90 -29.22
N ALA H 208 -2.02 51.03 -30.04
CA ALA H 208 -1.77 52.29 -30.73
C ALA H 208 -2.99 52.71 -31.56
N ALA H 209 -3.55 51.74 -32.28
CA ALA H 209 -4.69 52.01 -33.12
C ALA H 209 -5.81 52.61 -32.28
N GLN H 210 -5.72 52.49 -30.96
CA GLN H 210 -6.76 53.06 -30.09
C GLN H 210 -6.57 54.58 -29.89
N LEU H 211 -5.31 55.02 -30.00
CA LEU H 211 -4.98 56.43 -29.84
C LEU H 211 -5.53 57.26 -31.00
N GLN H 212 -6.86 57.34 -31.07
CA GLN H 212 -7.57 58.08 -32.11
C GLN H 212 -7.80 59.53 -31.69
O1 MES M . 21.11 -25.02 16.81
C2 MES M . 21.76 -26.20 16.39
C3 MES M . 23.28 -25.90 16.15
N4 MES M . 23.39 -24.75 15.25
C5 MES M . 22.67 -23.57 15.67
C6 MES M . 21.20 -23.91 15.90
C7 MES M . 24.75 -24.39 14.96
C8 MES M . 24.88 -23.91 13.53
S MES M . 26.01 -24.76 12.45
O1S MES M . 26.59 -23.82 11.52
O2S MES M . 27.07 -25.39 13.15
O3S MES M . 25.28 -25.77 11.77
O1 MES N . -8.64 -1.83 -22.81
C2 MES N . -8.13 -2.95 -22.12
C3 MES N . -8.24 -4.23 -23.05
N4 MES N . -9.65 -4.42 -23.44
C5 MES N . -10.31 -3.25 -24.00
C6 MES N . -10.03 -1.96 -23.17
C7 MES N . -9.85 -5.56 -24.32
C8 MES N . -10.35 -6.79 -23.59
S MES N . -11.57 -6.52 -22.31
O1S MES N . -12.62 -5.64 -22.82
O2S MES N . -12.20 -7.72 -21.84
O3S MES N . -10.90 -5.95 -21.19
O1 MES O . 2.32 10.53 32.49
C2 MES O . 3.17 9.41 32.66
C3 MES O . 4.70 9.82 32.56
N4 MES O . 4.90 10.63 31.35
C5 MES O . 4.03 11.78 31.25
C6 MES O . 2.57 11.32 31.32
C7 MES O . 6.30 11.06 31.16
C8 MES O . 7.00 10.33 30.02
S MES O . 6.71 10.88 28.31
O1S MES O . 5.29 11.08 28.11
O2S MES O . 7.36 12.10 27.98
O3S MES O . 7.19 9.88 27.40
O1 MES P . -29.59 -8.25 18.04
C2 MES P . -30.33 -9.41 18.37
C3 MES P . -31.86 -9.06 18.52
N4 MES P . -32.01 -7.93 19.44
C5 MES P . -31.22 -6.75 19.13
C6 MES P . -29.74 -7.14 18.96
C7 MES P . -33.39 -7.53 19.64
C8 MES P . -33.91 -7.96 20.99
S MES P . -35.18 -6.97 21.78
O1S MES P . -34.66 -6.45 23.03
O2S MES P . -35.62 -5.86 21.03
O3S MES P . -36.31 -7.84 21.98
#